data_2CQ1
#
_entry.id   2CQ1
#
_entity_poly.entity_id   1
_entity_poly.type   'polypeptide(L)'
_entity_poly.pdbx_seq_one_letter_code
;GSSGSSGDKMDGAPSRVLHIRKLPGEVTETEVIALGLPFGKVTNILMLKGKNQAFLELATEEAAITMVNYYSAVTPHLRN
QPIYIQYSNHKELKTSGPSSG
;
_entity_poly.pdbx_strand_id   A
#
# COMPACT_ATOMS: atom_id res chain seq x y z
N GLY A 1 8.50 12.04 22.23
CA GLY A 1 9.67 11.20 22.03
C GLY A 1 10.13 11.17 20.59
N SER A 2 10.93 12.17 20.20
CA SER A 2 11.44 12.25 18.83
C SER A 2 12.32 11.05 18.51
N SER A 3 11.93 10.30 17.48
CA SER A 3 12.69 9.12 17.07
C SER A 3 13.10 9.23 15.60
N GLY A 4 14.41 9.29 15.36
CA GLY A 4 14.91 9.38 14.00
C GLY A 4 14.57 8.16 13.17
N SER A 5 15.24 8.02 12.03
CA SER A 5 15.01 6.90 11.14
C SER A 5 16.05 6.87 10.02
N SER A 6 16.67 5.71 9.83
CA SER A 6 17.69 5.54 8.80
C SER A 6 17.22 4.57 7.72
N GLY A 7 17.00 5.06 6.52
CA GLY A 7 16.56 4.23 5.42
C GLY A 7 17.18 4.62 4.09
N ASP A 8 17.39 3.64 3.24
CA ASP A 8 17.99 3.88 1.92
C ASP A 8 17.45 5.16 1.32
N LYS A 9 16.12 5.25 1.22
CA LYS A 9 15.47 6.44 0.65
C LYS A 9 15.89 6.64 -0.80
N MET A 10 15.95 5.54 -1.55
CA MET A 10 16.34 5.62 -2.96
C MET A 10 15.11 5.70 -3.85
N ASP A 11 14.71 6.92 -4.17
CA ASP A 11 13.53 7.14 -5.02
C ASP A 11 13.96 7.34 -6.47
N GLY A 12 13.73 6.32 -7.30
CA GLY A 12 14.09 6.40 -8.70
C GLY A 12 12.95 6.02 -9.62
N ALA A 13 12.48 4.78 -9.48
CA ALA A 13 11.38 4.29 -10.31
C ALA A 13 10.19 3.88 -9.45
N PRO A 14 9.47 4.89 -8.92
CA PRO A 14 8.30 4.66 -8.07
C PRO A 14 7.37 3.61 -8.66
N SER A 15 6.57 2.99 -7.78
CA SER A 15 5.63 1.95 -8.22
C SER A 15 4.20 2.35 -7.87
N ARG A 16 3.31 2.22 -8.85
CA ARG A 16 1.91 2.58 -8.65
C ARG A 16 1.27 1.69 -7.58
N VAL A 17 1.71 0.43 -7.52
CA VAL A 17 1.18 -0.51 -6.54
C VAL A 17 1.89 -0.36 -5.20
N LEU A 18 1.11 -0.38 -4.12
CA LEU A 18 1.66 -0.24 -2.77
C LEU A 18 1.38 -1.49 -1.95
N HIS A 19 2.39 -1.94 -1.21
CA HIS A 19 2.26 -3.12 -0.37
C HIS A 19 1.85 -2.74 1.05
N ILE A 20 1.02 -3.58 1.67
CA ILE A 20 0.57 -3.32 3.03
C ILE A 20 0.64 -4.59 3.88
N ARG A 21 1.19 -4.47 5.08
CA ARG A 21 1.32 -5.60 5.99
C ARG A 21 0.72 -5.27 7.35
N LYS A 22 0.64 -6.28 8.21
CA LYS A 22 0.08 -6.10 9.55
C LYS A 22 -1.32 -5.51 9.48
N LEU A 23 -2.16 -6.10 8.65
CA LEU A 23 -3.53 -5.63 8.49
C LEU A 23 -4.43 -6.19 9.60
N PRO A 24 -5.39 -5.37 10.07
CA PRO A 24 -6.32 -5.77 11.12
C PRO A 24 -6.93 -7.14 10.88
N GLY A 25 -6.93 -7.98 11.91
CA GLY A 25 -7.48 -9.31 11.79
C GLY A 25 -8.89 -9.30 11.25
N GLU A 26 -9.08 -9.87 10.06
CA GLU A 26 -10.40 -9.93 9.43
C GLU A 26 -10.85 -8.53 9.00
N VAL A 27 -9.93 -7.77 8.42
CA VAL A 27 -10.22 -6.42 7.96
C VAL A 27 -11.06 -6.45 6.69
N THR A 28 -11.99 -5.51 6.57
CA THR A 28 -12.85 -5.42 5.40
C THR A 28 -12.30 -4.42 4.38
N GLU A 29 -12.32 -4.82 3.12
CA GLU A 29 -11.82 -3.97 2.04
C GLU A 29 -12.17 -2.51 2.31
N THR A 30 -13.44 -2.25 2.57
CA THR A 30 -13.91 -0.89 2.84
C THR A 30 -12.85 -0.09 3.61
N GLU A 31 -12.41 -0.66 4.73
CA GLU A 31 -11.41 0.00 5.57
C GLU A 31 -10.20 0.42 4.73
N VAL A 32 -9.57 -0.54 4.07
CA VAL A 32 -8.41 -0.27 3.24
C VAL A 32 -8.75 0.68 2.10
N ILE A 33 -10.03 0.71 1.73
CA ILE A 33 -10.49 1.57 0.65
C ILE A 33 -10.66 3.01 1.14
N ALA A 34 -11.10 3.17 2.38
CA ALA A 34 -11.29 4.49 2.97
C ALA A 34 -9.95 5.17 3.22
N LEU A 35 -8.90 4.38 3.34
CA LEU A 35 -7.57 4.91 3.59
C LEU A 35 -6.86 5.25 2.28
N GLY A 36 -7.47 4.84 1.17
CA GLY A 36 -6.89 5.11 -0.14
C GLY A 36 -7.68 6.15 -0.92
N LEU A 37 -8.95 6.31 -0.58
CA LEU A 37 -9.81 7.26 -1.25
C LEU A 37 -9.25 8.68 -1.12
N PRO A 38 -8.76 9.02 0.08
CA PRO A 38 -8.18 10.34 0.34
C PRO A 38 -7.17 10.77 -0.72
N PHE A 39 -6.19 9.93 -0.96
CA PHE A 39 -5.17 10.22 -1.97
C PHE A 39 -5.73 10.08 -3.38
N GLY A 40 -6.36 8.94 -3.64
CA GLY A 40 -6.94 8.71 -4.96
C GLY A 40 -7.96 7.58 -4.94
N LYS A 41 -8.39 7.17 -6.13
CA LYS A 41 -9.37 6.09 -6.25
C LYS A 41 -8.68 4.74 -6.38
N VAL A 42 -9.24 3.73 -5.74
CA VAL A 42 -8.67 2.38 -5.78
C VAL A 42 -9.22 1.60 -6.98
N THR A 43 -8.37 1.37 -7.97
CA THR A 43 -8.76 0.64 -9.17
C THR A 43 -8.55 -0.86 -8.98
N ASN A 44 -7.59 -1.23 -8.14
CA ASN A 44 -7.29 -2.63 -7.88
C ASN A 44 -6.84 -2.83 -6.43
N ILE A 45 -7.31 -3.91 -5.81
CA ILE A 45 -6.95 -4.21 -4.43
C ILE A 45 -6.80 -5.71 -4.22
N LEU A 46 -5.80 -6.10 -3.45
CA LEU A 46 -5.55 -7.51 -3.17
C LEU A 46 -5.44 -7.75 -1.66
N MET A 47 -6.41 -8.49 -1.11
CA MET A 47 -6.42 -8.79 0.31
C MET A 47 -6.19 -10.28 0.54
N LEU A 48 -4.99 -10.63 1.00
CA LEU A 48 -4.64 -12.01 1.26
C LEU A 48 -4.96 -12.39 2.70
N LYS A 49 -5.73 -13.46 2.88
CA LYS A 49 -6.12 -13.92 4.20
C LYS A 49 -5.17 -15.02 4.68
N GLY A 50 -4.03 -14.61 5.25
CA GLY A 50 -3.06 -15.57 5.74
C GLY A 50 -1.94 -14.91 6.54
N LYS A 51 -1.18 -14.06 5.87
CA LYS A 51 -0.07 -13.36 6.52
C LYS A 51 -0.42 -11.90 6.76
N ASN A 52 -1.72 -11.62 6.89
CA ASN A 52 -2.18 -10.26 7.13
C ASN A 52 -1.50 -9.27 6.19
N GLN A 53 -1.56 -9.57 4.89
CA GLN A 53 -0.96 -8.72 3.88
C GLN A 53 -1.95 -8.36 2.79
N ALA A 54 -1.70 -7.26 2.10
CA ALA A 54 -2.59 -6.82 1.02
C ALA A 54 -1.91 -5.76 0.16
N PHE A 55 -2.27 -5.72 -1.11
CA PHE A 55 -1.69 -4.75 -2.05
C PHE A 55 -2.78 -3.83 -2.60
N LEU A 56 -2.54 -2.53 -2.53
CA LEU A 56 -3.50 -1.54 -3.03
C LEU A 56 -2.95 -0.85 -4.28
N GLU A 57 -3.86 -0.46 -5.17
CA GLU A 57 -3.48 0.22 -6.41
C GLU A 57 -4.40 1.41 -6.68
N LEU A 58 -3.82 2.60 -6.71
CA LEU A 58 -4.59 3.81 -6.96
C LEU A 58 -4.69 4.09 -8.46
N ALA A 59 -5.71 4.84 -8.85
CA ALA A 59 -5.91 5.18 -10.26
C ALA A 59 -4.59 5.39 -10.97
N THR A 60 -3.77 6.29 -10.44
CA THR A 60 -2.47 6.58 -11.03
C THR A 60 -1.35 6.42 -10.00
N GLU A 61 -0.12 6.35 -10.48
CA GLU A 61 1.04 6.21 -9.60
C GLU A 61 1.22 7.44 -8.73
N GLU A 62 1.05 8.62 -9.32
CA GLU A 62 1.20 9.87 -8.59
C GLU A 62 0.48 9.80 -7.25
N ALA A 63 -0.74 9.31 -7.26
CA ALA A 63 -1.53 9.20 -6.05
C ALA A 63 -0.83 8.34 -5.01
N ALA A 64 -0.02 7.39 -5.48
CA ALA A 64 0.72 6.51 -4.59
C ALA A 64 1.90 7.24 -3.95
N ILE A 65 2.82 7.71 -4.79
CA ILE A 65 3.99 8.43 -4.30
C ILE A 65 3.63 9.38 -3.17
N THR A 66 2.58 10.17 -3.38
CA THR A 66 2.12 11.13 -2.39
C THR A 66 1.53 10.42 -1.17
N MET A 67 0.81 9.33 -1.41
CA MET A 67 0.20 8.57 -0.33
C MET A 67 1.25 8.14 0.69
N VAL A 68 2.16 7.27 0.26
CA VAL A 68 3.21 6.78 1.15
C VAL A 68 3.77 7.90 2.01
N ASN A 69 4.29 8.94 1.36
CA ASN A 69 4.85 10.08 2.08
C ASN A 69 4.04 10.40 3.33
N TYR A 70 2.76 10.73 3.12
CA TYR A 70 1.87 11.06 4.23
C TYR A 70 2.12 10.15 5.42
N TYR A 71 2.28 8.85 5.14
CA TYR A 71 2.52 7.87 6.20
C TYR A 71 3.98 7.87 6.62
N SER A 72 4.86 8.18 5.66
CA SER A 72 6.30 8.21 5.93
C SER A 72 6.59 8.94 7.24
N ALA A 73 5.78 9.93 7.55
CA ALA A 73 5.94 10.71 8.77
C ALA A 73 4.84 10.39 9.79
N VAL A 74 3.63 10.16 9.28
CA VAL A 74 2.49 9.85 10.13
C VAL A 74 2.26 8.34 10.21
N THR A 75 2.09 7.85 11.44
CA THR A 75 1.86 6.42 11.66
C THR A 75 0.40 6.13 11.91
N PRO A 76 -0.29 5.57 10.91
CA PRO A 76 -1.71 5.22 11.00
C PRO A 76 -1.95 3.96 11.82
N HIS A 77 -3.19 3.76 12.22
CA HIS A 77 -3.56 2.58 13.02
C HIS A 77 -5.01 2.18 12.76
N LEU A 78 -5.21 0.93 12.38
CA LEU A 78 -6.55 0.42 12.10
C LEU A 78 -7.05 -0.48 13.24
N ARG A 79 -8.25 -0.22 13.71
CA ARG A 79 -8.84 -1.00 14.79
C ARG A 79 -7.93 -1.00 16.02
N ASN A 80 -7.40 0.17 16.35
CA ASN A 80 -6.51 0.31 17.49
C ASN A 80 -5.25 -0.52 17.30
N GLN A 81 -4.83 -0.70 16.05
CA GLN A 81 -3.64 -1.47 15.74
C GLN A 81 -2.83 -0.80 14.64
N PRO A 82 -1.49 -0.98 14.69
CA PRO A 82 -0.58 -0.39 13.71
C PRO A 82 -0.61 -1.13 12.38
N ILE A 83 -0.51 -0.38 11.29
CA ILE A 83 -0.52 -0.97 9.95
C ILE A 83 0.78 -0.67 9.21
N TYR A 84 1.17 -1.58 8.33
CA TYR A 84 2.39 -1.40 7.55
C TYR A 84 2.07 -0.92 6.13
N ILE A 85 2.84 0.06 5.67
CA ILE A 85 2.64 0.61 4.33
C ILE A 85 3.97 0.95 3.67
N GLN A 86 4.22 0.35 2.52
CA GLN A 86 5.46 0.58 1.79
C GLN A 86 5.28 0.29 0.30
N TYR A 87 6.28 0.64 -0.50
CA TYR A 87 6.24 0.42 -1.94
C TYR A 87 6.26 -1.07 -2.26
N SER A 88 6.06 -1.39 -3.54
CA SER A 88 6.06 -2.78 -3.98
C SER A 88 7.13 -3.01 -5.04
N ASN A 89 7.57 -4.26 -5.17
CA ASN A 89 8.59 -4.61 -6.16
C ASN A 89 7.97 -4.82 -7.53
N HIS A 90 6.81 -5.47 -7.56
CA HIS A 90 6.11 -5.74 -8.81
C HIS A 90 5.56 -4.46 -9.41
N LYS A 91 5.99 -4.15 -10.63
CA LYS A 91 5.53 -2.94 -11.31
C LYS A 91 4.01 -2.92 -11.44
N GLU A 92 3.45 -4.00 -11.96
CA GLU A 92 2.01 -4.10 -12.13
C GLU A 92 1.40 -5.01 -11.06
N LEU A 93 0.14 -4.75 -10.71
CA LEU A 93 -0.55 -5.54 -9.71
C LEU A 93 -0.87 -6.94 -10.23
N LYS A 94 0.06 -7.87 -10.03
CA LYS A 94 -0.12 -9.24 -10.49
C LYS A 94 -1.51 -9.75 -10.12
N THR A 95 -2.34 -9.98 -11.13
CA THR A 95 -3.70 -10.47 -10.91
C THR A 95 -4.03 -11.60 -11.87
N SER A 96 -3.62 -11.45 -13.12
CA SER A 96 -3.88 -12.46 -14.14
C SER A 96 -2.70 -12.56 -15.11
N GLY A 97 -2.53 -13.75 -15.69
CA GLY A 97 -1.43 -13.96 -16.64
C GLY A 97 -1.25 -15.42 -16.98
N PRO A 98 -0.89 -15.69 -18.24
CA PRO A 98 -0.67 -17.05 -18.73
C PRO A 98 0.70 -17.60 -18.34
N SER A 99 0.70 -18.79 -17.72
CA SER A 99 1.94 -19.41 -17.28
C SER A 99 2.85 -19.71 -18.47
N SER A 100 2.25 -20.20 -19.56
CA SER A 100 3.01 -20.52 -20.75
C SER A 100 2.30 -20.00 -22.01
N GLY A 101 0.98 -20.17 -22.05
CA GLY A 101 0.21 -19.72 -23.19
C GLY A 101 -0.51 -20.84 -23.89
N GLY A 1 11.53 -3.00 15.89
CA GLY A 1 11.09 -2.14 14.80
C GLY A 1 11.92 -0.87 14.70
N SER A 2 11.78 -0.16 13.58
CA SER A 2 12.52 1.08 13.37
C SER A 2 11.67 2.09 12.62
N SER A 3 12.09 3.36 12.66
CA SER A 3 11.36 4.43 11.99
C SER A 3 12.33 5.44 11.38
N GLY A 4 12.00 5.91 10.18
CA GLY A 4 12.84 6.88 9.51
C GLY A 4 13.20 6.46 8.10
N SER A 5 12.54 7.07 7.12
CA SER A 5 12.78 6.75 5.71
C SER A 5 12.99 8.01 4.89
N SER A 6 13.75 8.95 5.44
CA SER A 6 14.01 10.21 4.76
C SER A 6 15.30 10.12 3.93
N GLY A 7 15.34 10.88 2.84
CA GLY A 7 16.51 10.88 1.97
C GLY A 7 16.21 11.42 0.60
N ASP A 8 17.04 11.07 -0.38
CA ASP A 8 16.86 11.53 -1.75
C ASP A 8 16.96 10.37 -2.73
N LYS A 9 16.06 10.35 -3.71
CA LYS A 9 16.04 9.29 -4.71
C LYS A 9 16.23 9.87 -6.11
N MET A 10 17.49 9.99 -6.53
CA MET A 10 17.80 10.53 -7.85
C MET A 10 17.13 9.71 -8.94
N ASP A 11 17.34 8.40 -8.91
CA ASP A 11 16.75 7.50 -9.91
C ASP A 11 15.24 7.67 -9.96
N GLY A 12 14.58 7.37 -8.86
CA GLY A 12 13.13 7.49 -8.80
C GLY A 12 12.42 6.38 -9.54
N ALA A 13 12.35 5.21 -8.92
CA ALA A 13 11.70 4.06 -9.54
C ALA A 13 10.53 3.56 -8.68
N PRO A 14 9.51 4.42 -8.52
CA PRO A 14 8.32 4.09 -7.72
C PRO A 14 7.38 3.15 -8.45
N SER A 15 6.50 2.49 -7.71
CA SER A 15 5.55 1.56 -8.28
C SER A 15 4.11 2.02 -8.02
N ARG A 16 3.26 1.85 -9.02
CA ARG A 16 1.85 2.25 -8.90
C ARG A 16 1.14 1.42 -7.84
N VAL A 17 1.78 0.34 -7.41
CA VAL A 17 1.21 -0.53 -6.39
C VAL A 17 1.95 -0.38 -5.06
N LEU A 18 1.23 -0.58 -3.96
CA LEU A 18 1.82 -0.47 -2.63
C LEU A 18 1.62 -1.76 -1.84
N HIS A 19 2.65 -2.16 -1.11
CA HIS A 19 2.59 -3.38 -0.30
C HIS A 19 2.31 -3.05 1.16
N ILE A 20 1.20 -3.56 1.67
CA ILE A 20 0.81 -3.32 3.06
C ILE A 20 0.82 -4.62 3.86
N ARG A 21 1.23 -4.51 5.13
CA ARG A 21 1.28 -5.68 6.00
C ARG A 21 0.75 -5.33 7.40
N LYS A 22 0.62 -6.35 8.24
CA LYS A 22 0.13 -6.16 9.60
C LYS A 22 -1.26 -5.53 9.59
N LEU A 23 -2.16 -6.12 8.82
CA LEU A 23 -3.53 -5.61 8.72
C LEU A 23 -4.40 -6.18 9.84
N PRO A 24 -5.31 -5.35 10.35
CA PRO A 24 -6.22 -5.75 11.44
C PRO A 24 -6.88 -7.10 11.17
N GLY A 25 -7.20 -7.82 12.24
CA GLY A 25 -7.82 -9.13 12.10
C GLY A 25 -9.18 -9.03 11.45
N GLU A 26 -9.49 -10.02 10.60
CA GLU A 26 -10.77 -10.05 9.91
C GLU A 26 -11.16 -8.66 9.40
N VAL A 27 -10.20 -7.98 8.79
CA VAL A 27 -10.43 -6.64 8.26
C VAL A 27 -11.03 -6.70 6.87
N THR A 28 -11.94 -5.77 6.58
CA THR A 28 -12.59 -5.72 5.28
C THR A 28 -11.94 -4.67 4.38
N GLU A 29 -11.70 -5.04 3.12
CA GLU A 29 -11.08 -4.14 2.17
C GLU A 29 -11.55 -2.70 2.40
N THR A 30 -12.83 -2.55 2.71
CA THR A 30 -13.41 -1.23 2.95
C THR A 30 -12.44 -0.33 3.70
N GLU A 31 -11.82 -0.87 4.75
CA GLU A 31 -10.87 -0.12 5.55
C GLU A 31 -9.77 0.47 4.67
N VAL A 32 -8.93 -0.41 4.11
CA VAL A 32 -7.84 0.02 3.25
C VAL A 32 -8.34 0.96 2.15
N ILE A 33 -9.48 0.62 1.57
CA ILE A 33 -10.06 1.44 0.51
C ILE A 33 -10.30 2.87 0.98
N ALA A 34 -11.03 2.99 2.09
CA ALA A 34 -11.33 4.31 2.65
C ALA A 34 -10.06 5.06 3.01
N LEU A 35 -8.96 4.32 3.17
CA LEU A 35 -7.67 4.92 3.51
C LEU A 35 -6.90 5.30 2.25
N GLY A 36 -7.37 4.82 1.10
CA GLY A 36 -6.71 5.12 -0.15
C GLY A 36 -7.52 6.05 -1.03
N LEU A 37 -8.80 6.21 -0.69
CA LEU A 37 -9.69 7.08 -1.45
C LEU A 37 -9.31 8.55 -1.27
N PRO A 38 -8.99 8.92 -0.03
CA PRO A 38 -8.60 10.29 0.32
C PRO A 38 -7.55 10.85 -0.64
N PHE A 39 -6.62 10.00 -1.06
CA PHE A 39 -5.57 10.41 -1.97
C PHE A 39 -6.06 10.40 -3.43
N GLY A 40 -6.67 9.29 -3.83
CA GLY A 40 -7.18 9.18 -5.18
C GLY A 40 -8.34 8.21 -5.28
N LYS A 41 -8.21 7.23 -6.16
CA LYS A 41 -9.25 6.22 -6.35
C LYS A 41 -8.66 4.81 -6.40
N VAL A 42 -9.37 3.86 -5.80
CA VAL A 42 -8.92 2.48 -5.78
C VAL A 42 -9.54 1.67 -6.91
N THR A 43 -8.73 1.36 -7.93
CA THR A 43 -9.20 0.59 -9.07
C THR A 43 -8.86 -0.89 -8.92
N ASN A 44 -7.66 -1.17 -8.42
CA ASN A 44 -7.21 -2.54 -8.24
C ASN A 44 -6.70 -2.76 -6.81
N ILE A 45 -7.20 -3.80 -6.15
CA ILE A 45 -6.78 -4.11 -4.79
C ILE A 45 -6.65 -5.62 -4.59
N LEU A 46 -5.78 -6.00 -3.66
CA LEU A 46 -5.56 -7.42 -3.38
C LEU A 46 -5.29 -7.63 -1.89
N MET A 47 -6.15 -8.40 -1.24
CA MET A 47 -6.00 -8.69 0.18
C MET A 47 -5.88 -10.19 0.42
N LEU A 48 -4.92 -10.57 1.27
CA LEU A 48 -4.69 -11.98 1.59
C LEU A 48 -5.54 -12.41 2.79
N LYS A 49 -6.23 -13.53 2.63
CA LYS A 49 -7.08 -14.06 3.69
C LYS A 49 -6.26 -14.92 4.66
N GLY A 50 -5.30 -15.64 4.12
CA GLY A 50 -4.47 -16.50 4.96
C GLY A 50 -3.24 -15.78 5.48
N LYS A 51 -3.10 -14.50 5.11
CA LYS A 51 -1.96 -13.69 5.55
C LYS A 51 -2.42 -12.34 6.04
N ASN A 52 -1.48 -11.50 6.45
CA ASN A 52 -1.79 -10.17 6.95
C ASN A 52 -1.22 -9.10 6.02
N GLN A 53 -1.24 -9.38 4.72
CA GLN A 53 -0.74 -8.43 3.73
C GLN A 53 -1.80 -8.12 2.68
N ALA A 54 -1.61 -7.02 1.97
CA ALA A 54 -2.55 -6.61 0.93
C ALA A 54 -1.95 -5.53 0.02
N PHE A 55 -2.06 -5.72 -1.28
CA PHE A 55 -1.53 -4.78 -2.24
C PHE A 55 -2.63 -3.86 -2.77
N LEU A 56 -2.31 -2.58 -2.91
CA LEU A 56 -3.26 -1.59 -3.41
C LEU A 56 -2.77 -0.96 -4.70
N GLU A 57 -3.71 -0.51 -5.53
CA GLU A 57 -3.38 0.12 -6.80
C GLU A 57 -4.35 1.25 -7.12
N LEU A 58 -3.87 2.48 -7.00
CA LEU A 58 -4.69 3.65 -7.28
C LEU A 58 -4.72 3.95 -8.78
N ALA A 59 -5.64 4.83 -9.18
CA ALA A 59 -5.77 5.20 -10.58
C ALA A 59 -4.41 5.39 -11.23
N THR A 60 -3.56 6.21 -10.59
CA THR A 60 -2.23 6.47 -11.12
C THR A 60 -1.20 6.48 -9.99
N GLU A 61 0.00 5.97 -10.28
CA GLU A 61 1.07 5.92 -9.29
C GLU A 61 1.25 7.28 -8.61
N GLU A 62 1.03 8.35 -9.37
CA GLU A 62 1.16 9.71 -8.84
C GLU A 62 0.61 9.79 -7.42
N ALA A 63 -0.61 9.32 -7.24
CA ALA A 63 -1.25 9.33 -5.93
C ALA A 63 -0.53 8.40 -4.96
N ALA A 64 -0.22 7.20 -5.42
CA ALA A 64 0.48 6.22 -4.59
C ALA A 64 1.67 6.84 -3.87
N ILE A 65 2.44 7.64 -4.61
CA ILE A 65 3.61 8.29 -4.04
C ILE A 65 3.22 9.23 -2.90
N THR A 66 2.21 10.06 -3.15
CA THR A 66 1.75 11.02 -2.15
C THR A 66 1.17 10.29 -0.94
N MET A 67 0.53 9.15 -1.19
CA MET A 67 -0.07 8.36 -0.12
C MET A 67 0.99 7.93 0.90
N VAL A 68 2.07 7.33 0.40
CA VAL A 68 3.15 6.87 1.26
C VAL A 68 3.77 8.03 2.02
N ASN A 69 4.05 9.12 1.31
CA ASN A 69 4.65 10.31 1.90
C ASN A 69 3.87 10.73 3.15
N TYR A 70 2.57 10.92 3.00
CA TYR A 70 1.73 11.34 4.12
C TYR A 70 1.93 10.43 5.32
N TYR A 71 2.05 9.13 5.07
CA TYR A 71 2.25 8.16 6.13
C TYR A 71 3.69 8.18 6.63
N SER A 72 4.60 8.59 5.76
CA SER A 72 6.02 8.67 6.12
C SER A 72 6.21 9.47 7.39
N ALA A 73 5.39 10.50 7.57
CA ALA A 73 5.47 11.36 8.75
C ALA A 73 4.42 10.97 9.79
N VAL A 74 3.21 10.71 9.32
CA VAL A 74 2.11 10.34 10.20
C VAL A 74 1.98 8.82 10.29
N THR A 75 1.88 8.30 11.51
CA THR A 75 1.75 6.86 11.72
C THR A 75 0.30 6.49 12.02
N PRO A 76 -0.37 5.88 11.03
CA PRO A 76 -1.76 5.45 11.17
C PRO A 76 -1.90 4.18 11.99
N HIS A 77 -3.12 3.92 12.46
CA HIS A 77 -3.39 2.73 13.27
C HIS A 77 -4.84 2.28 13.11
N LEU A 78 -5.03 1.01 12.75
CA LEU A 78 -6.36 0.46 12.56
C LEU A 78 -6.77 -0.38 13.77
N ARG A 79 -8.06 -0.30 14.11
CA ARG A 79 -8.59 -1.05 15.25
C ARG A 79 -7.59 -1.04 16.41
N ASN A 80 -7.08 0.14 16.72
CA ASN A 80 -6.12 0.29 17.82
C ASN A 80 -4.88 -0.58 17.58
N GLN A 81 -4.31 -0.48 16.39
CA GLN A 81 -3.13 -1.25 16.03
C GLN A 81 -2.40 -0.62 14.85
N PRO A 82 -1.06 -0.65 14.89
CA PRO A 82 -0.22 -0.09 13.84
C PRO A 82 -0.20 -0.96 12.59
N ILE A 83 -0.05 -0.31 11.43
CA ILE A 83 -0.02 -1.03 10.15
C ILE A 83 1.28 -0.77 9.41
N TYR A 84 1.67 -1.72 8.57
CA TYR A 84 2.91 -1.60 7.80
C TYR A 84 2.60 -1.18 6.36
N ILE A 85 3.25 -0.11 5.92
CA ILE A 85 3.06 0.40 4.56
C ILE A 85 4.40 0.66 3.88
N GLN A 86 4.57 0.09 2.69
CA GLN A 86 5.80 0.27 1.93
C GLN A 86 5.57 0.00 0.45
N TYR A 87 6.43 0.57 -0.39
CA TYR A 87 6.32 0.39 -1.83
C TYR A 87 6.37 -1.08 -2.21
N SER A 88 5.44 -1.52 -3.05
CA SER A 88 5.38 -2.90 -3.49
C SER A 88 6.57 -3.25 -4.38
N ASN A 89 7.14 -4.43 -4.16
CA ASN A 89 8.28 -4.88 -4.94
C ASN A 89 7.97 -6.19 -5.65
N HIS A 90 6.95 -6.89 -5.17
CA HIS A 90 6.55 -8.17 -5.76
C HIS A 90 5.04 -8.32 -5.77
N LYS A 91 4.55 -9.39 -6.38
CA LYS A 91 3.13 -9.65 -6.45
C LYS A 91 2.41 -8.57 -7.26
N GLU A 92 3.15 -7.93 -8.15
CA GLU A 92 2.59 -6.86 -8.99
C GLU A 92 1.24 -7.29 -9.57
N LEU A 93 0.27 -6.39 -9.48
CA LEU A 93 -1.07 -6.67 -10.00
C LEU A 93 -1.02 -6.94 -11.51
N LYS A 94 -0.32 -6.09 -12.24
CA LYS A 94 -0.18 -6.24 -13.68
C LYS A 94 0.98 -7.15 -14.04
N THR A 95 2.18 -6.74 -13.62
CA THR A 95 3.38 -7.52 -13.89
C THR A 95 3.75 -7.46 -15.37
N SER A 96 3.69 -6.27 -15.95
CA SER A 96 4.01 -6.08 -17.35
C SER A 96 5.17 -5.10 -17.52
N GLY A 97 5.91 -5.24 -18.62
CA GLY A 97 7.03 -4.36 -18.88
C GLY A 97 8.35 -5.11 -18.92
N PRO A 98 8.67 -5.69 -20.08
CA PRO A 98 9.91 -6.45 -20.28
C PRO A 98 11.12 -5.54 -20.44
N SER A 99 12.18 -5.83 -19.71
CA SER A 99 13.41 -5.04 -19.77
C SER A 99 14.34 -5.57 -20.85
N SER A 100 14.82 -4.67 -21.71
CA SER A 100 15.72 -5.05 -22.79
C SER A 100 17.05 -4.31 -22.68
N GLY A 101 18.08 -4.84 -23.35
CA GLY A 101 19.38 -4.22 -23.31
C GLY A 101 20.50 -5.21 -23.07
N GLY A 1 8.03 14.35 12.39
CA GLY A 1 8.49 14.88 11.12
C GLY A 1 9.86 14.35 10.74
N SER A 2 10.87 14.75 11.49
CA SER A 2 12.25 14.33 11.23
C SER A 2 12.52 14.27 9.73
N SER A 3 12.05 15.29 9.01
CA SER A 3 12.25 15.36 7.56
C SER A 3 13.67 15.77 7.22
N GLY A 4 13.97 15.83 5.92
CA GLY A 4 15.30 16.20 5.48
C GLY A 4 16.24 15.02 5.39
N SER A 5 15.92 14.09 4.48
CA SER A 5 16.74 12.90 4.30
C SER A 5 18.14 13.28 3.78
N SER A 6 19.02 12.28 3.73
CA SER A 6 20.39 12.50 3.26
C SER A 6 20.59 11.91 1.87
N GLY A 7 20.28 12.68 0.84
CA GLY A 7 20.43 12.22 -0.52
C GLY A 7 19.34 12.74 -1.44
N ASP A 8 19.70 13.65 -2.32
CA ASP A 8 18.75 14.24 -3.26
C ASP A 8 18.00 13.15 -4.01
N LYS A 9 16.74 12.92 -3.63
CA LYS A 9 15.91 11.90 -4.27
C LYS A 9 15.94 12.06 -5.78
N MET A 10 15.22 11.18 -6.48
CA MET A 10 15.15 11.22 -7.93
C MET A 10 13.90 10.51 -8.44
N ASP A 11 13.07 11.22 -9.19
CA ASP A 11 11.85 10.65 -9.74
C ASP A 11 12.14 9.41 -10.57
N GLY A 12 12.31 8.28 -9.90
CA GLY A 12 12.61 7.04 -10.60
C GLY A 12 11.38 6.45 -11.27
N ALA A 13 10.95 5.29 -10.80
CA ALA A 13 9.78 4.62 -11.37
C ALA A 13 8.80 4.20 -10.27
N PRO A 14 8.04 5.19 -9.76
CA PRO A 14 7.06 4.95 -8.71
C PRO A 14 6.20 3.71 -8.98
N SER A 15 5.98 2.92 -7.94
CA SER A 15 5.18 1.70 -8.06
C SER A 15 3.69 2.00 -7.87
N ARG A 16 2.90 1.73 -8.89
CA ARG A 16 1.46 1.97 -8.84
C ARG A 16 0.83 1.21 -7.68
N VAL A 17 1.14 -0.07 -7.56
CA VAL A 17 0.61 -0.91 -6.49
C VAL A 17 1.48 -0.83 -5.25
N LEU A 18 0.88 -0.42 -4.13
CA LEU A 18 1.60 -0.30 -2.87
C LEU A 18 1.45 -1.58 -2.03
N HIS A 19 2.50 -1.91 -1.29
CA HIS A 19 2.47 -3.11 -0.44
C HIS A 19 2.15 -2.73 1.00
N ILE A 20 1.16 -3.41 1.57
CA ILE A 20 0.76 -3.16 2.95
C ILE A 20 0.77 -4.44 3.78
N ARG A 21 1.34 -4.36 4.98
CA ARG A 21 1.43 -5.51 5.86
C ARG A 21 0.92 -5.15 7.26
N LYS A 22 0.99 -6.12 8.18
CA LYS A 22 0.55 -5.92 9.55
C LYS A 22 -0.89 -5.39 9.58
N LEU A 23 -1.77 -6.09 8.86
CA LEU A 23 -3.19 -5.69 8.82
C LEU A 23 -3.93 -6.21 10.03
N PRO A 24 -4.86 -5.40 10.55
CA PRO A 24 -5.67 -5.76 11.72
C PRO A 24 -6.27 -7.15 11.61
N GLY A 25 -6.68 -7.71 12.74
CA GLY A 25 -7.27 -9.04 12.74
C GLY A 25 -8.68 -9.04 12.19
N GLU A 26 -8.85 -9.60 10.99
CA GLU A 26 -10.16 -9.67 10.35
C GLU A 26 -10.58 -8.30 9.82
N VAL A 27 -9.66 -7.62 9.14
CA VAL A 27 -9.93 -6.31 8.59
C VAL A 27 -10.62 -6.41 7.23
N THR A 28 -11.45 -5.42 6.91
CA THR A 28 -12.17 -5.40 5.66
C THR A 28 -11.47 -4.51 4.63
N GLU A 29 -11.80 -4.71 3.36
CA GLU A 29 -11.19 -3.94 2.28
C GLU A 29 -11.64 -2.48 2.35
N THR A 30 -12.94 -2.28 2.61
CA THR A 30 -13.49 -0.94 2.69
C THR A 30 -12.58 -0.01 3.48
N GLU A 31 -11.94 -0.55 4.52
CA GLU A 31 -11.04 0.23 5.35
C GLU A 31 -9.86 0.76 4.53
N VAL A 32 -9.06 -0.16 4.00
CA VAL A 32 -7.90 0.20 3.20
C VAL A 32 -8.29 1.11 2.04
N ILE A 33 -9.44 0.82 1.42
CA ILE A 33 -9.92 1.62 0.31
C ILE A 33 -10.20 3.05 0.74
N ALA A 34 -10.97 3.20 1.82
CA ALA A 34 -11.32 4.52 2.33
C ALA A 34 -10.06 5.28 2.76
N LEU A 35 -8.97 4.56 2.93
CA LEU A 35 -7.70 5.17 3.34
C LEU A 35 -6.86 5.53 2.12
N GLY A 36 -7.15 4.90 0.99
CA GLY A 36 -6.40 5.18 -0.22
C GLY A 36 -7.18 6.05 -1.19
N LEU A 37 -8.46 6.26 -0.91
CA LEU A 37 -9.30 7.08 -1.76
C LEU A 37 -8.93 8.56 -1.64
N PRO A 38 -8.66 9.00 -0.40
CA PRO A 38 -8.29 10.39 -0.12
C PRO A 38 -7.19 10.89 -1.05
N PHE A 39 -6.33 9.98 -1.48
CA PHE A 39 -5.23 10.33 -2.39
C PHE A 39 -5.61 10.04 -3.83
N GLY A 40 -6.15 8.85 -4.07
CA GLY A 40 -6.55 8.46 -5.41
C GLY A 40 -7.55 7.32 -5.41
N LYS A 41 -8.29 7.21 -6.51
CA LYS A 41 -9.30 6.15 -6.64
C LYS A 41 -8.63 4.78 -6.69
N VAL A 42 -9.28 3.79 -6.07
CA VAL A 42 -8.76 2.43 -6.04
C VAL A 42 -9.34 1.60 -7.18
N THR A 43 -8.51 1.28 -8.17
CA THR A 43 -8.94 0.49 -9.31
C THR A 43 -8.81 -1.00 -9.02
N ASN A 44 -7.69 -1.40 -8.45
CA ASN A 44 -7.44 -2.80 -8.12
C ASN A 44 -6.97 -2.95 -6.68
N ILE A 45 -7.50 -3.95 -5.98
CA ILE A 45 -7.11 -4.20 -4.60
C ILE A 45 -7.03 -5.69 -4.31
N LEU A 46 -6.04 -6.09 -3.53
CA LEU A 46 -5.85 -7.49 -3.18
C LEU A 46 -5.59 -7.65 -1.68
N MET A 47 -6.44 -8.41 -1.01
CA MET A 47 -6.31 -8.64 0.42
C MET A 47 -6.16 -10.13 0.72
N LEU A 48 -4.99 -10.51 1.22
CA LEU A 48 -4.71 -11.91 1.54
C LEU A 48 -5.39 -12.30 2.86
N LYS A 49 -6.26 -13.31 2.78
CA LYS A 49 -6.98 -13.78 3.96
C LYS A 49 -6.02 -14.49 4.93
N GLY A 50 -5.24 -15.43 4.39
CA GLY A 50 -4.30 -16.16 5.21
C GLY A 50 -3.13 -15.30 5.66
N LYS A 51 -2.53 -14.58 4.74
CA LYS A 51 -1.40 -13.71 5.04
C LYS A 51 -1.88 -12.33 5.47
N ASN A 52 -1.09 -11.68 6.33
CA ASN A 52 -1.43 -10.35 6.83
C ASN A 52 -0.90 -9.27 5.90
N GLN A 53 -1.04 -9.49 4.59
CA GLN A 53 -0.57 -8.55 3.59
C GLN A 53 -1.69 -8.19 2.62
N ALA A 54 -1.60 -7.00 2.03
CA ALA A 54 -2.61 -6.55 1.06
C ALA A 54 -2.00 -5.58 0.06
N PHE A 55 -2.28 -5.81 -1.22
CA PHE A 55 -1.75 -4.95 -2.28
C PHE A 55 -2.83 -4.02 -2.80
N LEU A 56 -2.58 -2.71 -2.71
CA LEU A 56 -3.54 -1.72 -3.17
C LEU A 56 -3.03 -1.03 -4.43
N GLU A 57 -3.95 -0.71 -5.34
CA GLU A 57 -3.60 -0.04 -6.59
C GLU A 57 -4.50 1.16 -6.84
N LEU A 58 -3.89 2.29 -7.16
CA LEU A 58 -4.64 3.51 -7.43
C LEU A 58 -4.64 3.84 -8.92
N ALA A 59 -5.49 4.78 -9.32
CA ALA A 59 -5.57 5.19 -10.72
C ALA A 59 -4.21 5.53 -11.27
N THR A 60 -3.53 6.48 -10.62
CA THR A 60 -2.21 6.90 -11.05
C THR A 60 -1.14 6.51 -10.03
N GLU A 61 0.11 6.53 -10.47
CA GLU A 61 1.23 6.17 -9.59
C GLU A 61 1.52 7.28 -8.59
N GLU A 62 1.11 8.51 -8.95
CA GLU A 62 1.33 9.66 -8.09
C GLU A 62 0.49 9.56 -6.82
N ALA A 63 -0.76 9.11 -6.97
CA ALA A 63 -1.66 8.96 -5.83
C ALA A 63 -1.05 8.06 -4.77
N ALA A 64 -0.27 7.08 -5.20
CA ALA A 64 0.37 6.14 -4.28
C ALA A 64 1.56 6.78 -3.59
N ILE A 65 2.34 7.55 -4.35
CA ILE A 65 3.52 8.23 -3.80
C ILE A 65 3.13 9.14 -2.64
N THR A 66 2.36 10.18 -2.95
CA THR A 66 1.92 11.13 -1.94
C THR A 66 1.27 10.42 -0.76
N MET A 67 0.56 9.34 -1.05
CA MET A 67 -0.12 8.56 -0.01
C MET A 67 0.90 7.99 0.98
N VAL A 68 1.96 7.37 0.46
CA VAL A 68 2.98 6.78 1.30
C VAL A 68 3.71 7.85 2.12
N ASN A 69 3.90 9.01 1.51
CA ASN A 69 4.58 10.12 2.17
C ASN A 69 3.79 10.58 3.40
N TYR A 70 2.53 10.94 3.18
CA TYR A 70 1.67 11.39 4.26
C TYR A 70 1.81 10.50 5.48
N TYR A 71 1.97 9.21 5.24
CA TYR A 71 2.11 8.25 6.33
C TYR A 71 3.56 8.15 6.79
N SER A 72 4.49 8.24 5.84
CA SER A 72 5.91 8.17 6.15
C SER A 72 6.22 8.91 7.44
N ALA A 73 5.47 9.97 7.72
CA ALA A 73 5.66 10.77 8.92
C ALA A 73 4.59 10.46 9.96
N VAL A 74 3.36 10.28 9.50
CA VAL A 74 2.25 9.97 10.39
C VAL A 74 2.05 8.47 10.53
N THR A 75 1.92 8.01 11.77
CA THR A 75 1.73 6.59 12.05
C THR A 75 0.27 6.29 12.39
N PRO A 76 -0.47 5.73 11.41
CA PRO A 76 -1.88 5.38 11.58
C PRO A 76 -2.06 4.09 12.37
N HIS A 77 -3.30 3.76 12.68
CA HIS A 77 -3.62 2.54 13.42
C HIS A 77 -5.08 2.15 13.23
N LEU A 78 -5.29 0.94 12.70
CA LEU A 78 -6.64 0.44 12.46
C LEU A 78 -7.07 -0.53 13.55
N ARG A 79 -8.31 -0.41 14.01
CA ARG A 79 -8.83 -1.29 15.05
C ARG A 79 -7.85 -1.37 16.23
N ASN A 80 -7.29 -0.23 16.61
CA ASN A 80 -6.34 -0.19 17.71
C ASN A 80 -5.10 -1.03 17.41
N GLN A 81 -4.64 -0.96 16.17
CA GLN A 81 -3.47 -1.71 15.75
C GLN A 81 -2.71 -0.98 14.64
N PRO A 82 -1.37 -1.09 14.66
CA PRO A 82 -0.51 -0.45 13.67
C PRO A 82 -0.51 -1.18 12.33
N ILE A 83 -0.45 -0.42 11.24
CA ILE A 83 -0.43 -1.01 9.90
C ILE A 83 0.86 -0.66 9.17
N TYR A 84 1.23 -1.52 8.22
CA TYR A 84 2.44 -1.29 7.43
C TYR A 84 2.10 -0.81 6.03
N ILE A 85 2.78 0.26 5.60
CA ILE A 85 2.55 0.82 4.28
C ILE A 85 3.88 1.16 3.59
N GLN A 86 4.05 0.65 2.38
CA GLN A 86 5.27 0.89 1.62
C GLN A 86 5.08 0.54 0.15
N TYR A 87 6.13 0.73 -0.64
CA TYR A 87 6.07 0.42 -2.07
C TYR A 87 6.06 -1.09 -2.30
N SER A 88 5.55 -1.49 -3.47
CA SER A 88 5.47 -2.90 -3.82
C SER A 88 6.37 -3.21 -5.01
N ASN A 89 6.60 -2.21 -5.85
CA ASN A 89 7.45 -2.37 -7.03
C ASN A 89 6.89 -3.46 -7.95
N HIS A 90 5.57 -3.46 -8.12
CA HIS A 90 4.91 -4.44 -8.98
C HIS A 90 4.09 -3.76 -10.07
N LYS A 91 3.59 -2.57 -9.76
CA LYS A 91 2.79 -1.81 -10.71
C LYS A 91 2.03 -2.74 -11.65
N GLU A 92 1.49 -3.82 -11.11
CA GLU A 92 0.74 -4.78 -11.89
C GLU A 92 0.05 -5.81 -11.00
N LEU A 93 -1.22 -6.06 -11.26
CA LEU A 93 -2.00 -7.01 -10.48
C LEU A 93 -2.71 -8.00 -11.38
N LYS A 94 -2.99 -9.20 -10.85
CA LYS A 94 -3.68 -10.24 -11.61
C LYS A 94 -4.95 -9.69 -12.24
N THR A 95 -5.59 -10.52 -13.07
CA THR A 95 -6.83 -10.13 -13.73
C THR A 95 -6.58 -9.01 -14.74
N SER A 96 -5.52 -9.15 -15.53
CA SER A 96 -5.17 -8.14 -16.52
C SER A 96 -5.31 -6.74 -15.95
N GLY A 97 -4.89 -6.57 -14.70
CA GLY A 97 -4.98 -5.27 -14.06
C GLY A 97 -4.75 -4.13 -15.02
N PRO A 98 -5.85 -3.54 -15.52
CA PRO A 98 -5.80 -2.43 -16.47
C PRO A 98 -4.79 -1.36 -16.05
N SER A 99 -4.49 -0.45 -16.97
CA SER A 99 -3.54 0.62 -16.69
C SER A 99 -3.71 1.77 -17.68
N SER A 100 -3.16 2.93 -17.34
CA SER A 100 -3.25 4.11 -18.20
C SER A 100 -1.96 4.91 -18.17
N GLY A 101 -1.28 4.96 -19.30
CA GLY A 101 -0.03 5.70 -19.38
C GLY A 101 -0.19 7.04 -20.07
N GLY A 1 14.34 -1.64 15.14
CA GLY A 1 15.11 -2.15 14.02
C GLY A 1 15.35 -1.10 12.95
N SER A 2 15.80 0.09 13.38
CA SER A 2 16.05 1.18 12.45
C SER A 2 16.80 0.68 11.22
N SER A 3 16.41 1.19 10.05
CA SER A 3 17.05 0.80 8.80
C SER A 3 17.79 1.97 8.17
N GLY A 4 19.12 1.94 8.25
CA GLY A 4 19.92 3.00 7.69
C GLY A 4 20.06 2.89 6.18
N SER A 5 19.04 3.34 5.46
CA SER A 5 19.05 3.28 4.00
C SER A 5 19.31 4.66 3.40
N SER A 6 20.14 4.70 2.37
CA SER A 6 20.47 5.97 1.70
C SER A 6 19.48 6.26 0.58
N GLY A 7 19.18 7.54 0.40
CA GLY A 7 18.26 7.95 -0.64
C GLY A 7 16.83 8.00 -0.15
N ASP A 8 16.38 9.19 0.24
CA ASP A 8 15.02 9.37 0.74
C ASP A 8 14.38 10.61 0.13
N LYS A 9 13.08 10.53 -0.15
CA LYS A 9 12.35 11.65 -0.73
C LYS A 9 13.03 12.15 -2.01
N MET A 10 13.48 11.21 -2.83
CA MET A 10 14.16 11.54 -4.07
C MET A 10 13.45 10.92 -5.27
N ASP A 11 12.67 11.72 -5.98
CA ASP A 11 11.94 11.23 -7.15
C ASP A 11 12.86 10.45 -8.09
N GLY A 12 12.29 9.48 -8.79
CA GLY A 12 13.07 8.68 -9.71
C GLY A 12 12.22 7.67 -10.47
N ALA A 13 12.12 6.47 -9.93
CA ALA A 13 11.34 5.40 -10.56
C ALA A 13 10.45 4.71 -9.54
N PRO A 14 9.39 5.39 -9.09
CA PRO A 14 8.44 4.85 -8.12
C PRO A 14 7.47 3.84 -8.74
N SER A 15 6.53 3.35 -7.93
CA SER A 15 5.56 2.39 -8.40
C SER A 15 4.14 2.83 -8.05
N ARG A 16 3.15 2.23 -8.70
CA ARG A 16 1.76 2.57 -8.46
C ARG A 16 1.14 1.61 -7.45
N VAL A 17 1.70 0.41 -7.35
CA VAL A 17 1.20 -0.59 -6.41
C VAL A 17 1.94 -0.53 -5.09
N LEU A 18 1.19 -0.39 -4.00
CA LEU A 18 1.79 -0.31 -2.67
C LEU A 18 1.61 -1.63 -1.92
N HIS A 19 2.64 -2.03 -1.20
CA HIS A 19 2.61 -3.27 -0.44
C HIS A 19 2.32 -2.99 1.03
N ILE A 20 1.24 -3.58 1.54
CA ILE A 20 0.85 -3.40 2.93
C ILE A 20 0.87 -4.73 3.69
N ARG A 21 1.29 -4.67 4.95
CA ARG A 21 1.35 -5.88 5.78
C ARG A 21 0.93 -5.56 7.21
N LYS A 22 0.81 -6.60 8.03
CA LYS A 22 0.41 -6.44 9.42
C LYS A 22 -0.98 -5.83 9.53
N LEU A 23 -1.89 -6.30 8.68
CA LEU A 23 -3.26 -5.80 8.68
C LEU A 23 -4.06 -6.39 9.84
N PRO A 24 -4.95 -5.57 10.42
CA PRO A 24 -5.79 -5.99 11.55
C PRO A 24 -6.43 -7.35 11.31
N GLY A 25 -6.87 -7.98 12.40
CA GLY A 25 -7.50 -9.29 12.29
C GLY A 25 -8.94 -9.19 11.81
N GLU A 26 -9.27 -9.95 10.78
CA GLU A 26 -10.62 -9.95 10.22
C GLU A 26 -11.02 -8.55 9.78
N VAL A 27 -10.11 -7.87 9.09
CA VAL A 27 -10.37 -6.52 8.61
C VAL A 27 -11.13 -6.54 7.28
N THR A 28 -11.97 -5.53 7.07
CA THR A 28 -12.76 -5.43 5.86
C THR A 28 -12.10 -4.50 4.84
N GLU A 29 -12.04 -4.95 3.59
CA GLU A 29 -11.43 -4.14 2.53
C GLU A 29 -11.84 -2.68 2.65
N THR A 30 -13.13 -2.45 2.87
CA THR A 30 -13.66 -1.10 3.00
C THR A 30 -12.71 -0.20 3.77
N GLU A 31 -12.13 -0.75 4.84
CA GLU A 31 -11.19 0.01 5.65
C GLU A 31 -10.03 0.54 4.82
N VAL A 32 -9.32 -0.37 4.15
CA VAL A 32 -8.19 0.00 3.31
C VAL A 32 -8.63 0.92 2.18
N ILE A 33 -9.74 0.56 1.53
CA ILE A 33 -10.26 1.36 0.43
C ILE A 33 -10.48 2.81 0.85
N ALA A 34 -11.36 3.01 1.82
CA ALA A 34 -11.65 4.35 2.33
C ALA A 34 -10.39 5.04 2.81
N LEU A 35 -9.34 4.26 3.04
CA LEU A 35 -8.06 4.80 3.51
C LEU A 35 -7.17 5.18 2.34
N GLY A 36 -7.46 4.61 1.17
CA GLY A 36 -6.67 4.90 -0.01
C GLY A 36 -7.41 5.77 -1.00
N LEU A 37 -8.64 6.15 -0.65
CA LEU A 37 -9.46 6.98 -1.53
C LEU A 37 -9.03 8.44 -1.43
N PRO A 38 -8.75 8.90 -0.19
CA PRO A 38 -8.33 10.28 0.06
C PRO A 38 -7.22 10.73 -0.88
N PHE A 39 -6.40 9.78 -1.32
CA PHE A 39 -5.30 10.08 -2.23
C PHE A 39 -5.73 9.91 -3.68
N GLY A 40 -6.34 8.78 -3.99
CA GLY A 40 -6.79 8.50 -5.34
C GLY A 40 -7.82 7.39 -5.41
N LYS A 41 -8.40 7.19 -6.58
CA LYS A 41 -9.39 6.16 -6.78
C LYS A 41 -8.74 4.78 -6.90
N VAL A 42 -9.28 3.81 -6.17
CA VAL A 42 -8.75 2.45 -6.21
C VAL A 42 -9.26 1.68 -7.42
N THR A 43 -8.34 1.11 -8.18
CA THR A 43 -8.70 0.36 -9.37
C THR A 43 -8.34 -1.12 -9.22
N ASN A 44 -7.17 -1.38 -8.66
CA ASN A 44 -6.72 -2.76 -8.45
C ASN A 44 -6.27 -2.97 -7.00
N ILE A 45 -6.83 -3.99 -6.36
CA ILE A 45 -6.49 -4.30 -4.99
C ILE A 45 -6.41 -5.81 -4.76
N LEU A 46 -5.48 -6.23 -3.91
CA LEU A 46 -5.31 -7.64 -3.61
C LEU A 46 -5.13 -7.87 -2.11
N MET A 47 -6.17 -8.41 -1.47
CA MET A 47 -6.12 -8.67 -0.03
C MET A 47 -6.09 -10.17 0.24
N LEU A 48 -5.12 -10.61 1.05
CA LEU A 48 -5.00 -12.02 1.39
C LEU A 48 -5.82 -12.36 2.62
N LYS A 49 -6.81 -13.23 2.44
CA LYS A 49 -7.67 -13.65 3.54
C LYS A 49 -6.88 -14.41 4.60
N GLY A 50 -6.14 -15.42 4.16
CA GLY A 50 -5.34 -16.21 5.09
C GLY A 50 -4.01 -15.55 5.41
N LYS A 51 -3.97 -14.23 5.31
CA LYS A 51 -2.74 -13.49 5.60
C LYS A 51 -3.07 -12.07 6.05
N ASN A 52 -2.09 -11.40 6.64
CA ASN A 52 -2.27 -10.04 7.12
C ASN A 52 -1.55 -9.05 6.22
N GLN A 53 -1.76 -9.17 4.92
CA GLN A 53 -1.13 -8.28 3.95
C GLN A 53 -1.99 -8.12 2.71
N ALA A 54 -1.87 -6.97 2.05
CA ALA A 54 -2.64 -6.70 0.85
C ALA A 54 -1.98 -5.61 0.00
N PHE A 55 -2.09 -5.74 -1.32
CA PHE A 55 -1.50 -4.78 -2.23
C PHE A 55 -2.57 -3.90 -2.86
N LEU A 56 -2.41 -2.59 -2.70
CA LEU A 56 -3.37 -1.62 -3.26
C LEU A 56 -2.76 -0.87 -4.43
N GLU A 57 -3.58 -0.63 -5.45
CA GLU A 57 -3.13 0.09 -6.64
C GLU A 57 -4.09 1.22 -6.99
N LEU A 58 -3.67 2.45 -6.72
CA LEU A 58 -4.49 3.62 -7.01
C LEU A 58 -4.49 3.93 -8.51
N ALA A 59 -5.46 4.73 -8.94
CA ALA A 59 -5.58 5.10 -10.35
C ALA A 59 -4.19 5.29 -10.97
N THR A 60 -3.42 6.22 -10.41
CA THR A 60 -2.08 6.49 -10.93
C THR A 60 -1.05 6.48 -9.80
N GLU A 61 0.22 6.38 -10.17
CA GLU A 61 1.30 6.36 -9.19
C GLU A 61 1.38 7.67 -8.42
N GLU A 62 0.84 8.74 -9.03
CA GLU A 62 0.85 10.05 -8.40
C GLU A 62 0.12 10.01 -7.05
N ALA A 63 -0.95 9.24 -6.98
CA ALA A 63 -1.72 9.11 -5.75
C ALA A 63 -1.00 8.23 -4.74
N ALA A 64 -0.40 7.14 -5.22
CA ALA A 64 0.32 6.22 -4.37
C ALA A 64 1.50 6.91 -3.68
N ILE A 65 2.32 7.59 -4.47
CA ILE A 65 3.48 8.29 -3.94
C ILE A 65 3.09 9.20 -2.78
N THR A 66 2.07 10.02 -2.99
CA THR A 66 1.60 10.94 -1.96
C THR A 66 1.12 10.18 -0.73
N MET A 67 0.35 9.12 -0.95
CA MET A 67 -0.17 8.31 0.14
C MET A 67 0.92 7.97 1.13
N VAL A 68 1.94 7.25 0.66
CA VAL A 68 3.06 6.86 1.52
C VAL A 68 3.71 8.08 2.16
N ASN A 69 3.82 9.16 1.40
CA ASN A 69 4.43 10.39 1.89
C ASN A 69 3.69 10.91 3.11
N TYR A 70 2.38 11.16 2.94
CA TYR A 70 1.55 11.66 4.03
C TYR A 70 1.86 10.92 5.34
N TYR A 71 1.95 9.60 5.26
CA TYR A 71 2.25 8.78 6.42
C TYR A 71 3.69 8.95 6.88
N SER A 72 4.56 9.29 5.93
CA SER A 72 5.97 9.49 6.22
C SER A 72 6.15 10.18 7.57
N ALA A 73 5.19 11.04 7.92
CA ALA A 73 5.25 11.77 9.18
C ALA A 73 4.17 11.29 10.14
N VAL A 74 2.99 10.96 9.60
CA VAL A 74 1.88 10.48 10.41
C VAL A 74 1.87 8.96 10.47
N THR A 75 1.67 8.42 11.67
CA THR A 75 1.64 6.97 11.87
C THR A 75 0.21 6.48 11.98
N PRO A 76 -0.26 5.79 10.94
CA PRO A 76 -1.62 5.23 10.90
C PRO A 76 -1.76 3.97 11.73
N HIS A 77 -2.92 3.78 12.35
CA HIS A 77 -3.18 2.61 13.17
C HIS A 77 -4.63 2.18 13.06
N LEU A 78 -4.85 0.94 12.64
CA LEU A 78 -6.20 0.40 12.50
C LEU A 78 -6.56 -0.50 13.66
N ARG A 79 -7.78 -0.34 14.17
CA ARG A 79 -8.24 -1.14 15.30
C ARG A 79 -7.29 -1.03 16.49
N ASN A 80 -6.62 0.12 16.60
CA ASN A 80 -5.68 0.35 17.69
C ASN A 80 -4.39 -0.45 17.46
N GLN A 81 -4.00 -0.58 16.20
CA GLN A 81 -2.79 -1.32 15.86
C GLN A 81 -2.09 -0.68 14.65
N PRO A 82 -0.76 -0.71 14.65
CA PRO A 82 0.05 -0.15 13.56
C PRO A 82 0.06 -1.04 12.33
N ILE A 83 0.14 -0.41 11.16
CA ILE A 83 0.15 -1.15 9.90
C ILE A 83 1.48 -0.96 9.16
N TYR A 84 1.81 -1.90 8.29
CA TYR A 84 3.04 -1.83 7.52
C TYR A 84 2.77 -1.35 6.10
N ILE A 85 3.54 -0.35 5.66
CA ILE A 85 3.39 0.20 4.32
C ILE A 85 4.74 0.39 3.65
N GLN A 86 4.84 -0.03 2.39
CA GLN A 86 6.08 0.11 1.64
C GLN A 86 5.83 -0.11 0.15
N TYR A 87 6.59 0.59 -0.68
CA TYR A 87 6.45 0.49 -2.13
C TYR A 87 6.56 -0.97 -2.58
N SER A 88 6.15 -1.23 -3.82
CA SER A 88 6.21 -2.58 -4.36
C SER A 88 7.03 -2.62 -5.64
N ASN A 89 7.82 -3.69 -5.80
CA ASN A 89 8.66 -3.84 -6.98
C ASN A 89 8.34 -5.14 -7.71
N HIS A 90 7.93 -6.15 -6.96
CA HIS A 90 7.59 -7.44 -7.53
C HIS A 90 6.12 -7.78 -7.30
N LYS A 91 5.72 -8.98 -7.69
CA LYS A 91 4.34 -9.42 -7.53
C LYS A 91 3.37 -8.25 -7.70
N GLU A 92 3.69 -7.35 -8.62
CA GLU A 92 2.86 -6.18 -8.89
C GLU A 92 1.54 -6.60 -9.53
N LEU A 93 0.51 -5.78 -9.36
CA LEU A 93 -0.80 -6.06 -9.91
C LEU A 93 -0.78 -5.94 -11.44
N LYS A 94 -0.55 -7.06 -12.11
CA LYS A 94 -0.52 -7.07 -13.57
C LYS A 94 -1.45 -8.15 -14.13
N THR A 95 -1.94 -7.93 -15.35
CA THR A 95 -2.84 -8.88 -15.99
C THR A 95 -2.24 -9.40 -17.29
N SER A 96 -1.76 -8.50 -18.13
CA SER A 96 -1.17 -8.88 -19.40
C SER A 96 0.16 -9.62 -19.19
N GLY A 97 1.05 -9.01 -18.41
CA GLY A 97 2.33 -9.63 -18.15
C GLY A 97 3.48 -8.64 -18.20
N PRO A 98 4.70 -9.15 -18.39
CA PRO A 98 5.91 -8.31 -18.45
C PRO A 98 5.71 -7.09 -19.35
N SER A 99 6.57 -6.10 -19.18
CA SER A 99 6.50 -4.88 -19.98
C SER A 99 7.86 -4.52 -20.55
N SER A 100 7.86 -3.92 -21.74
CA SER A 100 9.09 -3.52 -22.41
C SER A 100 8.81 -2.57 -23.56
N GLY A 101 9.72 -1.63 -23.78
CA GLY A 101 9.54 -0.66 -24.85
C GLY A 101 8.93 0.63 -24.38
N GLY A 1 6.80 12.41 23.11
CA GLY A 1 6.70 11.02 23.51
C GLY A 1 7.86 10.18 23.03
N SER A 2 7.58 9.20 22.18
CA SER A 2 8.62 8.32 21.64
C SER A 2 8.96 8.70 20.20
N SER A 3 10.00 8.07 19.67
CA SER A 3 10.44 8.34 18.30
C SER A 3 11.01 7.09 17.66
N GLY A 4 11.38 7.20 16.38
CA GLY A 4 11.94 6.07 15.67
C GLY A 4 11.59 6.08 14.19
N SER A 5 12.51 6.58 13.37
CA SER A 5 12.29 6.65 11.93
C SER A 5 13.61 6.62 11.18
N SER A 6 13.61 6.00 10.01
CA SER A 6 14.81 5.89 9.19
C SER A 6 14.46 5.89 7.71
N GLY A 7 15.39 6.34 6.88
CA GLY A 7 15.16 6.39 5.45
C GLY A 7 15.64 7.68 4.82
N ASP A 8 16.73 7.62 4.08
CA ASP A 8 17.28 8.81 3.43
C ASP A 8 16.26 9.42 2.47
N LYS A 9 16.63 10.55 1.87
CA LYS A 9 15.75 11.23 0.93
C LYS A 9 16.21 11.03 -0.51
N MET A 10 15.63 10.04 -1.18
CA MET A 10 15.99 9.75 -2.57
C MET A 10 14.82 9.11 -3.31
N ASP A 11 14.94 9.01 -4.62
CA ASP A 11 13.90 8.42 -5.44
C ASP A 11 14.48 7.44 -6.45
N GLY A 12 14.09 6.17 -6.35
CA GLY A 12 14.59 5.16 -7.26
C GLY A 12 13.61 4.83 -8.36
N ALA A 13 12.89 3.72 -8.20
CA ALA A 13 11.91 3.28 -9.19
C ALA A 13 10.54 3.09 -8.55
N PRO A 14 9.89 4.19 -8.17
CA PRO A 14 8.58 4.16 -7.53
C PRO A 14 7.61 3.23 -8.26
N SER A 15 6.63 2.70 -7.52
CA SER A 15 5.65 1.80 -8.10
C SER A 15 4.23 2.31 -7.85
N ARG A 16 3.31 1.95 -8.74
CA ARG A 16 1.92 2.37 -8.62
C ARG A 16 1.20 1.56 -7.54
N VAL A 17 1.63 0.30 -7.38
CA VAL A 17 1.02 -0.58 -6.38
C VAL A 17 1.80 -0.54 -5.06
N LEU A 18 1.08 -0.50 -3.95
CA LEU A 18 1.70 -0.46 -2.64
C LEU A 18 1.38 -1.73 -1.85
N HIS A 19 2.35 -2.21 -1.08
CA HIS A 19 2.16 -3.41 -0.26
C HIS A 19 1.94 -3.05 1.19
N ILE A 20 0.98 -3.72 1.82
CA ILE A 20 0.66 -3.46 3.22
C ILE A 20 0.65 -4.76 4.03
N ARG A 21 1.18 -4.70 5.25
CA ARG A 21 1.23 -5.88 6.12
C ARG A 21 0.69 -5.55 7.50
N LYS A 22 0.63 -6.55 8.37
CA LYS A 22 0.14 -6.38 9.73
C LYS A 22 -1.29 -5.84 9.71
N LEU A 23 -2.11 -6.37 8.82
CA LEU A 23 -3.50 -5.94 8.70
C LEU A 23 -4.32 -6.40 9.91
N PRO A 24 -5.24 -5.55 10.37
CA PRO A 24 -6.09 -5.85 11.51
C PRO A 24 -6.73 -7.23 11.41
N GLY A 25 -6.96 -7.85 12.56
CA GLY A 25 -7.56 -9.18 12.58
C GLY A 25 -8.94 -9.19 11.95
N GLU A 26 -9.07 -9.88 10.82
CA GLU A 26 -10.34 -9.97 10.12
C GLU A 26 -10.77 -8.60 9.58
N VAL A 27 -9.83 -7.92 8.93
CA VAL A 27 -10.10 -6.60 8.36
C VAL A 27 -10.79 -6.72 7.01
N THR A 28 -11.63 -5.74 6.70
CA THR A 28 -12.35 -5.73 5.43
C THR A 28 -11.74 -4.74 4.45
N GLU A 29 -11.76 -5.09 3.17
CA GLU A 29 -11.21 -4.23 2.14
C GLU A 29 -11.67 -2.78 2.32
N THR A 30 -12.97 -2.60 2.55
CA THR A 30 -13.53 -1.27 2.75
C THR A 30 -12.62 -0.42 3.62
N GLU A 31 -12.00 -1.03 4.62
CA GLU A 31 -11.09 -0.32 5.51
C GLU A 31 -9.92 0.29 4.74
N VAL A 32 -9.06 -0.58 4.21
CA VAL A 32 -7.90 -0.13 3.45
C VAL A 32 -8.31 0.81 2.33
N ILE A 33 -9.43 0.51 1.68
CA ILE A 33 -9.93 1.33 0.59
C ILE A 33 -10.24 2.75 1.06
N ALA A 34 -11.06 2.84 2.10
CA ALA A 34 -11.43 4.14 2.66
C ALA A 34 -10.20 4.94 3.07
N LEU A 35 -9.06 4.26 3.17
CA LEU A 35 -7.81 4.91 3.55
C LEU A 35 -7.01 5.31 2.31
N GLY A 36 -7.35 4.72 1.17
CA GLY A 36 -6.66 5.03 -0.06
C GLY A 36 -7.46 5.95 -0.96
N LEU A 37 -8.68 6.25 -0.55
CA LEU A 37 -9.56 7.13 -1.33
C LEU A 37 -9.15 8.59 -1.18
N PRO A 38 -8.81 8.98 0.07
CA PRO A 38 -8.39 10.35 0.38
C PRO A 38 -7.33 10.87 -0.59
N PHE A 39 -6.44 9.98 -1.02
CA PHE A 39 -5.38 10.34 -1.95
C PHE A 39 -5.90 10.35 -3.39
N GLY A 40 -6.54 9.25 -3.78
CA GLY A 40 -7.07 9.14 -5.12
C GLY A 40 -8.20 8.13 -5.22
N LYS A 41 -8.30 7.48 -6.38
CA LYS A 41 -9.35 6.49 -6.60
C LYS A 41 -8.74 5.10 -6.74
N VAL A 42 -9.39 4.11 -6.12
CA VAL A 42 -8.92 2.74 -6.17
C VAL A 42 -9.35 2.06 -7.47
N THR A 43 -8.38 1.52 -8.21
CA THR A 43 -8.66 0.85 -9.46
C THR A 43 -8.53 -0.67 -9.33
N ASN A 44 -7.60 -1.09 -8.46
CA ASN A 44 -7.38 -2.52 -8.24
C ASN A 44 -6.84 -2.76 -6.83
N ILE A 45 -7.42 -3.74 -6.15
CA ILE A 45 -6.99 -4.09 -4.80
C ILE A 45 -6.91 -5.59 -4.61
N LEU A 46 -6.04 -6.02 -3.71
CA LEU A 46 -5.88 -7.45 -3.42
C LEU A 46 -5.78 -7.70 -1.92
N MET A 47 -6.69 -8.51 -1.40
CA MET A 47 -6.70 -8.83 0.02
C MET A 47 -6.42 -10.32 0.24
N LEU A 48 -5.22 -10.62 0.72
CA LEU A 48 -4.82 -12.00 0.97
C LEU A 48 -5.21 -12.42 2.39
N LYS A 49 -6.37 -13.04 2.52
CA LYS A 49 -6.86 -13.50 3.81
C LYS A 49 -6.05 -14.70 4.31
N GLY A 50 -4.83 -14.42 4.78
CA GLY A 50 -3.97 -15.48 5.27
C GLY A 50 -2.74 -14.95 5.97
N LYS A 51 -1.85 -14.32 5.20
CA LYS A 51 -0.62 -13.77 5.76
C LYS A 51 -0.80 -12.29 6.11
N ASN A 52 -2.04 -11.91 6.42
CA ASN A 52 -2.35 -10.54 6.78
C ASN A 52 -1.63 -9.56 5.85
N GLN A 53 -1.70 -9.83 4.55
CA GLN A 53 -1.06 -8.97 3.55
C GLN A 53 -2.05 -8.59 2.46
N ALA A 54 -1.86 -7.40 1.89
CA ALA A 54 -2.73 -6.91 0.84
C ALA A 54 -1.99 -5.94 -0.08
N PHE A 55 -2.52 -5.73 -1.28
CA PHE A 55 -1.92 -4.83 -2.24
C PHE A 55 -2.96 -3.87 -2.83
N LEU A 56 -2.68 -2.58 -2.72
CA LEU A 56 -3.59 -1.56 -3.24
C LEU A 56 -3.00 -0.88 -4.47
N GLU A 57 -3.86 -0.55 -5.43
CA GLU A 57 -3.43 0.11 -6.66
C GLU A 57 -4.31 1.30 -6.98
N LEU A 58 -3.74 2.50 -6.95
CA LEU A 58 -4.48 3.72 -7.24
C LEU A 58 -4.49 4.00 -8.74
N ALA A 59 -5.50 4.74 -9.19
CA ALA A 59 -5.62 5.09 -10.59
C ALA A 59 -4.26 5.34 -11.23
N THR A 60 -3.44 6.15 -10.56
CA THR A 60 -2.10 6.47 -11.05
C THR A 60 -1.07 6.36 -9.94
N GLU A 61 0.18 6.13 -10.32
CA GLU A 61 1.27 6.00 -9.36
C GLU A 61 1.46 7.30 -8.58
N GLU A 62 0.92 8.39 -9.12
CA GLU A 62 1.05 9.69 -8.48
C GLU A 62 0.37 9.68 -7.11
N ALA A 63 -0.86 9.20 -7.07
CA ALA A 63 -1.62 9.13 -5.82
C ALA A 63 -0.96 8.17 -4.83
N ALA A 64 -0.21 7.22 -5.36
CA ALA A 64 0.47 6.24 -4.52
C ALA A 64 1.64 6.87 -3.78
N ILE A 65 2.57 7.46 -4.53
CA ILE A 65 3.74 8.09 -3.94
C ILE A 65 3.34 9.05 -2.82
N THR A 66 2.37 9.91 -3.11
CA THR A 66 1.89 10.87 -2.12
C THR A 66 1.35 10.17 -0.88
N MET A 67 0.53 9.15 -1.10
CA MET A 67 -0.06 8.39 0.00
C MET A 67 1.00 8.05 1.05
N VAL A 68 2.02 7.30 0.64
CA VAL A 68 3.09 6.90 1.54
C VAL A 68 3.74 8.12 2.19
N ASN A 69 4.03 9.13 1.38
CA ASN A 69 4.65 10.36 1.89
C ASN A 69 3.92 10.87 3.12
N TYR A 70 2.60 10.96 3.02
CA TYR A 70 1.78 11.44 4.13
C TYR A 70 1.98 10.58 5.37
N TYR A 71 2.33 9.32 5.15
CA TYR A 71 2.54 8.39 6.26
C TYR A 71 3.97 8.52 6.80
N SER A 72 4.89 8.86 5.92
CA SER A 72 6.29 9.01 6.30
C SER A 72 6.41 9.72 7.64
N ALA A 73 5.54 10.70 7.86
CA ALA A 73 5.55 11.47 9.11
C ALA A 73 4.41 11.03 10.03
N VAL A 74 3.23 10.83 9.45
CA VAL A 74 2.06 10.41 10.21
C VAL A 74 2.02 8.89 10.34
N THR A 75 1.75 8.42 11.56
CA THR A 75 1.69 6.98 11.83
C THR A 75 0.23 6.52 11.94
N PRO A 76 -0.25 5.82 10.91
CA PRO A 76 -1.62 5.30 10.87
C PRO A 76 -1.79 4.04 11.71
N HIS A 77 -2.97 3.86 12.27
CA HIS A 77 -3.25 2.69 13.10
C HIS A 77 -4.68 2.20 12.87
N LEU A 78 -4.82 1.00 12.34
CA LEU A 78 -6.12 0.41 12.08
C LEU A 78 -6.62 -0.38 13.28
N ARG A 79 -7.92 -0.37 13.49
CA ARG A 79 -8.53 -1.09 14.60
C ARG A 79 -7.71 -0.91 15.88
N ASN A 80 -7.22 0.31 16.09
CA ASN A 80 -6.42 0.63 17.27
C ASN A 80 -5.13 -0.19 17.29
N GLN A 81 -4.43 -0.20 16.15
CA GLN A 81 -3.18 -0.93 16.04
C GLN A 81 -2.41 -0.50 14.79
N PRO A 82 -1.10 -0.26 14.97
CA PRO A 82 -0.22 0.16 13.87
C PRO A 82 -0.39 -0.70 12.63
N ILE A 83 0.13 -0.22 11.50
CA ILE A 83 0.03 -0.95 10.24
C ILE A 83 1.30 -0.77 9.41
N TYR A 84 1.58 -1.74 8.55
CA TYR A 84 2.76 -1.69 7.69
C TYR A 84 2.40 -1.19 6.30
N ILE A 85 3.08 -0.13 5.86
CA ILE A 85 2.83 0.44 4.55
C ILE A 85 4.14 0.71 3.81
N GLN A 86 4.25 0.19 2.60
CA GLN A 86 5.45 0.37 1.79
C GLN A 86 5.16 0.09 0.31
N TYR A 87 6.19 0.25 -0.52
CA TYR A 87 6.03 0.01 -1.95
C TYR A 87 6.05 -1.49 -2.26
N SER A 88 5.32 -1.87 -3.29
CA SER A 88 5.25 -3.28 -3.70
C SER A 88 6.51 -3.70 -4.44
N ASN A 89 6.85 -4.98 -4.34
CA ASN A 89 8.04 -5.50 -5.01
C ASN A 89 7.79 -5.71 -6.49
N HIS A 90 6.61 -6.24 -6.82
CA HIS A 90 6.24 -6.48 -8.20
C HIS A 90 5.78 -5.20 -8.88
N LYS A 91 6.17 -5.03 -10.14
CA LYS A 91 5.80 -3.84 -10.91
C LYS A 91 4.29 -3.78 -11.10
N GLU A 92 3.72 -4.88 -11.57
CA GLU A 92 2.28 -4.94 -11.81
C GLU A 92 1.58 -5.76 -10.73
N LEU A 93 0.35 -5.40 -10.42
CA LEU A 93 -0.43 -6.10 -9.40
C LEU A 93 -0.53 -7.58 -9.73
N LYS A 94 -1.19 -7.90 -10.84
CA LYS A 94 -1.37 -9.28 -11.27
C LYS A 94 -0.07 -9.85 -11.81
N THR A 95 0.59 -10.68 -11.02
CA THR A 95 1.85 -11.30 -11.43
C THR A 95 1.69 -12.07 -12.74
N SER A 96 2.63 -11.88 -13.64
CA SER A 96 2.60 -12.55 -14.94
C SER A 96 3.35 -13.88 -14.88
N GLY A 97 2.65 -14.97 -15.14
CA GLY A 97 3.25 -16.29 -15.11
C GLY A 97 3.87 -16.66 -16.44
N PRO A 98 3.83 -17.96 -16.78
CA PRO A 98 4.39 -18.48 -18.02
C PRO A 98 3.99 -17.63 -19.23
N SER A 99 4.98 -17.30 -20.07
CA SER A 99 4.74 -16.49 -21.25
C SER A 99 4.80 -17.34 -22.52
N SER A 100 4.28 -16.80 -23.61
CA SER A 100 4.26 -17.51 -24.88
C SER A 100 3.79 -16.59 -26.01
N GLY A 101 3.89 -17.08 -27.24
CA GLY A 101 3.47 -16.30 -28.39
C GLY A 101 1.97 -16.15 -28.47
N GLY A 1 3.51 -3.08 21.58
CA GLY A 1 3.98 -2.60 20.29
C GLY A 1 5.29 -3.23 19.88
N SER A 2 5.53 -3.28 18.57
CA SER A 2 6.75 -3.88 18.04
C SER A 2 7.64 -2.81 17.40
N SER A 3 8.95 -2.98 17.52
CA SER A 3 9.91 -2.03 16.96
C SER A 3 10.27 -2.41 15.53
N GLY A 4 10.75 -3.64 15.36
CA GLY A 4 11.14 -4.10 14.03
C GLY A 4 12.31 -3.32 13.46
N SER A 5 12.06 -2.60 12.36
CA SER A 5 13.09 -1.81 11.72
C SER A 5 12.48 -0.70 10.86
N SER A 6 12.72 0.54 11.25
CA SER A 6 12.20 1.69 10.53
C SER A 6 13.25 2.79 10.40
N GLY A 7 13.30 3.41 9.23
CA GLY A 7 14.27 4.47 8.99
C GLY A 7 15.06 4.27 7.72
N ASP A 8 14.36 3.90 6.64
CA ASP A 8 15.01 3.67 5.35
C ASP A 8 14.10 4.09 4.20
N LYS A 9 14.69 4.65 3.16
CA LYS A 9 13.93 5.08 2.00
C LYS A 9 14.76 4.95 0.71
N MET A 10 14.09 4.96 -0.42
CA MET A 10 14.76 4.83 -1.71
C MET A 10 14.01 5.61 -2.80
N ASP A 11 14.72 6.01 -3.84
CA ASP A 11 14.12 6.76 -4.94
C ASP A 11 14.58 6.20 -6.28
N GLY A 12 13.63 5.82 -7.12
CA GLY A 12 13.95 5.27 -8.42
C GLY A 12 12.77 5.28 -9.37
N ALA A 13 12.09 4.15 -9.47
CA ALA A 13 10.93 4.02 -10.34
C ALA A 13 9.66 3.80 -9.54
N PRO A 14 9.15 4.88 -8.93
CA PRO A 14 7.93 4.83 -8.12
C PRO A 14 6.81 4.04 -8.80
N SER A 15 6.61 2.81 -8.36
CA SER A 15 5.58 1.95 -8.93
C SER A 15 4.19 2.44 -8.54
N ARG A 16 3.20 2.10 -9.36
CA ARG A 16 1.82 2.51 -9.10
C ARG A 16 1.12 1.51 -8.20
N VAL A 17 1.89 0.90 -7.29
CA VAL A 17 1.33 -0.09 -6.36
C VAL A 17 1.87 0.12 -4.95
N LEU A 18 1.04 -0.16 -3.96
CA LEU A 18 1.43 0.01 -2.56
C LEU A 18 1.14 -1.27 -1.76
N HIS A 19 2.19 -1.85 -1.20
CA HIS A 19 2.05 -3.07 -0.40
C HIS A 19 1.87 -2.74 1.08
N ILE A 20 0.95 -3.43 1.72
CA ILE A 20 0.68 -3.21 3.14
C ILE A 20 0.68 -4.53 3.91
N ARG A 21 1.28 -4.50 5.10
CA ARG A 21 1.35 -5.70 5.94
C ARG A 21 0.77 -5.42 7.33
N LYS A 22 0.85 -6.41 8.20
CA LYS A 22 0.33 -6.29 9.56
C LYS A 22 -1.08 -5.71 9.55
N LEU A 23 -1.93 -6.24 8.68
CA LEU A 23 -3.31 -5.79 8.57
C LEU A 23 -4.10 -6.16 9.81
N PRO A 24 -4.97 -5.25 10.27
CA PRO A 24 -5.80 -5.46 11.45
C PRO A 24 -6.51 -6.81 11.43
N GLY A 25 -6.63 -7.43 12.59
CA GLY A 25 -7.28 -8.73 12.68
C GLY A 25 -8.68 -8.72 12.10
N GLU A 26 -8.90 -9.56 11.09
CA GLU A 26 -10.21 -9.63 10.44
C GLU A 26 -10.62 -8.27 9.89
N VAL A 27 -9.76 -7.69 9.06
CA VAL A 27 -10.02 -6.39 8.46
C VAL A 27 -10.75 -6.54 7.12
N THR A 28 -11.44 -5.48 6.71
CA THR A 28 -12.17 -5.50 5.45
C THR A 28 -11.60 -4.48 4.46
N GLU A 29 -11.65 -4.83 3.18
CA GLU A 29 -11.13 -3.95 2.13
C GLU A 29 -11.62 -2.51 2.34
N THR A 30 -12.88 -2.38 2.74
CA THR A 30 -13.47 -1.07 2.97
C THR A 30 -12.53 -0.17 3.75
N GLU A 31 -11.73 -0.77 4.63
CA GLU A 31 -10.78 -0.02 5.43
C GLU A 31 -9.66 0.56 4.57
N VAL A 32 -8.93 -0.33 3.90
CA VAL A 32 -7.83 0.09 3.04
C VAL A 32 -8.32 1.02 1.94
N ILE A 33 -9.55 0.81 1.50
CA ILE A 33 -10.14 1.63 0.44
C ILE A 33 -10.45 3.03 0.96
N ALA A 34 -11.30 3.11 1.98
CA ALA A 34 -11.68 4.39 2.56
C ALA A 34 -10.45 5.20 2.94
N LEU A 35 -9.30 4.54 3.01
CA LEU A 35 -8.06 5.21 3.36
C LEU A 35 -7.26 5.57 2.11
N GLY A 36 -7.52 4.86 1.03
CA GLY A 36 -6.81 5.11 -0.22
C GLY A 36 -7.58 6.04 -1.14
N LEU A 37 -8.87 6.23 -0.84
CA LEU A 37 -9.72 7.10 -1.65
C LEU A 37 -9.31 8.55 -1.50
N PRO A 38 -9.00 8.96 -0.26
CA PRO A 38 -8.59 10.33 0.05
C PRO A 38 -7.51 10.84 -0.90
N PHE A 39 -6.61 9.94 -1.30
CA PHE A 39 -5.53 10.30 -2.21
C PHE A 39 -5.95 10.08 -3.66
N GLY A 40 -6.47 8.89 -3.95
CA GLY A 40 -6.90 8.58 -5.30
C GLY A 40 -7.89 7.42 -5.34
N LYS A 41 -8.45 7.17 -6.52
CA LYS A 41 -9.41 6.09 -6.70
C LYS A 41 -8.70 4.73 -6.72
N VAL A 42 -9.40 3.71 -6.24
CA VAL A 42 -8.84 2.36 -6.21
C VAL A 42 -9.28 1.56 -7.43
N THR A 43 -8.32 1.16 -8.26
CA THR A 43 -8.62 0.39 -9.47
C THR A 43 -8.36 -1.09 -9.23
N ASN A 44 -7.23 -1.40 -8.61
CA ASN A 44 -6.86 -2.79 -8.33
C ASN A 44 -6.51 -2.98 -6.86
N ILE A 45 -6.99 -4.06 -6.27
CA ILE A 45 -6.73 -4.36 -4.87
C ILE A 45 -6.55 -5.85 -4.65
N LEU A 46 -5.65 -6.21 -3.73
CA LEU A 46 -5.40 -7.61 -3.42
C LEU A 46 -5.38 -7.83 -1.91
N MET A 47 -6.36 -8.57 -1.42
CA MET A 47 -6.46 -8.87 0.01
C MET A 47 -6.28 -10.36 0.27
N LEU A 48 -5.21 -10.70 0.98
CA LEU A 48 -4.90 -12.10 1.30
C LEU A 48 -5.68 -12.54 2.53
N LYS A 49 -6.39 -13.66 2.40
CA LYS A 49 -7.17 -14.20 3.52
C LYS A 49 -6.27 -14.75 4.60
N GLY A 50 -5.39 -15.69 4.21
CA GLY A 50 -4.48 -16.29 5.16
C GLY A 50 -3.57 -15.26 5.82
N LYS A 51 -2.40 -15.05 5.21
CA LYS A 51 -1.43 -14.10 5.74
C LYS A 51 -2.04 -12.70 5.83
N ASN A 52 -1.53 -11.90 6.75
CA ASN A 52 -2.02 -10.54 6.94
C ASN A 52 -1.31 -9.56 6.01
N GLN A 53 -1.58 -9.69 4.71
CA GLN A 53 -0.97 -8.82 3.72
C GLN A 53 -1.96 -8.46 2.62
N ALA A 54 -1.84 -7.25 2.08
CA ALA A 54 -2.72 -6.79 1.02
C ALA A 54 -2.05 -5.74 0.16
N PHE A 55 -2.25 -5.83 -1.15
CA PHE A 55 -1.66 -4.88 -2.09
C PHE A 55 -2.72 -3.97 -2.68
N LEU A 56 -2.50 -2.66 -2.58
CA LEU A 56 -3.45 -1.68 -3.11
C LEU A 56 -2.85 -0.94 -4.30
N GLU A 57 -3.71 -0.52 -5.22
CA GLU A 57 -3.27 0.21 -6.40
C GLU A 57 -4.20 1.37 -6.72
N LEU A 58 -3.61 2.54 -6.96
CA LEU A 58 -4.40 3.73 -7.26
C LEU A 58 -4.37 4.03 -8.76
N ALA A 59 -5.37 4.76 -9.23
CA ALA A 59 -5.46 5.12 -10.64
C ALA A 59 -4.08 5.40 -11.22
N THR A 60 -3.35 6.34 -10.61
CA THR A 60 -2.02 6.69 -11.07
C THR A 60 -1.02 6.64 -9.93
N GLU A 61 0.26 6.49 -10.28
CA GLU A 61 1.32 6.43 -9.28
C GLU A 61 1.36 7.71 -8.45
N GLU A 62 1.00 8.83 -9.08
CA GLU A 62 1.00 10.11 -8.40
C GLU A 62 0.19 10.05 -7.10
N ALA A 63 -0.94 9.36 -7.15
CA ALA A 63 -1.80 9.22 -5.98
C ALA A 63 -1.13 8.37 -4.91
N ALA A 64 -0.57 7.24 -5.32
CA ALA A 64 0.10 6.34 -4.39
C ALA A 64 1.27 7.04 -3.70
N ILE A 65 2.21 7.56 -4.50
CA ILE A 65 3.37 8.26 -3.96
C ILE A 65 2.98 9.18 -2.82
N THR A 66 2.00 10.05 -3.08
CA THR A 66 1.53 11.00 -2.07
C THR A 66 1.03 10.27 -0.82
N MET A 67 0.25 9.22 -1.03
CA MET A 67 -0.30 8.44 0.06
C MET A 67 0.81 8.02 1.03
N VAL A 68 1.69 7.13 0.56
CA VAL A 68 2.79 6.65 1.39
C VAL A 68 3.40 7.78 2.22
N ASN A 69 3.89 8.81 1.54
CA ASN A 69 4.49 9.95 2.22
C ASN A 69 3.66 10.36 3.42
N TYR A 70 2.43 10.77 3.17
CA TYR A 70 1.52 11.19 4.24
C TYR A 70 1.73 10.36 5.49
N TYR A 71 2.04 9.08 5.30
CA TYR A 71 2.26 8.17 6.42
C TYR A 71 3.73 8.14 6.81
N SER A 72 4.61 8.27 5.82
CA SER A 72 6.05 8.26 6.05
C SER A 72 6.39 9.00 7.35
N ALA A 73 5.69 10.10 7.59
CA ALA A 73 5.91 10.90 8.80
C ALA A 73 4.85 10.61 9.86
N VAL A 74 3.61 10.45 9.41
CA VAL A 74 2.51 10.16 10.32
C VAL A 74 2.27 8.66 10.45
N THR A 75 2.18 8.18 11.68
CA THR A 75 1.96 6.77 11.94
C THR A 75 0.50 6.49 12.27
N PRO A 76 -0.24 5.91 11.31
CA PRO A 76 -1.65 5.59 11.48
C PRO A 76 -1.86 4.36 12.35
N HIS A 77 -3.13 4.04 12.63
CA HIS A 77 -3.47 2.89 13.44
C HIS A 77 -4.92 2.48 13.23
N LEU A 78 -5.13 1.25 12.77
CA LEU A 78 -6.47 0.74 12.53
C LEU A 78 -6.92 -0.17 13.67
N ARG A 79 -8.15 0.04 14.13
CA ARG A 79 -8.71 -0.75 15.22
C ARG A 79 -7.70 -0.88 16.36
N ASN A 80 -7.04 0.23 16.69
CA ASN A 80 -6.06 0.23 17.77
C ASN A 80 -4.89 -0.69 17.45
N GLN A 81 -4.43 -0.64 16.20
CA GLN A 81 -3.32 -1.48 15.76
C GLN A 81 -2.55 -0.80 14.63
N PRO A 82 -1.21 -0.90 14.69
CA PRO A 82 -0.32 -0.31 13.68
C PRO A 82 -0.33 -1.09 12.37
N ILE A 83 -0.19 -0.37 11.26
CA ILE A 83 -0.18 -1.00 9.95
C ILE A 83 1.14 -0.74 9.22
N TYR A 84 1.48 -1.61 8.28
CA TYR A 84 2.71 -1.48 7.52
C TYR A 84 2.43 -0.97 6.10
N ILE A 85 3.21 0.00 5.66
CA ILE A 85 3.04 0.56 4.32
C ILE A 85 4.38 0.71 3.62
N GLN A 86 4.52 0.07 2.46
CA GLN A 86 5.75 0.13 1.69
C GLN A 86 5.48 -0.10 0.21
N TYR A 87 6.41 0.31 -0.63
CA TYR A 87 6.28 0.15 -2.08
C TYR A 87 6.45 -1.31 -2.48
N SER A 88 5.99 -1.65 -3.68
CA SER A 88 6.09 -3.01 -4.18
C SER A 88 7.31 -3.17 -5.09
N ASN A 89 8.07 -4.23 -4.86
CA ASN A 89 9.26 -4.50 -5.65
C ASN A 89 9.06 -5.71 -6.56
N HIS A 90 8.55 -6.79 -5.98
CA HIS A 90 8.31 -8.02 -6.73
C HIS A 90 6.81 -8.32 -6.80
N LYS A 91 6.13 -8.15 -5.68
CA LYS A 91 4.69 -8.39 -5.60
C LYS A 91 3.90 -7.22 -6.17
N GLU A 92 4.28 -6.78 -7.36
CA GLU A 92 3.60 -5.66 -8.01
C GLU A 92 2.40 -6.14 -8.82
N LEU A 93 1.27 -5.48 -8.64
CA LEU A 93 0.05 -5.83 -9.36
C LEU A 93 0.22 -5.64 -10.86
N LYS A 94 -0.46 -6.47 -11.64
CA LYS A 94 -0.39 -6.39 -13.10
C LYS A 94 -1.49 -7.22 -13.74
N THR A 95 -2.16 -6.65 -14.73
CA THR A 95 -3.24 -7.35 -15.44
C THR A 95 -2.70 -8.55 -16.20
N SER A 96 -3.33 -9.70 -16.02
CA SER A 96 -2.91 -10.92 -16.69
C SER A 96 -4.10 -11.83 -16.96
N GLY A 97 -3.99 -12.66 -18.00
CA GLY A 97 -5.07 -13.57 -18.35
C GLY A 97 -5.10 -13.88 -19.83
N PRO A 98 -4.57 -15.06 -20.20
CA PRO A 98 -4.52 -15.51 -21.59
C PRO A 98 -5.89 -15.96 -22.10
N SER A 99 -6.91 -15.16 -21.84
CA SER A 99 -8.27 -15.49 -22.27
C SER A 99 -8.72 -16.81 -21.67
N SER A 100 -8.51 -16.97 -20.37
CA SER A 100 -8.89 -18.20 -19.67
C SER A 100 -9.84 -17.89 -18.53
N GLY A 101 -10.99 -18.55 -18.53
CA GLY A 101 -11.98 -18.34 -17.48
C GLY A 101 -12.73 -17.03 -17.65
N GLY A 1 15.01 -6.61 20.61
CA GLY A 1 14.75 -5.74 19.48
C GLY A 1 14.65 -4.29 19.88
N SER A 2 13.42 -3.76 19.87
CA SER A 2 13.19 -2.37 20.23
C SER A 2 14.04 -1.43 19.37
N SER A 3 14.11 -1.74 18.08
CA SER A 3 14.89 -0.93 17.15
C SER A 3 13.99 -0.32 16.08
N GLY A 4 13.10 -1.13 15.52
CA GLY A 4 12.20 -0.65 14.49
C GLY A 4 12.74 -0.85 13.10
N SER A 5 11.86 -0.75 12.10
CA SER A 5 12.26 -0.93 10.71
C SER A 5 11.97 0.32 9.89
N SER A 6 10.77 0.85 10.04
CA SER A 6 10.37 2.05 9.32
C SER A 6 11.16 3.27 9.78
N GLY A 7 12.30 3.51 9.14
CA GLY A 7 13.13 4.64 9.51
C GLY A 7 14.25 4.88 8.51
N ASP A 8 13.90 4.92 7.24
CA ASP A 8 14.88 5.14 6.18
C ASP A 8 14.25 5.81 4.97
N LYS A 9 15.07 6.38 4.10
CA LYS A 9 14.59 7.05 2.91
C LYS A 9 14.98 6.28 1.65
N MET A 10 14.04 5.49 1.12
CA MET A 10 14.29 4.71 -0.09
C MET A 10 13.49 5.24 -1.26
N ASP A 11 14.13 6.02 -2.12
CA ASP A 11 13.47 6.59 -3.28
C ASP A 11 14.25 6.29 -4.56
N GLY A 12 13.96 5.14 -5.16
CA GLY A 12 14.65 4.75 -6.38
C GLY A 12 13.69 4.54 -7.54
N ALA A 13 12.98 3.43 -7.53
CA ALA A 13 12.03 3.11 -8.59
C ALA A 13 10.64 2.82 -8.03
N PRO A 14 9.90 3.89 -7.73
CA PRO A 14 8.54 3.78 -7.17
C PRO A 14 7.67 2.80 -7.95
N SER A 15 6.41 2.68 -7.56
CA SER A 15 5.47 1.77 -8.22
C SER A 15 4.04 2.12 -7.87
N ARG A 16 3.14 1.97 -8.84
CA ARG A 16 1.73 2.27 -8.63
C ARG A 16 1.13 1.35 -7.57
N VAL A 17 1.62 0.13 -7.50
CA VAL A 17 1.14 -0.85 -6.53
C VAL A 17 1.94 -0.77 -5.24
N LEU A 18 1.24 -0.76 -4.11
CA LEU A 18 1.90 -0.68 -2.80
C LEU A 18 1.61 -1.95 -2.00
N HIS A 19 2.54 -2.28 -1.10
CA HIS A 19 2.39 -3.47 -0.26
C HIS A 19 2.17 -3.08 1.20
N ILE A 20 1.12 -3.63 1.80
CA ILE A 20 0.80 -3.33 3.19
C ILE A 20 0.79 -4.60 4.04
N ARG A 21 1.24 -4.49 5.28
CA ARG A 21 1.28 -5.63 6.19
C ARG A 21 0.85 -5.22 7.60
N LYS A 22 0.85 -6.18 8.51
CA LYS A 22 0.47 -5.92 9.90
C LYS A 22 -0.97 -5.43 9.97
N LEU A 23 -1.78 -5.82 8.99
CA LEU A 23 -3.18 -5.43 8.96
C LEU A 23 -4.00 -6.19 9.98
N PRO A 24 -4.99 -5.51 10.58
CA PRO A 24 -5.87 -6.12 11.60
C PRO A 24 -6.40 -7.47 11.17
N GLY A 25 -6.82 -8.28 12.13
CA GLY A 25 -7.34 -9.60 11.84
C GLY A 25 -8.70 -9.55 11.17
N GLU A 26 -8.87 -10.34 10.11
CA GLU A 26 -10.14 -10.38 9.39
C GLU A 26 -10.65 -8.96 9.11
N VAL A 27 -9.75 -8.09 8.65
CA VAL A 27 -10.11 -6.72 8.34
C VAL A 27 -10.82 -6.63 6.99
N THR A 28 -11.75 -5.68 6.90
CA THR A 28 -12.50 -5.48 5.66
C THR A 28 -11.77 -4.55 4.71
N GLU A 29 -12.11 -4.62 3.43
CA GLU A 29 -11.48 -3.78 2.42
C GLU A 29 -11.81 -2.31 2.66
N THR A 30 -13.09 -2.02 2.86
CA THR A 30 -13.54 -0.66 3.10
C THR A 30 -12.51 0.12 3.91
N GLU A 31 -11.82 -0.57 4.81
CA GLU A 31 -10.80 0.06 5.64
C GLU A 31 -9.63 0.55 4.80
N VAL A 32 -8.99 -0.38 4.10
CA VAL A 32 -7.85 -0.03 3.25
C VAL A 32 -8.28 0.84 2.08
N ILE A 33 -9.54 0.73 1.68
CA ILE A 33 -10.07 1.51 0.57
C ILE A 33 -10.27 2.97 0.98
N ALA A 34 -10.92 3.18 2.11
CA ALA A 34 -11.17 4.53 2.62
C ALA A 34 -9.87 5.22 2.99
N LEU A 35 -8.79 4.45 3.06
CA LEU A 35 -7.48 4.98 3.42
C LEU A 35 -6.70 5.40 2.18
N GLY A 36 -6.97 4.72 1.07
CA GLY A 36 -6.29 5.03 -0.18
C GLY A 36 -7.13 5.90 -1.10
N LEU A 37 -8.41 6.06 -0.75
CA LEU A 37 -9.32 6.86 -1.55
C LEU A 37 -9.09 8.35 -1.32
N PRO A 38 -8.89 8.72 -0.05
CA PRO A 38 -8.66 10.11 0.35
C PRO A 38 -7.61 10.80 -0.53
N PHE A 39 -6.66 10.00 -1.02
CA PHE A 39 -5.60 10.53 -1.87
C PHE A 39 -6.02 10.52 -3.34
N GLY A 40 -6.55 9.39 -3.80
CA GLY A 40 -6.99 9.28 -5.18
C GLY A 40 -8.13 8.29 -5.35
N LYS A 41 -8.13 7.58 -6.47
CA LYS A 41 -9.16 6.59 -6.75
C LYS A 41 -8.58 5.20 -6.79
N VAL A 42 -9.38 4.22 -6.38
CA VAL A 42 -8.95 2.82 -6.36
C VAL A 42 -9.51 2.06 -7.56
N THR A 43 -8.63 1.39 -8.29
CA THR A 43 -9.03 0.62 -9.47
C THR A 43 -8.84 -0.87 -9.23
N ASN A 44 -7.75 -1.24 -8.56
CA ASN A 44 -7.45 -2.63 -8.27
C ASN A 44 -6.89 -2.78 -6.86
N ILE A 45 -7.32 -3.84 -6.17
CA ILE A 45 -6.86 -4.10 -4.82
C ILE A 45 -6.63 -5.59 -4.60
N LEU A 46 -5.60 -5.92 -3.82
CA LEU A 46 -5.27 -7.31 -3.53
C LEU A 46 -5.20 -7.54 -2.03
N MET A 47 -6.11 -8.38 -1.52
CA MET A 47 -6.15 -8.70 -0.09
C MET A 47 -6.04 -10.20 0.13
N LEU A 48 -5.05 -10.61 0.91
CA LEU A 48 -4.85 -12.03 1.21
C LEU A 48 -5.92 -12.55 2.16
N LYS A 49 -6.52 -13.67 1.80
CA LYS A 49 -7.57 -14.28 2.61
C LYS A 49 -6.96 -15.06 3.78
N GLY A 50 -6.15 -14.37 4.58
CA GLY A 50 -5.53 -15.01 5.73
C GLY A 50 -4.40 -14.18 6.30
N LYS A 51 -3.23 -14.26 5.67
CA LYS A 51 -2.06 -13.52 6.12
C LYS A 51 -2.36 -12.02 6.18
N ASN A 52 -1.72 -11.34 7.13
CA ASN A 52 -1.92 -9.90 7.29
C ASN A 52 -1.15 -9.12 6.23
N GLN A 53 -1.55 -9.28 4.98
CA GLN A 53 -0.90 -8.59 3.87
C GLN A 53 -1.88 -8.30 2.75
N ALA A 54 -1.75 -7.14 2.12
CA ALA A 54 -2.62 -6.73 1.03
C ALA A 54 -2.02 -5.59 0.23
N PHE A 55 -2.11 -5.68 -1.09
CA PHE A 55 -1.58 -4.65 -1.97
C PHE A 55 -2.70 -3.75 -2.50
N LEU A 56 -2.33 -2.54 -2.89
CA LEU A 56 -3.30 -1.58 -3.42
C LEU A 56 -2.83 -1.01 -4.75
N GLU A 57 -3.78 -0.81 -5.67
CA GLU A 57 -3.46 -0.26 -6.98
C GLU A 57 -4.41 0.89 -7.34
N LEU A 58 -3.86 2.10 -7.37
CA LEU A 58 -4.66 3.29 -7.69
C LEU A 58 -4.57 3.60 -9.18
N ALA A 59 -5.44 4.50 -9.64
CA ALA A 59 -5.45 4.90 -11.04
C ALA A 59 -4.10 5.46 -11.47
N THR A 60 -3.62 6.46 -10.76
CA THR A 60 -2.33 7.08 -11.07
C THR A 60 -1.31 6.81 -9.97
N GLU A 61 -0.14 6.29 -10.37
CA GLU A 61 0.91 5.98 -9.41
C GLU A 61 1.15 7.16 -8.47
N GLU A 62 1.00 8.38 -8.98
CA GLU A 62 1.20 9.58 -8.19
C GLU A 62 0.47 9.47 -6.85
N ALA A 63 -0.81 9.16 -6.91
CA ALA A 63 -1.62 9.02 -5.70
C ALA A 63 -0.95 8.07 -4.70
N ALA A 64 -0.57 6.89 -5.18
CA ALA A 64 0.07 5.90 -4.33
C ALA A 64 1.30 6.49 -3.64
N ILE A 65 2.21 7.05 -4.43
CA ILE A 65 3.43 7.65 -3.88
C ILE A 65 3.10 8.68 -2.81
N THR A 66 2.18 9.59 -3.13
CA THR A 66 1.79 10.63 -2.20
C THR A 66 1.24 10.03 -0.92
N MET A 67 0.41 9.00 -1.04
CA MET A 67 -0.17 8.34 0.12
C MET A 67 0.90 7.94 1.12
N VAL A 68 1.91 7.21 0.66
CA VAL A 68 3.01 6.77 1.51
C VAL A 68 3.73 7.96 2.14
N ASN A 69 3.93 9.00 1.34
CA ASN A 69 4.61 10.21 1.82
C ASN A 69 3.83 10.86 2.96
N TYR A 70 2.58 11.20 2.69
CA TYR A 70 1.72 11.83 3.68
C TYR A 70 1.76 11.06 5.00
N TYR A 71 1.77 9.74 4.91
CA TYR A 71 1.81 8.89 6.09
C TYR A 71 3.23 8.81 6.66
N SER A 72 4.21 9.11 5.82
CA SER A 72 5.61 9.07 6.24
C SER A 72 5.80 9.77 7.58
N ALA A 73 5.07 10.87 7.77
CA ALA A 73 5.15 11.63 9.01
C ALA A 73 4.09 11.18 10.00
N VAL A 74 2.89 10.93 9.51
CA VAL A 74 1.79 10.50 10.36
C VAL A 74 1.67 8.97 10.36
N THR A 75 1.74 8.39 11.56
CA THR A 75 1.64 6.94 11.70
C THR A 75 0.24 6.52 12.12
N PRO A 76 -0.53 5.97 11.17
CA PRO A 76 -1.90 5.52 11.42
C PRO A 76 -1.94 4.21 12.20
N HIS A 77 -3.14 3.78 12.56
CA HIS A 77 -3.32 2.54 13.32
C HIS A 77 -4.75 2.04 13.21
N LEU A 78 -4.92 0.85 12.63
CA LEU A 78 -6.23 0.25 12.47
C LEU A 78 -6.50 -0.80 13.54
N ARG A 79 -7.75 -0.88 14.00
CA ARG A 79 -8.13 -1.84 15.02
C ARG A 79 -7.30 -1.65 16.29
N ASN A 80 -6.86 -0.42 16.52
CA ASN A 80 -6.06 -0.10 17.69
C ASN A 80 -4.66 -0.70 17.57
N GLN A 81 -4.17 -0.80 16.34
CA GLN A 81 -2.84 -1.36 16.09
C GLN A 81 -2.19 -0.69 14.88
N PRO A 82 -0.85 -0.60 14.91
CA PRO A 82 -0.08 0.01 13.82
C PRO A 82 -0.02 -0.87 12.58
N ILE A 83 -0.04 -0.25 11.41
CA ILE A 83 0.02 -0.98 10.15
C ILE A 83 1.37 -0.79 9.47
N TYR A 84 1.66 -1.65 8.50
CA TYR A 84 2.92 -1.59 7.77
C TYR A 84 2.69 -1.12 6.33
N ILE A 85 3.49 -0.16 5.90
CA ILE A 85 3.38 0.38 4.56
C ILE A 85 4.74 0.44 3.86
N GLN A 86 4.80 -0.05 2.63
CA GLN A 86 6.04 -0.05 1.87
C GLN A 86 5.77 -0.27 0.38
N TYR A 87 6.63 0.28 -0.46
CA TYR A 87 6.48 0.15 -1.91
C TYR A 87 6.62 -1.31 -2.33
N SER A 88 6.14 -1.61 -3.54
CA SER A 88 6.21 -2.96 -4.07
C SER A 88 7.16 -3.04 -5.26
N ASN A 89 7.42 -4.26 -5.72
CA ASN A 89 8.33 -4.47 -6.84
C ASN A 89 7.55 -4.59 -8.15
N HIS A 90 6.74 -5.64 -8.26
CA HIS A 90 5.93 -5.86 -9.45
C HIS A 90 4.45 -5.92 -9.11
N LYS A 91 4.04 -7.01 -8.47
CA LYS A 91 2.64 -7.20 -8.08
C LYS A 91 1.71 -6.67 -9.17
N GLU A 92 1.98 -7.04 -10.41
CA GLU A 92 1.16 -6.60 -11.53
C GLU A 92 -0.27 -7.12 -11.40
N LEU A 93 -1.10 -6.35 -10.69
CA LEU A 93 -2.49 -6.73 -10.48
C LEU A 93 -3.14 -7.21 -11.78
N LYS A 94 -3.00 -6.40 -12.84
CA LYS A 94 -3.55 -6.75 -14.14
C LYS A 94 -2.84 -7.96 -14.73
N THR A 95 -3.37 -9.15 -14.48
CA THR A 95 -2.78 -10.37 -14.99
C THR A 95 -3.66 -11.00 -16.06
N SER A 96 -3.04 -11.69 -17.01
CA SER A 96 -3.77 -12.33 -18.10
C SER A 96 -4.19 -13.75 -17.70
N GLY A 97 -3.19 -14.59 -17.42
CA GLY A 97 -3.46 -15.96 -17.03
C GLY A 97 -4.31 -16.05 -15.78
N PRO A 98 -5.13 -17.11 -15.68
CA PRO A 98 -6.00 -17.33 -14.52
C PRO A 98 -5.24 -17.87 -13.31
N SER A 99 -4.05 -17.32 -13.07
CA SER A 99 -3.23 -17.74 -11.95
C SER A 99 -3.82 -17.26 -10.63
N SER A 100 -3.43 -17.92 -9.54
CA SER A 100 -3.93 -17.55 -8.22
C SER A 100 -3.29 -16.25 -7.73
N GLY A 101 -4.05 -15.17 -7.80
CA GLY A 101 -3.55 -13.88 -7.37
C GLY A 101 -4.30 -12.72 -8.00
N GLY A 1 18.07 5.55 7.93
CA GLY A 1 19.26 5.90 8.68
C GLY A 1 20.42 6.29 7.78
N SER A 2 21.55 5.59 7.92
CA SER A 2 22.73 5.88 7.11
C SER A 2 23.19 4.65 6.35
N SER A 3 22.82 4.58 5.08
CA SER A 3 23.19 3.45 4.23
C SER A 3 24.67 3.11 4.39
N GLY A 4 24.99 1.82 4.40
CA GLY A 4 26.36 1.39 4.54
C GLY A 4 26.48 -0.11 4.75
N SER A 5 26.00 -0.88 3.78
CA SER A 5 26.05 -2.33 3.87
C SER A 5 26.23 -2.96 2.48
N SER A 6 26.75 -4.18 2.46
CA SER A 6 26.98 -4.87 1.21
C SER A 6 25.70 -4.90 0.36
N GLY A 7 25.87 -4.91 -0.96
CA GLY A 7 24.72 -4.94 -1.85
C GLY A 7 24.01 -3.60 -1.93
N ASP A 8 24.62 -2.66 -2.63
CA ASP A 8 24.04 -1.33 -2.78
C ASP A 8 23.47 -1.13 -4.19
N LYS A 9 22.79 -2.16 -4.68
CA LYS A 9 22.19 -2.10 -6.01
C LYS A 9 20.78 -1.54 -5.95
N MET A 10 20.39 -0.83 -7.00
CA MET A 10 19.05 -0.24 -7.07
C MET A 10 18.74 0.24 -8.49
N ASP A 11 17.50 0.05 -8.91
CA ASP A 11 17.08 0.46 -10.24
C ASP A 11 16.63 1.92 -10.25
N GLY A 12 15.72 2.26 -9.34
CA GLY A 12 15.23 3.62 -9.26
C GLY A 12 14.01 3.86 -10.13
N ALA A 13 12.84 3.50 -9.63
CA ALA A 13 11.60 3.67 -10.38
C ALA A 13 10.39 3.35 -9.52
N PRO A 14 9.67 4.41 -9.08
CA PRO A 14 8.49 4.26 -8.24
C PRO A 14 7.52 3.21 -8.78
N SER A 15 6.56 2.81 -7.95
CA SER A 15 5.57 1.80 -8.34
C SER A 15 4.16 2.29 -8.05
N ARG A 16 3.20 1.86 -8.86
CA ARG A 16 1.81 2.24 -8.69
C ARG A 16 1.16 1.45 -7.57
N VAL A 17 1.54 0.18 -7.45
CA VAL A 17 1.00 -0.69 -6.42
C VAL A 17 1.75 -0.53 -5.11
N LEU A 18 1.02 -0.58 -4.01
CA LEU A 18 1.62 -0.44 -2.68
C LEU A 18 1.44 -1.71 -1.86
N HIS A 19 2.51 -2.14 -1.20
CA HIS A 19 2.46 -3.34 -0.37
C HIS A 19 2.16 -3.00 1.09
N ILE A 20 1.14 -3.65 1.64
CA ILE A 20 0.75 -3.41 3.03
C ILE A 20 0.75 -4.70 3.83
N ARG A 21 1.22 -4.62 5.07
CA ARG A 21 1.28 -5.78 5.94
C ARG A 21 0.79 -5.43 7.35
N LYS A 22 0.74 -6.43 8.22
CA LYS A 22 0.29 -6.23 9.59
C LYS A 22 -1.14 -5.70 9.63
N LEU A 23 -1.98 -6.24 8.75
CA LEU A 23 -3.38 -5.82 8.69
C LEU A 23 -4.18 -6.40 9.85
N PRO A 24 -5.06 -5.59 10.44
CA PRO A 24 -5.90 -6.01 11.56
C PRO A 24 -6.58 -7.35 11.30
N GLY A 25 -7.20 -7.90 12.34
CA GLY A 25 -7.89 -9.18 12.22
C GLY A 25 -9.30 -9.04 11.67
N GLU A 26 -9.65 -9.88 10.71
CA GLU A 26 -10.98 -9.83 10.11
C GLU A 26 -11.28 -8.44 9.57
N VAL A 27 -10.31 -7.84 8.89
CA VAL A 27 -10.48 -6.50 8.32
C VAL A 27 -11.08 -6.58 6.93
N THR A 28 -11.97 -5.64 6.64
CA THR A 28 -12.62 -5.58 5.34
C THR A 28 -11.94 -4.58 4.41
N GLU A 29 -11.66 -5.02 3.18
CA GLU A 29 -11.00 -4.17 2.20
C GLU A 29 -11.49 -2.72 2.32
N THR A 30 -12.77 -2.55 2.61
CA THR A 30 -13.37 -1.23 2.75
C THR A 30 -12.40 -0.27 3.44
N GLU A 31 -11.86 -0.69 4.58
CA GLU A 31 -10.92 0.13 5.32
C GLU A 31 -9.76 0.58 4.45
N VAL A 32 -8.95 -0.38 4.01
CA VAL A 32 -7.80 -0.08 3.16
C VAL A 32 -8.20 0.81 1.99
N ILE A 33 -9.47 0.71 1.59
CA ILE A 33 -9.98 1.52 0.48
C ILE A 33 -10.21 2.96 0.91
N ALA A 34 -11.01 3.15 1.94
CA ALA A 34 -11.32 4.48 2.46
C ALA A 34 -10.04 5.22 2.85
N LEU A 35 -8.94 4.48 2.93
CA LEU A 35 -7.65 5.05 3.30
C LEU A 35 -6.89 5.51 2.06
N GLY A 36 -7.15 4.86 0.93
CA GLY A 36 -6.48 5.21 -0.30
C GLY A 36 -7.33 6.07 -1.20
N LEU A 37 -8.58 6.28 -0.81
CA LEU A 37 -9.51 7.09 -1.59
C LEU A 37 -9.25 8.57 -1.38
N PRO A 38 -9.00 8.95 -0.11
CA PRO A 38 -8.72 10.34 0.26
C PRO A 38 -7.69 10.99 -0.66
N PHE A 39 -6.82 10.17 -1.25
CA PHE A 39 -5.79 10.66 -2.14
C PHE A 39 -6.23 10.54 -3.60
N GLY A 40 -6.73 9.37 -3.97
CA GLY A 40 -7.17 9.14 -5.33
C GLY A 40 -8.32 8.15 -5.41
N LYS A 41 -8.27 7.27 -6.41
CA LYS A 41 -9.31 6.26 -6.59
C LYS A 41 -8.70 4.87 -6.71
N VAL A 42 -9.30 3.91 -6.02
CA VAL A 42 -8.82 2.52 -6.05
C VAL A 42 -9.46 1.74 -7.20
N THR A 43 -8.62 1.18 -8.05
CA THR A 43 -9.10 0.40 -9.19
C THR A 43 -8.87 -1.09 -8.98
N ASN A 44 -7.71 -1.43 -8.41
CA ASN A 44 -7.37 -2.82 -8.16
C ASN A 44 -6.84 -3.00 -6.73
N ILE A 45 -7.38 -3.99 -6.03
CA ILE A 45 -6.97 -4.26 -4.66
C ILE A 45 -6.93 -5.77 -4.39
N LEU A 46 -6.02 -6.18 -3.53
CA LEU A 46 -5.88 -7.60 -3.18
C LEU A 46 -5.63 -7.76 -1.69
N MET A 47 -6.50 -8.54 -1.04
CA MET A 47 -6.38 -8.79 0.39
C MET A 47 -6.22 -10.28 0.68
N LEU A 48 -5.10 -10.65 1.28
CA LEU A 48 -4.84 -12.05 1.61
C LEU A 48 -5.55 -12.46 2.89
N LYS A 49 -6.49 -13.39 2.77
CA LYS A 49 -7.25 -13.88 3.92
C LYS A 49 -6.32 -14.39 5.01
N GLY A 50 -5.28 -15.11 4.61
CA GLY A 50 -4.33 -15.65 5.56
C GLY A 50 -3.27 -14.64 5.96
N LYS A 51 -2.06 -14.84 5.46
CA LYS A 51 -0.95 -13.93 5.76
C LYS A 51 -1.43 -12.49 5.85
N ASN A 52 -0.90 -11.74 6.81
CA ASN A 52 -1.27 -10.35 6.99
C ASN A 52 -0.62 -9.46 5.94
N GLN A 53 -1.17 -9.48 4.74
CA GLN A 53 -0.64 -8.67 3.63
C GLN A 53 -1.73 -8.34 2.62
N ALA A 54 -1.65 -7.16 2.03
CA ALA A 54 -2.63 -6.72 1.05
C ALA A 54 -2.01 -5.72 0.08
N PHE A 55 -2.27 -5.91 -1.21
CA PHE A 55 -1.75 -5.02 -2.25
C PHE A 55 -2.84 -4.07 -2.75
N LEU A 56 -2.50 -2.78 -2.80
CA LEU A 56 -3.44 -1.77 -3.27
C LEU A 56 -2.94 -1.10 -4.53
N GLU A 57 -3.87 -0.69 -5.39
CA GLU A 57 -3.53 -0.03 -6.64
C GLU A 57 -4.54 1.05 -7.00
N LEU A 58 -4.05 2.24 -7.27
CA LEU A 58 -4.92 3.37 -7.63
C LEU A 58 -4.93 3.60 -9.13
N ALA A 59 -5.64 4.63 -9.57
CA ALA A 59 -5.73 4.96 -10.98
C ALA A 59 -4.36 5.37 -11.53
N THR A 60 -3.64 6.18 -10.78
CA THR A 60 -2.32 6.63 -11.20
C THR A 60 -1.27 6.34 -10.12
N GLU A 61 -0.02 6.69 -10.41
CA GLU A 61 1.07 6.46 -9.48
C GLU A 61 1.28 7.67 -8.57
N GLU A 62 1.40 8.84 -9.19
CA GLU A 62 1.60 10.07 -8.44
C GLU A 62 0.85 10.03 -7.11
N ALA A 63 -0.37 9.51 -7.14
CA ALA A 63 -1.20 9.41 -5.94
C ALA A 63 -0.50 8.58 -4.87
N ALA A 64 0.02 7.43 -5.27
CA ALA A 64 0.72 6.54 -4.33
C ALA A 64 1.86 7.27 -3.63
N ILE A 65 2.82 7.75 -4.40
CA ILE A 65 3.96 8.47 -3.85
C ILE A 65 3.53 9.41 -2.73
N THR A 66 2.37 10.06 -2.92
CA THR A 66 1.85 10.98 -1.92
C THR A 66 1.26 10.23 -0.73
N MET A 67 0.56 9.13 -1.02
CA MET A 67 -0.05 8.32 0.03
C MET A 67 0.99 7.87 1.05
N VAL A 68 2.11 7.37 0.55
CA VAL A 68 3.19 6.89 1.41
C VAL A 68 3.82 8.05 2.18
N ASN A 69 3.94 9.19 1.52
CA ASN A 69 4.53 10.37 2.14
C ASN A 69 3.70 10.84 3.32
N TYR A 70 2.39 10.97 3.10
CA TYR A 70 1.48 11.41 4.15
C TYR A 70 1.68 10.60 5.43
N TYR A 71 2.02 9.32 5.26
CA TYR A 71 2.24 8.44 6.40
C TYR A 71 3.71 8.41 6.79
N SER A 72 4.58 8.70 5.83
CA SER A 72 6.02 8.71 6.08
C SER A 72 6.34 9.43 7.38
N ALA A 73 5.53 10.43 7.72
CA ALA A 73 5.73 11.20 8.95
C ALA A 73 4.68 10.85 9.99
N VAL A 74 3.47 10.53 9.53
CA VAL A 74 2.38 10.16 10.42
C VAL A 74 2.24 8.66 10.54
N THR A 75 2.08 8.17 11.77
CA THR A 75 1.94 6.74 12.01
C THR A 75 0.48 6.38 12.29
N PRO A 76 -0.18 5.79 11.29
CA PRO A 76 -1.59 5.38 11.40
C PRO A 76 -1.76 4.12 12.24
N HIS A 77 -3.01 3.77 12.52
CA HIS A 77 -3.31 2.58 13.32
C HIS A 77 -4.75 2.13 13.11
N LEU A 78 -4.92 0.95 12.54
CA LEU A 78 -6.24 0.40 12.28
C LEU A 78 -6.68 -0.53 13.40
N ARG A 79 -7.94 -0.40 13.83
CA ARG A 79 -8.48 -1.23 14.89
C ARG A 79 -7.58 -1.18 16.13
N ASN A 80 -7.14 0.02 16.48
CA ASN A 80 -6.28 0.21 17.64
C ASN A 80 -4.98 -0.57 17.49
N GLN A 81 -4.49 -0.65 16.25
CA GLN A 81 -3.26 -1.37 15.97
C GLN A 81 -2.51 -0.74 14.80
N PRO A 82 -1.18 -0.84 14.82
CA PRO A 82 -0.32 -0.29 13.76
C PRO A 82 -0.39 -1.11 12.48
N ILE A 83 -0.05 -0.47 11.37
CA ILE A 83 -0.06 -1.15 10.07
C ILE A 83 1.24 -0.89 9.31
N TYR A 84 1.49 -1.72 8.30
CA TYR A 84 2.69 -1.59 7.48
C TYR A 84 2.36 -1.02 6.10
N ILE A 85 3.05 0.04 5.72
CA ILE A 85 2.83 0.68 4.44
C ILE A 85 4.15 0.91 3.71
N GLN A 86 4.25 0.39 2.49
CA GLN A 86 5.46 0.53 1.69
C GLN A 86 5.17 0.25 0.21
N TYR A 87 6.14 0.58 -0.64
CA TYR A 87 5.98 0.37 -2.08
C TYR A 87 5.85 -1.12 -2.40
N SER A 88 5.41 -1.43 -3.61
CA SER A 88 5.23 -2.81 -4.04
C SER A 88 5.99 -3.08 -5.33
N ASN A 89 6.90 -4.05 -5.29
CA ASN A 89 7.69 -4.42 -6.45
C ASN A 89 6.82 -4.51 -7.70
N HIS A 90 5.72 -5.26 -7.59
CA HIS A 90 4.79 -5.42 -8.71
C HIS A 90 4.29 -4.07 -9.21
N LYS A 91 4.39 -3.88 -10.53
CA LYS A 91 3.95 -2.63 -11.14
C LYS A 91 2.42 -2.55 -11.19
N GLU A 92 1.80 -3.59 -11.76
CA GLU A 92 0.36 -3.64 -11.87
C GLU A 92 -0.18 -4.96 -11.32
N LEU A 93 -1.12 -4.85 -10.37
CA LEU A 93 -1.71 -6.03 -9.76
C LEU A 93 -2.21 -7.02 -10.82
N LYS A 94 -2.37 -8.27 -10.43
CA LYS A 94 -2.84 -9.30 -11.35
C LYS A 94 -4.09 -9.98 -10.81
N THR A 95 -4.76 -10.75 -11.66
CA THR A 95 -5.98 -11.45 -11.27
C THR A 95 -6.06 -12.82 -11.94
N SER A 96 -6.05 -13.87 -11.13
CA SER A 96 -6.13 -15.23 -11.64
C SER A 96 -7.57 -15.69 -11.77
N GLY A 97 -8.19 -15.38 -12.91
CA GLY A 97 -9.57 -15.77 -13.13
C GLY A 97 -9.91 -15.89 -14.61
N PRO A 98 -11.20 -16.10 -14.90
CA PRO A 98 -11.68 -16.24 -16.28
C PRO A 98 -11.10 -15.17 -17.20
N SER A 99 -10.04 -15.54 -17.94
CA SER A 99 -9.39 -14.61 -18.85
C SER A 99 -9.38 -15.17 -20.27
N SER A 100 -9.03 -14.33 -21.23
CA SER A 100 -8.98 -14.74 -22.63
C SER A 100 -7.97 -13.90 -23.41
N GLY A 101 -7.18 -14.55 -24.25
CA GLY A 101 -6.19 -13.85 -25.04
C GLY A 101 -4.81 -14.49 -24.96
N GLY A 1 21.92 5.17 23.26
CA GLY A 1 21.22 4.41 22.24
C GLY A 1 20.70 5.30 21.12
N SER A 2 20.58 4.71 19.93
CA SER A 2 20.10 5.46 18.77
C SER A 2 18.64 5.88 18.96
N SER A 3 18.38 7.17 18.81
CA SER A 3 17.03 7.70 18.97
C SER A 3 16.63 8.57 17.77
N GLY A 4 15.48 8.26 17.18
CA GLY A 4 15.01 9.01 16.04
C GLY A 4 15.19 8.26 14.74
N SER A 5 14.81 8.89 13.63
CA SER A 5 14.92 8.27 12.32
C SER A 5 16.13 8.80 11.56
N SER A 6 16.54 8.09 10.52
CA SER A 6 17.69 8.48 9.72
C SER A 6 17.59 7.91 8.31
N GLY A 7 17.53 8.80 7.32
CA GLY A 7 17.43 8.36 5.94
C GLY A 7 17.69 9.50 4.96
N ASP A 8 17.48 9.22 3.68
CA ASP A 8 17.68 10.22 2.64
C ASP A 8 16.72 10.01 1.47
N LYS A 9 16.53 11.05 0.67
CA LYS A 9 15.64 10.98 -0.48
C LYS A 9 15.99 9.80 -1.38
N MET A 10 15.05 8.86 -1.52
CA MET A 10 15.27 7.69 -2.35
C MET A 10 14.35 7.72 -3.58
N ASP A 11 14.81 8.38 -4.64
CA ASP A 11 14.04 8.48 -5.87
C ASP A 11 14.53 7.46 -6.90
N GLY A 12 13.60 6.64 -7.40
CA GLY A 12 13.96 5.64 -8.38
C GLY A 12 12.82 5.34 -9.34
N ALA A 13 12.28 4.13 -9.24
CA ALA A 13 11.17 3.72 -10.11
C ALA A 13 9.93 3.40 -9.29
N PRO A 14 9.28 4.45 -8.76
CA PRO A 14 8.07 4.31 -7.95
C PRO A 14 7.06 3.35 -8.58
N SER A 15 6.42 2.54 -7.75
CA SER A 15 5.43 1.58 -8.22
C SER A 15 4.02 2.08 -7.96
N ARG A 16 3.06 1.57 -8.72
CA ARG A 16 1.67 1.95 -8.56
C ARG A 16 1.02 1.23 -7.40
N VAL A 17 1.26 -0.08 -7.30
CA VAL A 17 0.70 -0.89 -6.23
C VAL A 17 1.56 -0.79 -4.96
N LEU A 18 0.90 -0.82 -3.81
CA LEU A 18 1.59 -0.73 -2.53
C LEU A 18 1.39 -2.01 -1.71
N HIS A 19 2.43 -2.43 -1.02
CA HIS A 19 2.36 -3.63 -0.18
C HIS A 19 2.08 -3.27 1.27
N ILE A 20 1.10 -3.93 1.86
CA ILE A 20 0.73 -3.68 3.25
C ILE A 20 0.78 -4.97 4.07
N ARG A 21 1.18 -4.85 5.32
CA ARG A 21 1.27 -6.00 6.22
C ARG A 21 0.66 -5.68 7.57
N LYS A 22 0.59 -6.70 8.44
CA LYS A 22 0.02 -6.52 9.77
C LYS A 22 -1.37 -5.90 9.70
N LEU A 23 -2.20 -6.42 8.80
CA LEU A 23 -3.56 -5.92 8.64
C LEU A 23 -4.46 -6.35 9.79
N PRO A 24 -5.32 -5.45 10.26
CA PRO A 24 -6.24 -5.72 11.35
C PRO A 24 -6.99 -7.04 11.17
N GLY A 25 -7.40 -7.64 12.29
CA GLY A 25 -8.10 -8.91 12.23
C GLY A 25 -9.46 -8.76 11.58
N GLU A 26 -9.85 -9.78 10.81
CA GLU A 26 -11.13 -9.77 10.12
C GLU A 26 -11.44 -8.39 9.54
N VAL A 27 -10.44 -7.81 8.86
CA VAL A 27 -10.59 -6.50 8.25
C VAL A 27 -11.17 -6.61 6.84
N THR A 28 -11.93 -5.60 6.43
CA THR A 28 -12.53 -5.58 5.11
C THR A 28 -11.87 -4.54 4.21
N GLU A 29 -11.84 -4.82 2.92
CA GLU A 29 -11.23 -3.91 1.95
C GLU A 29 -11.66 -2.47 2.22
N THR A 30 -12.94 -2.29 2.51
CA THR A 30 -13.49 -0.96 2.78
C THR A 30 -12.50 -0.12 3.58
N GLU A 31 -11.86 -0.74 4.58
CA GLU A 31 -10.89 -0.05 5.41
C GLU A 31 -9.73 0.47 4.58
N VAL A 32 -9.02 -0.45 3.92
CA VAL A 32 -7.88 -0.09 3.09
C VAL A 32 -8.27 0.93 2.02
N ILE A 33 -9.48 0.76 1.48
CA ILE A 33 -9.98 1.66 0.45
C ILE A 33 -10.25 3.05 1.01
N ALA A 34 -10.92 3.10 2.16
CA ALA A 34 -11.24 4.37 2.81
C ALA A 34 -9.97 5.18 3.06
N LEU A 35 -8.84 4.50 3.14
CA LEU A 35 -7.56 5.15 3.39
C LEU A 35 -6.90 5.58 2.08
N GLY A 36 -7.35 4.98 0.97
CA GLY A 36 -6.80 5.30 -0.33
C GLY A 36 -7.67 6.28 -1.09
N LEU A 37 -8.93 6.36 -0.71
CA LEU A 37 -9.88 7.26 -1.37
C LEU A 37 -9.45 8.72 -1.19
N PRO A 38 -9.03 9.06 0.03
CA PRO A 38 -8.59 10.41 0.37
C PRO A 38 -7.62 10.98 -0.65
N PHE A 39 -6.61 10.20 -1.01
CA PHE A 39 -5.61 10.63 -1.99
C PHE A 39 -6.19 10.58 -3.40
N GLY A 40 -6.91 9.52 -3.71
CA GLY A 40 -7.50 9.38 -5.02
C GLY A 40 -8.63 8.36 -5.06
N LYS A 41 -8.46 7.33 -5.86
CA LYS A 41 -9.48 6.27 -5.98
C LYS A 41 -8.83 4.91 -6.19
N VAL A 42 -9.44 3.88 -5.63
CA VAL A 42 -8.92 2.53 -5.76
C VAL A 42 -9.50 1.83 -6.99
N THR A 43 -8.64 1.54 -7.96
CA THR A 43 -9.06 0.88 -9.19
C THR A 43 -8.89 -0.64 -9.08
N ASN A 44 -7.76 -1.07 -8.52
CA ASN A 44 -7.48 -2.48 -8.36
C ASN A 44 -6.94 -2.78 -6.97
N ILE A 45 -7.53 -3.78 -6.32
CA ILE A 45 -7.11 -4.16 -4.97
C ILE A 45 -6.86 -5.66 -4.88
N LEU A 46 -6.04 -6.05 -3.91
CA LEU A 46 -5.72 -7.46 -3.72
C LEU A 46 -5.56 -7.80 -2.24
N MET A 47 -6.50 -8.57 -1.71
CA MET A 47 -6.47 -8.96 -0.30
C MET A 47 -6.15 -10.44 -0.16
N LEU A 48 -5.05 -10.75 0.50
CA LEU A 48 -4.63 -12.12 0.71
C LEU A 48 -4.97 -12.59 2.13
N LYS A 49 -5.49 -13.81 2.24
CA LYS A 49 -5.85 -14.37 3.54
C LYS A 49 -4.82 -15.40 3.99
N GLY A 50 -3.75 -14.92 4.63
CA GLY A 50 -2.72 -15.82 5.11
C GLY A 50 -1.73 -15.13 6.02
N LYS A 51 -0.92 -14.23 5.46
CA LYS A 51 0.07 -13.49 6.23
C LYS A 51 -0.40 -12.07 6.49
N ASN A 52 -1.71 -11.86 6.51
CA ASN A 52 -2.28 -10.54 6.74
C ASN A 52 -1.66 -9.51 5.81
N GLN A 53 -1.49 -9.89 4.54
CA GLN A 53 -0.91 -8.99 3.55
C GLN A 53 -1.92 -8.65 2.46
N ALA A 54 -1.81 -7.46 1.91
CA ALA A 54 -2.71 -7.01 0.85
C ALA A 54 -2.06 -5.94 -0.01
N PHE A 55 -2.34 -5.98 -1.32
CA PHE A 55 -1.78 -5.01 -2.25
C PHE A 55 -2.87 -4.11 -2.81
N LEU A 56 -2.66 -2.80 -2.72
CA LEU A 56 -3.62 -1.82 -3.22
C LEU A 56 -3.05 -1.07 -4.41
N GLU A 57 -3.92 -0.72 -5.36
CA GLU A 57 -3.51 0.00 -6.55
C GLU A 57 -4.44 1.19 -6.81
N LEU A 58 -3.85 2.35 -7.08
CA LEU A 58 -4.61 3.56 -7.34
C LEU A 58 -4.67 3.85 -8.84
N ALA A 59 -5.61 4.70 -9.22
CA ALA A 59 -5.78 5.07 -10.63
C ALA A 59 -4.46 5.51 -11.25
N THR A 60 -3.81 6.48 -10.60
CA THR A 60 -2.54 7.00 -11.09
C THR A 60 -1.40 6.62 -10.15
N GLU A 61 -0.18 6.60 -10.68
CA GLU A 61 1.00 6.26 -9.89
C GLU A 61 1.39 7.41 -8.97
N GLU A 62 0.98 8.62 -9.34
CA GLU A 62 1.29 9.80 -8.54
C GLU A 62 0.68 9.70 -7.15
N ALA A 63 -0.60 9.34 -7.09
CA ALA A 63 -1.30 9.20 -5.83
C ALA A 63 -0.53 8.31 -4.87
N ALA A 64 0.05 7.23 -5.39
CA ALA A 64 0.82 6.30 -4.58
C ALA A 64 1.99 6.99 -3.91
N ILE A 65 2.88 7.57 -4.73
CA ILE A 65 4.05 8.26 -4.20
C ILE A 65 3.66 9.25 -3.10
N THR A 66 2.70 10.11 -3.40
CA THR A 66 2.23 11.11 -2.44
C THR A 66 1.58 10.45 -1.23
N MET A 67 0.87 9.34 -1.49
CA MET A 67 0.19 8.61 -0.43
C MET A 67 1.19 8.18 0.65
N VAL A 68 2.19 7.41 0.27
CA VAL A 68 3.21 6.93 1.20
C VAL A 68 3.69 8.07 2.10
N ASN A 69 4.30 9.08 1.48
CA ASN A 69 4.82 10.23 2.21
C ASN A 69 3.85 10.65 3.32
N TYR A 70 2.60 10.92 2.94
CA TYR A 70 1.58 11.33 3.90
C TYR A 70 1.71 10.56 5.20
N TYR A 71 2.08 9.28 5.09
CA TYR A 71 2.25 8.43 6.26
C TYR A 71 3.68 8.49 6.79
N SER A 72 4.64 8.58 5.87
CA SER A 72 6.05 8.64 6.23
C SER A 72 6.24 9.42 7.52
N ALA A 73 5.47 10.49 7.69
CA ALA A 73 5.55 11.32 8.89
C ALA A 73 4.47 10.93 9.89
N VAL A 74 3.25 10.75 9.40
CA VAL A 74 2.12 10.38 10.25
C VAL A 74 1.96 8.87 10.33
N THR A 75 1.87 8.36 11.56
CA THR A 75 1.72 6.92 11.78
C THR A 75 0.26 6.56 12.06
N PRO A 76 -0.38 5.88 11.10
CA PRO A 76 -1.77 5.46 11.22
C PRO A 76 -1.94 4.30 12.20
N HIS A 77 -3.19 3.98 12.52
CA HIS A 77 -3.49 2.89 13.43
C HIS A 77 -4.90 2.37 13.22
N LEU A 78 -5.02 1.13 12.77
CA LEU A 78 -6.32 0.52 12.52
C LEU A 78 -6.80 -0.24 13.75
N ARG A 79 -8.08 -0.06 14.08
CA ARG A 79 -8.67 -0.73 15.24
C ARG A 79 -7.76 -0.60 16.46
N ASN A 80 -7.18 0.58 16.63
CA ASN A 80 -6.29 0.83 17.77
C ASN A 80 -5.04 -0.05 17.68
N GLN A 81 -4.47 -0.16 16.48
CA GLN A 81 -3.29 -0.96 16.27
C GLN A 81 -2.47 -0.44 15.09
N PRO A 82 -1.14 -0.56 15.18
CA PRO A 82 -0.23 -0.11 14.13
C PRO A 82 -0.21 -1.05 12.93
N ILE A 83 -0.07 -0.47 11.73
CA ILE A 83 -0.03 -1.26 10.51
C ILE A 83 1.29 -1.07 9.77
N TYR A 84 1.54 -1.91 8.78
CA TYR A 84 2.76 -1.84 7.99
C TYR A 84 2.46 -1.41 6.55
N ILE A 85 3.25 -0.48 6.05
CA ILE A 85 3.07 0.02 4.68
C ILE A 85 4.41 0.17 3.97
N GLN A 86 4.44 -0.22 2.70
CA GLN A 86 5.66 -0.13 1.91
C GLN A 86 5.38 -0.42 0.44
N TYR A 87 6.20 0.15 -0.44
CA TYR A 87 6.03 -0.04 -1.88
C TYR A 87 5.97 -1.53 -2.22
N SER A 88 5.06 -1.87 -3.14
CA SER A 88 4.90 -3.27 -3.55
C SER A 88 6.16 -3.78 -4.24
N ASN A 89 6.24 -5.10 -4.41
CA ASN A 89 7.39 -5.72 -5.04
C ASN A 89 7.11 -6.02 -6.52
N HIS A 90 5.94 -6.58 -6.79
CA HIS A 90 5.54 -6.92 -8.15
C HIS A 90 5.20 -5.66 -8.94
N LYS A 91 5.79 -5.52 -10.12
CA LYS A 91 5.54 -4.38 -10.98
C LYS A 91 4.05 -4.09 -11.09
N GLU A 92 3.29 -5.07 -11.57
CA GLU A 92 1.86 -4.92 -11.71
C GLU A 92 1.12 -6.12 -11.14
N LEU A 93 -0.10 -5.88 -10.66
CA LEU A 93 -0.91 -6.95 -10.08
C LEU A 93 -0.96 -8.15 -11.01
N LYS A 94 -1.17 -7.90 -12.30
CA LYS A 94 -1.24 -8.97 -13.30
C LYS A 94 -1.20 -8.39 -14.70
N THR A 95 -0.18 -8.77 -15.46
CA THR A 95 -0.02 -8.30 -16.83
C THR A 95 -1.17 -8.78 -17.72
N SER A 96 -2.14 -7.91 -17.96
CA SER A 96 -3.29 -8.24 -18.79
C SER A 96 -2.85 -8.89 -20.10
N GLY A 97 -3.75 -9.64 -20.71
CA GLY A 97 -3.43 -10.30 -21.97
C GLY A 97 -3.22 -11.79 -21.80
N PRO A 98 -3.70 -12.59 -22.77
CA PRO A 98 -3.56 -14.04 -22.74
C PRO A 98 -2.18 -14.50 -23.18
N SER A 99 -1.43 -13.60 -23.82
CA SER A 99 -0.09 -13.92 -24.29
C SER A 99 0.96 -13.25 -23.42
N SER A 100 1.82 -14.08 -22.82
CA SER A 100 2.88 -13.57 -21.95
C SER A 100 4.20 -14.26 -22.25
N GLY A 101 5.28 -13.48 -22.24
CA GLY A 101 6.59 -14.03 -22.52
C GLY A 101 6.58 -15.01 -23.69
N GLY A 1 5.30 -5.06 19.35
CA GLY A 1 6.34 -4.05 19.24
C GLY A 1 7.58 -4.58 18.57
N SER A 2 8.48 -3.67 18.18
CA SER A 2 9.71 -4.05 17.51
C SER A 2 10.78 -2.97 17.67
N SER A 3 12.04 -3.37 17.70
CA SER A 3 13.14 -2.44 17.86
C SER A 3 13.86 -2.23 16.52
N GLY A 4 14.30 -0.99 16.29
CA GLY A 4 14.99 -0.67 15.05
C GLY A 4 14.04 -0.28 13.94
N SER A 5 14.52 0.55 13.02
CA SER A 5 13.70 1.00 11.91
C SER A 5 14.58 1.45 10.74
N SER A 6 14.04 1.34 9.53
CA SER A 6 14.78 1.73 8.33
C SER A 6 13.85 2.38 7.31
N GLY A 7 14.25 3.54 6.81
CA GLY A 7 13.44 4.25 5.84
C GLY A 7 14.27 4.77 4.67
N ASP A 8 14.24 4.03 3.56
CA ASP A 8 15.00 4.42 2.37
C ASP A 8 14.57 3.60 1.16
N LYS A 9 15.04 3.99 -0.01
CA LYS A 9 14.70 3.29 -1.25
C LYS A 9 15.86 3.33 -2.23
N MET A 10 16.39 2.16 -2.56
CA MET A 10 17.51 2.07 -3.51
C MET A 10 17.10 2.54 -4.89
N ASP A 11 16.07 1.90 -5.45
CA ASP A 11 15.59 2.26 -6.78
C ASP A 11 14.59 3.42 -6.69
N GLY A 12 14.35 4.07 -7.83
CA GLY A 12 13.43 5.18 -7.86
C GLY A 12 12.39 5.04 -8.96
N ALA A 13 11.60 3.97 -8.88
CA ALA A 13 10.56 3.72 -9.87
C ALA A 13 9.18 3.67 -9.22
N PRO A 14 8.65 4.85 -8.86
CA PRO A 14 7.33 4.96 -8.22
C PRO A 14 6.28 4.11 -8.91
N SER A 15 5.89 3.01 -8.26
CA SER A 15 4.89 2.10 -8.81
C SER A 15 3.50 2.48 -8.33
N ARG A 16 2.49 2.15 -9.14
CA ARG A 16 1.11 2.45 -8.81
C ARG A 16 0.53 1.39 -7.89
N VAL A 17 1.40 0.64 -7.23
CA VAL A 17 0.97 -0.42 -6.32
C VAL A 17 1.70 -0.33 -4.98
N LEU A 18 0.93 -0.20 -3.91
CA LEU A 18 1.50 -0.10 -2.57
C LEU A 18 1.20 -1.36 -1.75
N HIS A 19 2.24 -1.90 -1.12
CA HIS A 19 2.09 -3.10 -0.30
C HIS A 19 1.76 -2.73 1.14
N ILE A 20 0.94 -3.56 1.78
CA ILE A 20 0.54 -3.33 3.17
C ILE A 20 0.49 -4.63 3.95
N ARG A 21 1.04 -4.61 5.16
CA ARG A 21 1.06 -5.79 6.01
C ARG A 21 0.54 -5.46 7.42
N LYS A 22 0.60 -6.45 8.30
CA LYS A 22 0.14 -6.26 9.67
C LYS A 22 -1.29 -5.73 9.70
N LEU A 23 -2.13 -6.24 8.81
CA LEU A 23 -3.52 -5.82 8.73
C LEU A 23 -4.30 -6.28 9.95
N PRO A 24 -5.20 -5.42 10.44
CA PRO A 24 -6.04 -5.72 11.61
C PRO A 24 -6.68 -7.10 11.53
N GLY A 25 -7.13 -7.61 12.66
CA GLY A 25 -7.76 -8.92 12.70
C GLY A 25 -9.12 -8.92 12.04
N GLU A 26 -9.27 -9.71 10.98
CA GLU A 26 -10.53 -9.80 10.26
C GLU A 26 -10.93 -8.44 9.69
N VAL A 27 -9.96 -7.76 9.08
CA VAL A 27 -10.21 -6.44 8.50
C VAL A 27 -10.94 -6.56 7.16
N THR A 28 -11.60 -5.49 6.76
CA THR A 28 -12.33 -5.47 5.50
C THR A 28 -11.67 -4.56 4.47
N GLU A 29 -11.85 -4.87 3.20
CA GLU A 29 -11.26 -4.07 2.13
C GLU A 29 -11.66 -2.60 2.27
N THR A 30 -12.92 -2.35 2.60
CA THR A 30 -13.42 -0.99 2.77
C THR A 30 -12.41 -0.13 3.52
N GLU A 31 -11.71 -0.74 4.47
CA GLU A 31 -10.73 -0.03 5.27
C GLU A 31 -9.57 0.45 4.40
N VAL A 32 -8.80 -0.49 3.86
CA VAL A 32 -7.67 -0.16 3.00
C VAL A 32 -8.09 0.74 1.84
N ILE A 33 -9.37 0.64 1.46
CA ILE A 33 -9.90 1.44 0.36
C ILE A 33 -10.16 2.87 0.81
N ALA A 34 -10.86 3.02 1.95
CA ALA A 34 -11.16 4.33 2.49
C ALA A 34 -9.90 5.10 2.85
N LEU A 35 -8.79 4.37 2.97
CA LEU A 35 -7.51 4.99 3.31
C LEU A 35 -6.75 5.40 2.06
N GLY A 36 -7.17 4.88 0.91
CA GLY A 36 -6.53 5.21 -0.35
C GLY A 36 -7.39 6.09 -1.22
N LEU A 37 -8.67 6.22 -0.88
CA LEU A 37 -9.59 7.03 -1.64
C LEU A 37 -9.28 8.52 -1.48
N PRO A 38 -8.98 8.92 -0.24
CA PRO A 38 -8.65 10.32 0.09
C PRO A 38 -7.63 10.91 -0.88
N PHE A 39 -6.64 10.11 -1.26
CA PHE A 39 -5.60 10.56 -2.18
C PHE A 39 -6.07 10.45 -3.63
N GLY A 40 -6.59 9.26 -3.98
CA GLY A 40 -7.06 9.05 -5.34
C GLY A 40 -8.23 8.08 -5.39
N LYS A 41 -8.09 7.03 -6.19
CA LYS A 41 -9.15 6.03 -6.33
C LYS A 41 -8.55 4.64 -6.50
N VAL A 42 -9.06 3.69 -5.72
CA VAL A 42 -8.57 2.31 -5.79
C VAL A 42 -9.18 1.58 -6.97
N THR A 43 -8.34 1.22 -7.94
CA THR A 43 -8.81 0.51 -9.13
C THR A 43 -8.53 -0.99 -9.01
N ASN A 44 -7.40 -1.34 -8.41
CA ASN A 44 -7.03 -2.74 -8.23
C ASN A 44 -6.55 -2.99 -6.81
N ILE A 45 -7.13 -4.01 -6.17
CA ILE A 45 -6.76 -4.36 -4.81
C ILE A 45 -6.59 -5.87 -4.65
N LEU A 46 -5.73 -6.27 -3.73
CA LEU A 46 -5.49 -7.69 -3.48
C LEU A 46 -5.37 -7.97 -1.98
N MET A 47 -6.25 -8.84 -1.48
CA MET A 47 -6.24 -9.19 -0.07
C MET A 47 -5.96 -10.69 0.12
N LEU A 48 -4.86 -11.00 0.82
CA LEU A 48 -4.48 -12.38 1.06
C LEU A 48 -5.19 -12.93 2.29
N LYS A 49 -6.07 -13.91 2.07
CA LYS A 49 -6.81 -14.53 3.16
C LYS A 49 -5.87 -15.22 4.15
N GLY A 50 -6.15 -15.05 5.44
CA GLY A 50 -5.33 -15.65 6.46
C GLY A 50 -4.04 -14.88 6.69
N LYS A 51 -3.32 -14.58 5.62
CA LYS A 51 -2.07 -13.84 5.72
C LYS A 51 -2.33 -12.35 5.88
N ASN A 52 -1.48 -11.68 6.67
CA ASN A 52 -1.62 -10.25 6.91
C ASN A 52 -0.89 -9.45 5.84
N GLN A 53 -1.29 -9.64 4.59
CA GLN A 53 -0.67 -8.94 3.47
C GLN A 53 -1.71 -8.59 2.41
N ALA A 54 -1.60 -7.38 1.86
CA ALA A 54 -2.53 -6.92 0.83
C ALA A 54 -1.88 -5.88 -0.07
N PHE A 55 -2.17 -5.96 -1.36
CA PHE A 55 -1.62 -5.02 -2.33
C PHE A 55 -2.70 -4.09 -2.88
N LEU A 56 -2.49 -2.79 -2.74
CA LEU A 56 -3.45 -1.81 -3.23
C LEU A 56 -2.89 -1.04 -4.42
N GLU A 57 -3.77 -0.68 -5.35
CA GLU A 57 -3.35 0.06 -6.54
C GLU A 57 -4.33 1.19 -6.83
N LEU A 58 -3.80 2.39 -7.00
CA LEU A 58 -4.62 3.57 -7.29
C LEU A 58 -4.73 3.80 -8.79
N ALA A 59 -5.63 4.68 -9.19
CA ALA A 59 -5.82 5.00 -10.60
C ALA A 59 -4.51 5.45 -11.24
N THR A 60 -3.73 6.23 -10.51
CA THR A 60 -2.45 6.73 -11.00
C THR A 60 -1.33 6.44 -10.01
N GLU A 61 -0.09 6.51 -10.50
CA GLU A 61 1.07 6.26 -9.66
C GLU A 61 1.39 7.47 -8.79
N GLU A 62 0.97 8.65 -9.25
CA GLU A 62 1.21 9.88 -8.51
C GLU A 62 0.42 9.91 -7.21
N ALA A 63 -0.75 9.26 -7.23
CA ALA A 63 -1.60 9.20 -6.05
C ALA A 63 -1.03 8.27 -5.00
N ALA A 64 -0.06 7.45 -5.39
CA ALA A 64 0.58 6.52 -4.48
C ALA A 64 1.75 7.15 -3.76
N ILE A 65 2.52 7.96 -4.49
CA ILE A 65 3.69 8.64 -3.93
C ILE A 65 3.27 9.61 -2.83
N THR A 66 2.29 10.46 -3.13
CA THR A 66 1.80 11.43 -2.17
C THR A 66 1.12 10.75 -0.98
N MET A 67 0.56 9.56 -1.23
CA MET A 67 -0.11 8.81 -0.18
C MET A 67 0.87 8.38 0.90
N VAL A 68 1.86 7.59 0.52
CA VAL A 68 2.87 7.11 1.46
C VAL A 68 3.42 8.26 2.30
N ASN A 69 3.92 9.30 1.63
CA ASN A 69 4.47 10.46 2.31
C ASN A 69 3.64 10.82 3.55
N TYR A 70 2.35 11.01 3.34
CA TYR A 70 1.44 11.36 4.43
C TYR A 70 1.72 10.50 5.67
N TYR A 71 2.03 9.23 5.43
CA TYR A 71 2.32 8.30 6.52
C TYR A 71 3.80 8.33 6.87
N SER A 72 4.64 8.60 5.88
CA SER A 72 6.08 8.66 6.09
C SER A 72 6.42 9.35 7.42
N ALA A 73 5.65 10.38 7.74
CA ALA A 73 5.86 11.14 8.97
C ALA A 73 4.81 10.77 10.02
N VAL A 74 3.57 10.57 9.57
CA VAL A 74 2.48 10.22 10.48
C VAL A 74 2.32 8.71 10.58
N THR A 75 2.19 8.21 11.79
CA THR A 75 2.02 6.79 12.03
C THR A 75 0.57 6.44 12.33
N PRO A 76 -0.13 5.88 11.34
CA PRO A 76 -1.54 5.49 11.47
C PRO A 76 -1.71 4.20 12.29
N HIS A 77 -2.96 3.85 12.57
CA HIS A 77 -3.26 2.64 13.34
C HIS A 77 -4.69 2.20 13.12
N LEU A 78 -4.86 1.00 12.57
CA LEU A 78 -6.18 0.45 12.30
C LEU A 78 -6.64 -0.45 13.44
N ARG A 79 -7.94 -0.40 13.74
CA ARG A 79 -8.50 -1.21 14.81
C ARG A 79 -7.64 -1.13 16.07
N ASN A 80 -7.05 0.04 16.30
CA ASN A 80 -6.20 0.24 17.46
C ASN A 80 -4.93 -0.60 17.38
N GLN A 81 -4.29 -0.57 16.21
CA GLN A 81 -3.06 -1.33 15.99
C GLN A 81 -2.32 -0.82 14.76
N PRO A 82 -1.00 -0.61 14.92
CA PRO A 82 -0.14 -0.12 13.82
C PRO A 82 -0.35 -0.89 12.53
N ILE A 83 0.10 -0.31 11.43
CA ILE A 83 -0.04 -0.95 10.12
C ILE A 83 1.21 -0.74 9.27
N TYR A 84 1.50 -1.70 8.40
CA TYR A 84 2.66 -1.62 7.52
C TYR A 84 2.28 -1.10 6.15
N ILE A 85 3.03 -0.12 5.66
CA ILE A 85 2.77 0.47 4.36
C ILE A 85 4.07 0.71 3.58
N GLN A 86 4.18 0.10 2.42
CA GLN A 86 5.37 0.24 1.59
C GLN A 86 5.01 0.18 0.10
N TYR A 87 6.03 0.26 -0.75
CA TYR A 87 5.82 0.22 -2.19
C TYR A 87 5.87 -1.22 -2.70
N SER A 88 5.60 -1.40 -4.00
CA SER A 88 5.61 -2.72 -4.60
C SER A 88 6.83 -2.90 -5.49
N ASN A 89 7.36 -4.12 -5.52
CA ASN A 89 8.53 -4.43 -6.32
C ASN A 89 8.20 -4.36 -7.81
N HIS A 90 7.15 -5.06 -8.21
CA HIS A 90 6.73 -5.08 -9.61
C HIS A 90 5.89 -3.83 -9.94
N LYS A 91 5.64 -3.63 -11.22
CA LYS A 91 4.85 -2.48 -11.67
C LYS A 91 3.44 -2.91 -12.07
N GLU A 92 2.92 -3.92 -11.38
CA GLU A 92 1.58 -4.43 -11.66
C GLU A 92 1.03 -5.20 -10.46
N LEU A 93 -0.28 -5.04 -10.22
CA LEU A 93 -0.93 -5.72 -9.10
C LEU A 93 -0.40 -7.14 -8.93
N LYS A 94 -0.54 -7.95 -9.98
CA LYS A 94 -0.06 -9.32 -9.95
C LYS A 94 1.16 -9.49 -10.85
N THR A 95 2.08 -10.37 -10.43
CA THR A 95 3.29 -10.63 -11.19
C THR A 95 2.98 -11.28 -12.53
N SER A 96 3.43 -10.65 -13.61
CA SER A 96 3.19 -11.18 -14.95
C SER A 96 4.15 -12.32 -15.27
N GLY A 97 3.75 -13.16 -16.22
CA GLY A 97 4.59 -14.28 -16.61
C GLY A 97 3.79 -15.51 -17.00
N PRO A 98 3.55 -15.66 -18.31
CA PRO A 98 2.77 -16.79 -18.84
C PRO A 98 3.58 -18.09 -18.84
N SER A 99 4.81 -18.02 -19.34
CA SER A 99 5.68 -19.20 -19.39
C SER A 99 6.99 -18.94 -18.67
N SER A 100 7.61 -20.01 -18.19
CA SER A 100 8.87 -19.90 -17.46
C SER A 100 10.00 -20.62 -18.21
N GLY A 101 10.14 -20.30 -19.49
CA GLY A 101 11.17 -20.92 -20.30
C GLY A 101 12.57 -20.56 -19.83
N GLY A 1 15.28 13.98 18.19
CA GLY A 1 14.66 15.27 18.38
C GLY A 1 13.92 15.74 17.14
N SER A 2 12.78 15.12 16.86
CA SER A 2 11.98 15.48 15.69
C SER A 2 12.84 15.51 14.43
N SER A 3 13.73 14.54 14.30
CA SER A 3 14.61 14.46 13.14
C SER A 3 14.55 13.07 12.51
N GLY A 4 14.07 13.02 11.27
CA GLY A 4 13.97 11.75 10.57
C GLY A 4 14.18 11.90 9.07
N SER A 5 14.78 10.88 8.47
CA SER A 5 15.04 10.91 7.02
C SER A 5 13.75 10.76 6.22
N SER A 6 13.76 11.27 5.00
CA SER A 6 12.59 11.20 4.14
C SER A 6 13.00 11.17 2.67
N GLY A 7 12.15 10.56 1.83
CA GLY A 7 12.45 10.47 0.42
C GLY A 7 11.98 9.16 -0.18
N ASP A 8 12.84 8.55 -0.99
CA ASP A 8 12.50 7.28 -1.64
C ASP A 8 13.77 6.47 -1.91
N LYS A 9 13.58 5.25 -2.42
CA LYS A 9 14.70 4.37 -2.72
C LYS A 9 15.45 4.86 -3.96
N MET A 10 14.71 5.23 -4.99
CA MET A 10 15.30 5.71 -6.23
C MET A 10 14.36 6.67 -6.96
N ASP A 11 14.92 7.71 -7.56
CA ASP A 11 14.12 8.69 -8.29
C ASP A 11 14.05 8.34 -9.78
N GLY A 12 12.84 8.08 -10.25
CA GLY A 12 12.65 7.73 -11.65
C GLY A 12 11.22 7.35 -11.97
N ALA A 13 10.92 6.06 -11.89
CA ALA A 13 9.58 5.57 -12.16
C ALA A 13 9.02 4.79 -10.98
N PRO A 14 8.58 5.51 -9.94
CA PRO A 14 8.02 4.91 -8.73
C PRO A 14 7.01 3.82 -9.05
N SER A 15 6.58 3.10 -8.03
CA SER A 15 5.62 2.01 -8.20
C SER A 15 4.20 2.50 -7.93
N ARG A 16 3.25 2.00 -8.71
CA ARG A 16 1.85 2.39 -8.57
C ARG A 16 1.17 1.59 -7.47
N VAL A 17 1.60 0.34 -7.30
CA VAL A 17 1.03 -0.54 -6.29
C VAL A 17 1.78 -0.39 -4.97
N LEU A 18 1.02 -0.36 -3.87
CA LEU A 18 1.61 -0.23 -2.54
C LEU A 18 1.39 -1.48 -1.72
N HIS A 19 2.43 -1.91 -1.00
CA HIS A 19 2.34 -3.10 -0.17
C HIS A 19 1.97 -2.74 1.26
N ILE A 20 1.11 -3.57 1.87
CA ILE A 20 0.67 -3.33 3.24
C ILE A 20 0.74 -4.60 4.07
N ARG A 21 1.29 -4.49 5.28
CA ARG A 21 1.42 -5.64 6.17
C ARG A 21 0.86 -5.32 7.55
N LYS A 22 0.78 -6.34 8.41
CA LYS A 22 0.27 -6.16 9.76
C LYS A 22 -1.13 -5.56 9.73
N LEU A 23 -2.00 -6.13 8.92
CA LEU A 23 -3.37 -5.65 8.79
C LEU A 23 -4.27 -6.33 9.82
N PRO A 24 -5.25 -5.57 10.34
CA PRO A 24 -6.21 -6.07 11.34
C PRO A 24 -6.80 -7.41 10.95
N GLY A 25 -6.79 -8.36 11.88
CA GLY A 25 -7.33 -9.68 11.61
C GLY A 25 -8.69 -9.62 10.93
N GLU A 26 -8.76 -10.17 9.72
CA GLU A 26 -10.00 -10.17 8.96
C GLU A 26 -10.50 -8.75 8.70
N VAL A 27 -9.59 -7.91 8.21
CA VAL A 27 -9.92 -6.52 7.90
C VAL A 27 -10.70 -6.42 6.60
N THR A 28 -11.67 -5.50 6.57
CA THR A 28 -12.49 -5.30 5.38
C THR A 28 -11.85 -4.28 4.44
N GLU A 29 -11.83 -4.61 3.15
CA GLU A 29 -11.25 -3.74 2.15
C GLU A 29 -11.59 -2.28 2.44
N THR A 30 -12.88 -2.01 2.60
CA THR A 30 -13.36 -0.66 2.89
C THR A 30 -12.36 0.10 3.75
N GLU A 31 -11.80 -0.59 4.74
CA GLU A 31 -10.83 0.03 5.65
C GLU A 31 -9.65 0.60 4.87
N VAL A 32 -8.95 -0.27 4.14
CA VAL A 32 -7.80 0.15 3.35
C VAL A 32 -8.22 1.12 2.25
N ILE A 33 -9.29 0.80 1.54
CA ILE A 33 -9.80 1.63 0.47
C ILE A 33 -10.02 3.07 0.95
N ALA A 34 -10.82 3.21 2.00
CA ALA A 34 -11.12 4.52 2.55
C ALA A 34 -9.84 5.28 2.88
N LEU A 35 -8.75 4.54 3.09
CA LEU A 35 -7.47 5.14 3.41
C LEU A 35 -6.72 5.53 2.13
N GLY A 36 -7.09 4.92 1.01
CA GLY A 36 -6.45 5.21 -0.25
C GLY A 36 -7.27 6.16 -1.11
N LEU A 37 -8.57 6.22 -0.84
CA LEU A 37 -9.46 7.10 -1.60
C LEU A 37 -9.01 8.55 -1.51
N PRO A 38 -8.61 8.97 -0.30
CA PRO A 38 -8.14 10.34 -0.05
C PRO A 38 -7.12 10.80 -1.08
N PHE A 39 -6.17 9.93 -1.40
CA PHE A 39 -5.13 10.25 -2.39
C PHE A 39 -5.60 9.92 -3.80
N GLY A 40 -6.10 8.70 -3.98
CA GLY A 40 -6.57 8.27 -5.28
C GLY A 40 -7.62 7.18 -5.19
N LYS A 41 -8.33 6.95 -6.30
CA LYS A 41 -9.35 5.92 -6.34
C LYS A 41 -8.75 4.54 -6.51
N VAL A 42 -9.27 3.57 -5.77
CA VAL A 42 -8.77 2.20 -5.84
C VAL A 42 -9.37 1.46 -7.03
N THR A 43 -8.53 1.13 -8.01
CA THR A 43 -8.97 0.42 -9.20
C THR A 43 -8.69 -1.07 -9.10
N ASN A 44 -7.60 -1.41 -8.42
CA ASN A 44 -7.21 -2.80 -8.25
C ASN A 44 -6.71 -3.06 -6.83
N ILE A 45 -7.30 -4.05 -6.17
CA ILE A 45 -6.91 -4.41 -4.81
C ILE A 45 -6.63 -5.90 -4.68
N LEU A 46 -5.83 -6.27 -3.69
CA LEU A 46 -5.49 -7.67 -3.46
C LEU A 46 -5.35 -7.95 -1.96
N MET A 47 -6.26 -8.76 -1.43
CA MET A 47 -6.23 -9.12 -0.02
C MET A 47 -5.99 -10.61 0.16
N LEU A 48 -4.91 -10.96 0.85
CA LEU A 48 -4.56 -12.35 1.09
C LEU A 48 -5.33 -12.90 2.29
N LYS A 49 -6.43 -13.59 2.01
CA LYS A 49 -7.25 -14.18 3.06
C LYS A 49 -6.40 -14.99 4.03
N GLY A 50 -6.67 -14.84 5.32
CA GLY A 50 -5.93 -15.56 6.33
C GLY A 50 -4.61 -14.89 6.67
N LYS A 51 -3.88 -14.49 5.64
CA LYS A 51 -2.58 -13.82 5.83
C LYS A 51 -2.77 -12.37 6.25
N ASN A 52 -1.67 -11.70 6.56
CA ASN A 52 -1.72 -10.30 6.99
C ASN A 52 -1.02 -9.41 5.97
N GLN A 53 -1.35 -9.60 4.69
CA GLN A 53 -0.74 -8.81 3.63
C GLN A 53 -1.78 -8.48 2.55
N ALA A 54 -1.64 -7.29 1.96
CA ALA A 54 -2.56 -6.86 0.91
C ALA A 54 -1.90 -5.84 -0.01
N PHE A 55 -2.25 -5.87 -1.28
CA PHE A 55 -1.69 -4.95 -2.26
C PHE A 55 -2.77 -4.04 -2.83
N LEU A 56 -2.57 -2.73 -2.68
CA LEU A 56 -3.54 -1.75 -3.17
C LEU A 56 -2.98 -1.01 -4.39
N GLU A 57 -3.86 -0.65 -5.31
CA GLU A 57 -3.46 0.07 -6.52
C GLU A 57 -4.39 1.24 -6.78
N LEU A 58 -3.80 2.43 -6.91
CA LEU A 58 -4.58 3.64 -7.17
C LEU A 58 -4.65 3.94 -8.67
N ALA A 59 -5.63 4.75 -9.05
CA ALA A 59 -5.80 5.11 -10.45
C ALA A 59 -4.47 5.43 -11.11
N THR A 60 -3.76 6.42 -10.57
CA THR A 60 -2.47 6.82 -11.10
C THR A 60 -1.35 6.52 -10.11
N GLU A 61 -0.11 6.68 -10.56
CA GLU A 61 1.06 6.41 -9.72
C GLU A 61 1.23 7.52 -8.67
N GLU A 62 1.14 8.76 -9.11
CA GLU A 62 1.29 9.90 -8.21
C GLU A 62 0.40 9.74 -6.98
N ALA A 63 -0.83 9.29 -7.20
CA ALA A 63 -1.78 9.09 -6.11
C ALA A 63 -1.18 8.21 -5.02
N ALA A 64 -0.50 7.14 -5.43
CA ALA A 64 0.13 6.22 -4.48
C ALA A 64 1.31 6.88 -3.78
N ILE A 65 2.11 7.62 -4.54
CA ILE A 65 3.27 8.30 -3.99
C ILE A 65 2.89 9.14 -2.77
N THR A 66 1.99 10.09 -2.98
CA THR A 66 1.55 10.96 -1.90
C THR A 66 1.05 10.16 -0.70
N MET A 67 0.22 9.15 -0.97
CA MET A 67 -0.31 8.30 0.09
C MET A 67 0.78 7.91 1.07
N VAL A 68 1.81 7.22 0.58
CA VAL A 68 2.91 6.78 1.42
C VAL A 68 3.55 7.97 2.14
N ASN A 69 3.80 9.05 1.40
CA ASN A 69 4.41 10.24 1.96
C ASN A 69 3.63 10.73 3.18
N TYR A 70 2.35 11.04 2.96
CA TYR A 70 1.50 11.52 4.04
C TYR A 70 1.75 10.75 5.33
N TYR A 71 1.86 9.43 5.20
CA TYR A 71 2.10 8.57 6.36
C TYR A 71 3.56 8.67 6.81
N SER A 72 4.46 8.85 5.86
CA SER A 72 5.88 8.96 6.16
C SER A 72 6.10 9.72 7.48
N ALA A 73 5.29 10.75 7.71
CA ALA A 73 5.39 11.54 8.92
C ALA A 73 4.34 11.13 9.94
N VAL A 74 3.12 10.87 9.45
CA VAL A 74 2.03 10.46 10.32
C VAL A 74 1.90 8.95 10.38
N THR A 75 1.85 8.41 11.59
CA THR A 75 1.72 6.97 11.79
C THR A 75 0.29 6.58 12.12
N PRO A 76 -0.39 5.96 11.15
CA PRO A 76 -1.79 5.52 11.32
C PRO A 76 -1.90 4.26 12.16
N HIS A 77 -3.08 4.04 12.74
CA HIS A 77 -3.31 2.86 13.57
C HIS A 77 -4.73 2.33 13.37
N LEU A 78 -4.85 1.16 12.78
CA LEU A 78 -6.15 0.54 12.54
C LEU A 78 -6.55 -0.35 13.71
N ARG A 79 -7.78 -0.15 14.20
CA ARG A 79 -8.29 -0.93 15.32
C ARG A 79 -7.26 -1.01 16.45
N ASN A 80 -6.61 0.12 16.71
CA ASN A 80 -5.60 0.18 17.77
C ASN A 80 -4.47 -0.81 17.50
N GLN A 81 -4.01 -0.85 16.25
CA GLN A 81 -2.93 -1.77 15.88
C GLN A 81 -2.15 -1.22 14.68
N PRO A 82 -0.95 -0.70 14.96
CA PRO A 82 -0.07 -0.14 13.92
C PRO A 82 -0.06 -0.98 12.65
N ILE A 83 -0.02 -0.31 11.50
CA ILE A 83 -0.01 -1.00 10.22
C ILE A 83 1.29 -0.72 9.46
N TYR A 84 1.58 -1.55 8.47
CA TYR A 84 2.79 -1.39 7.68
C TYR A 84 2.45 -0.92 6.26
N ILE A 85 3.22 0.05 5.77
CA ILE A 85 3.01 0.58 4.43
C ILE A 85 4.34 0.86 3.73
N GLN A 86 4.55 0.20 2.60
CA GLN A 86 5.78 0.38 1.83
C GLN A 86 5.56 0.02 0.37
N TYR A 87 6.40 0.57 -0.50
CA TYR A 87 6.30 0.32 -1.93
C TYR A 87 6.47 -1.16 -2.23
N SER A 88 5.84 -1.62 -3.31
CA SER A 88 5.91 -3.02 -3.70
C SER A 88 7.20 -3.29 -4.48
N ASN A 89 7.84 -4.42 -4.19
CA ASN A 89 9.08 -4.79 -4.86
C ASN A 89 8.91 -4.75 -6.38
N HIS A 90 8.02 -5.59 -6.89
CA HIS A 90 7.76 -5.65 -8.32
C HIS A 90 6.82 -4.52 -8.75
N LYS A 91 6.92 -4.14 -10.02
CA LYS A 91 6.10 -3.07 -10.56
C LYS A 91 4.84 -3.63 -11.23
N GLU A 92 4.24 -4.62 -10.60
CA GLU A 92 3.03 -5.24 -11.13
C GLU A 92 2.21 -5.89 -10.03
N LEU A 93 0.91 -5.62 -10.03
CA LEU A 93 0.01 -6.18 -9.02
C LEU A 93 0.19 -7.69 -8.92
N LYS A 94 -0.08 -8.40 -10.00
CA LYS A 94 0.05 -9.85 -10.04
C LYS A 94 1.24 -10.26 -10.91
N THR A 95 2.39 -10.44 -10.27
CA THR A 95 3.60 -10.83 -10.98
C THR A 95 3.44 -12.21 -11.62
N SER A 96 3.54 -12.25 -12.94
CA SER A 96 3.41 -13.50 -13.69
C SER A 96 4.72 -13.88 -14.36
N GLY A 97 5.24 -15.05 -14.02
CA GLY A 97 6.48 -15.52 -14.61
C GLY A 97 7.65 -15.39 -13.66
N PRO A 98 8.77 -16.05 -14.00
CA PRO A 98 9.99 -16.04 -13.17
C PRO A 98 10.76 -14.74 -13.33
N SER A 99 10.87 -14.25 -14.56
CA SER A 99 11.60 -13.02 -14.84
C SER A 99 11.09 -12.37 -16.13
N SER A 100 11.44 -11.11 -16.32
CA SER A 100 11.03 -10.37 -17.51
C SER A 100 12.22 -10.07 -18.40
N GLY A 101 11.98 -10.04 -19.71
CA GLY A 101 13.06 -9.76 -20.66
C GLY A 101 13.78 -11.01 -21.09
N GLY A 1 10.51 31.10 13.20
CA GLY A 1 9.96 31.01 11.86
C GLY A 1 10.84 30.20 10.92
N SER A 2 10.59 28.90 10.84
CA SER A 2 11.38 28.02 9.98
C SER A 2 10.52 26.89 9.43
N SER A 3 10.56 26.70 8.12
CA SER A 3 9.78 25.66 7.47
C SER A 3 10.55 25.05 6.30
N GLY A 4 10.26 23.79 6.00
CA GLY A 4 10.94 23.12 4.91
C GLY A 4 12.12 22.29 5.38
N SER A 5 11.84 21.20 6.06
CA SER A 5 12.90 20.32 6.57
C SER A 5 12.90 18.99 5.84
N SER A 6 13.74 18.88 4.82
CA SER A 6 13.85 17.66 4.02
C SER A 6 15.22 17.02 4.19
N GLY A 7 15.32 15.75 3.83
CA GLY A 7 16.57 15.03 3.95
C GLY A 7 17.17 14.69 2.60
N ASP A 8 17.54 13.42 2.42
CA ASP A 8 18.14 12.97 1.17
C ASP A 8 17.43 11.72 0.66
N LYS A 9 16.50 11.90 -0.28
CA LYS A 9 15.76 10.79 -0.85
C LYS A 9 15.82 10.82 -2.37
N MET A 10 16.91 10.29 -2.93
CA MET A 10 17.08 10.25 -4.37
C MET A 10 15.95 9.49 -5.04
N ASP A 11 15.51 9.98 -6.19
CA ASP A 11 14.42 9.34 -6.93
C ASP A 11 14.84 7.97 -7.43
N GLY A 12 13.92 7.01 -7.37
CA GLY A 12 14.21 5.67 -7.82
C GLY A 12 13.24 5.18 -8.87
N ALA A 13 12.40 4.22 -8.51
CA ALA A 13 11.42 3.67 -9.43
C ALA A 13 10.04 3.63 -8.81
N PRO A 14 9.37 4.80 -8.74
CA PRO A 14 8.03 4.92 -8.16
C PRO A 14 7.09 3.82 -8.63
N SER A 15 6.35 3.23 -7.70
CA SER A 15 5.41 2.17 -8.05
C SER A 15 3.98 2.61 -7.80
N ARG A 16 3.05 2.11 -8.62
CA ARG A 16 1.65 2.45 -8.50
C ARG A 16 0.98 1.66 -7.37
N VAL A 17 1.33 0.38 -7.27
CA VAL A 17 0.77 -0.48 -6.24
C VAL A 17 1.55 -0.36 -4.94
N LEU A 18 0.83 -0.47 -3.82
CA LEU A 18 1.46 -0.37 -2.51
C LEU A 18 1.35 -1.69 -1.75
N HIS A 19 2.42 -2.05 -1.04
CA HIS A 19 2.44 -3.28 -0.27
C HIS A 19 2.10 -3.02 1.19
N ILE A 20 0.97 -3.58 1.63
CA ILE A 20 0.52 -3.40 3.01
C ILE A 20 0.70 -4.68 3.81
N ARG A 21 1.07 -4.54 5.08
CA ARG A 21 1.26 -5.69 5.95
C ARG A 21 0.77 -5.40 7.36
N LYS A 22 0.67 -6.44 8.19
CA LYS A 22 0.21 -6.28 9.56
C LYS A 22 -1.19 -5.69 9.60
N LEU A 23 -2.05 -6.15 8.69
CA LEU A 23 -3.43 -5.67 8.63
C LEU A 23 -4.25 -6.22 9.79
N PRO A 24 -5.18 -5.39 10.29
CA PRO A 24 -6.05 -5.77 11.42
C PRO A 24 -6.67 -7.15 11.21
N GLY A 25 -7.23 -7.69 12.28
CA GLY A 25 -7.85 -9.00 12.20
C GLY A 25 -9.18 -8.97 11.49
N GLU A 26 -9.42 -9.96 10.63
CA GLU A 26 -10.66 -10.04 9.87
C GLU A 26 -11.09 -8.65 9.38
N VAL A 27 -10.16 -7.94 8.76
CA VAL A 27 -10.44 -6.60 8.25
C VAL A 27 -11.09 -6.66 6.87
N THR A 28 -12.06 -5.78 6.64
CA THR A 28 -12.77 -5.74 5.37
C THR A 28 -12.09 -4.76 4.40
N GLU A 29 -12.11 -5.11 3.12
CA GLU A 29 -11.51 -4.27 2.09
C GLU A 29 -11.87 -2.80 2.30
N THR A 30 -13.14 -2.55 2.60
CA THR A 30 -13.62 -1.19 2.83
C THR A 30 -12.60 -0.37 3.60
N GLU A 31 -11.96 -1.01 4.58
CA GLU A 31 -10.95 -0.33 5.40
C GLU A 31 -9.74 0.05 4.55
N VAL A 32 -9.24 -0.89 3.77
CA VAL A 32 -8.08 -0.66 2.92
C VAL A 32 -8.43 0.29 1.77
N ILE A 33 -9.72 0.50 1.55
CA ILE A 33 -10.19 1.39 0.50
C ILE A 33 -10.35 2.81 1.00
N ALA A 34 -11.05 2.96 2.13
CA ALA A 34 -11.27 4.27 2.72
C ALA A 34 -9.96 4.92 3.14
N LEU A 35 -8.89 4.12 3.16
CA LEU A 35 -7.57 4.62 3.53
C LEU A 35 -6.75 4.98 2.31
N GLY A 36 -7.25 4.61 1.13
CA GLY A 36 -6.56 4.92 -0.10
C GLY A 36 -7.32 5.90 -0.97
N LEU A 37 -8.60 6.06 -0.69
CA LEU A 37 -9.44 6.97 -1.45
C LEU A 37 -9.01 8.42 -1.22
N PRO A 38 -8.70 8.77 0.04
CA PRO A 38 -8.27 10.11 0.41
C PRO A 38 -7.18 10.66 -0.51
N PHE A 39 -6.27 9.78 -0.92
CA PHE A 39 -5.18 10.17 -1.81
C PHE A 39 -5.60 10.04 -3.27
N GLY A 40 -6.22 8.92 -3.60
CA GLY A 40 -6.66 8.70 -4.97
C GLY A 40 -7.67 7.57 -5.07
N LYS A 41 -8.35 7.50 -6.21
CA LYS A 41 -9.36 6.47 -6.44
C LYS A 41 -8.71 5.10 -6.57
N VAL A 42 -9.27 4.11 -5.89
CA VAL A 42 -8.75 2.75 -5.94
C VAL A 42 -9.23 2.01 -7.19
N THR A 43 -8.28 1.58 -8.02
CA THR A 43 -8.60 0.88 -9.24
C THR A 43 -8.62 -0.64 -9.02
N ASN A 44 -7.63 -1.13 -8.29
CA ASN A 44 -7.53 -2.55 -8.00
C ASN A 44 -7.03 -2.79 -6.58
N ILE A 45 -7.51 -3.86 -5.95
CA ILE A 45 -7.10 -4.19 -4.60
C ILE A 45 -7.02 -5.71 -4.40
N LEU A 46 -5.99 -6.14 -3.67
CA LEU A 46 -5.79 -7.56 -3.41
C LEU A 46 -5.60 -7.82 -1.93
N MET A 47 -6.49 -8.62 -1.35
CA MET A 47 -6.42 -8.95 0.07
C MET A 47 -6.14 -10.44 0.27
N LEU A 48 -4.97 -10.75 0.80
CA LEU A 48 -4.59 -12.14 1.04
C LEU A 48 -5.12 -12.63 2.38
N LYS A 49 -5.78 -13.79 2.37
CA LYS A 49 -6.34 -14.36 3.59
C LYS A 49 -5.24 -14.97 4.45
N GLY A 50 -5.59 -15.29 5.70
CA GLY A 50 -4.63 -15.88 6.61
C GLY A 50 -3.48 -14.93 6.92
N LYS A 51 -2.55 -14.80 5.96
CA LYS A 51 -1.40 -13.92 6.13
C LYS A 51 -1.82 -12.46 6.07
N ASN A 52 -1.06 -11.60 6.75
CA ASN A 52 -1.35 -10.17 6.77
C ASN A 52 -0.63 -9.45 5.63
N GLN A 53 -1.24 -9.46 4.45
CA GLN A 53 -0.66 -8.81 3.28
C GLN A 53 -1.73 -8.51 2.24
N ALA A 54 -1.69 -7.29 1.70
CA ALA A 54 -2.65 -6.86 0.69
C ALA A 54 -2.08 -5.77 -0.20
N PHE A 55 -2.21 -5.96 -1.51
CA PHE A 55 -1.69 -4.98 -2.47
C PHE A 55 -2.80 -4.04 -2.92
N LEU A 56 -2.53 -2.73 -2.84
CA LEU A 56 -3.51 -1.73 -3.24
C LEU A 56 -3.01 -0.95 -4.46
N GLU A 57 -3.94 -0.60 -5.36
CA GLU A 57 -3.60 0.15 -6.56
C GLU A 57 -4.54 1.33 -6.75
N LEU A 58 -3.96 2.49 -7.02
CA LEU A 58 -4.75 3.71 -7.23
C LEU A 58 -4.83 4.06 -8.71
N ALA A 59 -5.62 5.08 -9.03
CA ALA A 59 -5.77 5.52 -10.41
C ALA A 59 -4.42 5.66 -11.10
N THR A 60 -3.53 6.41 -10.47
CA THR A 60 -2.19 6.63 -11.02
C THR A 60 -1.11 6.46 -9.96
N GLU A 61 0.14 6.65 -10.35
CA GLU A 61 1.26 6.51 -9.43
C GLU A 61 1.36 7.72 -8.50
N GLU A 62 1.11 8.89 -9.07
CA GLU A 62 1.18 10.14 -8.30
C GLU A 62 0.36 10.02 -7.01
N ALA A 63 -0.72 9.25 -7.07
CA ALA A 63 -1.59 9.05 -5.92
C ALA A 63 -0.92 8.15 -4.88
N ALA A 64 -0.27 7.09 -5.35
CA ALA A 64 0.40 6.15 -4.47
C ALA A 64 1.59 6.81 -3.78
N ILE A 65 2.50 7.37 -4.58
CA ILE A 65 3.68 8.02 -4.05
C ILE A 65 3.35 8.85 -2.81
N THR A 66 2.50 9.85 -3.00
CA THR A 66 2.09 10.73 -1.90
C THR A 66 1.69 9.91 -0.68
N MET A 67 0.77 8.97 -0.87
CA MET A 67 0.31 8.13 0.23
C MET A 67 1.44 7.82 1.20
N VAL A 68 2.45 7.11 0.72
CA VAL A 68 3.60 6.76 1.54
C VAL A 68 4.23 7.99 2.17
N ASN A 69 4.37 9.04 1.37
CA ASN A 69 4.96 10.29 1.85
C ASN A 69 4.19 10.83 3.04
N TYR A 70 2.92 11.16 2.83
CA TYR A 70 2.08 11.70 3.89
C TYR A 70 2.23 10.89 5.17
N TYR A 71 2.35 9.57 5.02
CA TYR A 71 2.50 8.69 6.17
C TYR A 71 3.91 8.79 6.75
N SER A 72 4.89 8.97 5.87
CA SER A 72 6.28 9.09 6.30
C SER A 72 6.39 9.86 7.61
N ALA A 73 5.48 10.81 7.81
CA ALA A 73 5.47 11.61 9.03
C ALA A 73 4.37 11.15 9.98
N VAL A 74 3.18 10.95 9.44
CA VAL A 74 2.05 10.50 10.25
C VAL A 74 1.90 8.99 10.21
N THR A 75 1.72 8.38 11.38
CA THR A 75 1.58 6.94 11.47
C THR A 75 0.12 6.55 11.67
N PRO A 76 -0.41 5.72 10.76
CA PRO A 76 -1.79 5.26 10.81
C PRO A 76 -2.00 4.16 11.85
N HIS A 77 -3.25 3.96 12.25
CA HIS A 77 -3.58 2.93 13.24
C HIS A 77 -5.01 2.43 13.04
N LEU A 78 -5.13 1.19 12.59
CA LEU A 78 -6.44 0.60 12.36
C LEU A 78 -6.89 -0.22 13.57
N ARG A 79 -8.06 0.11 14.10
CA ARG A 79 -8.61 -0.59 15.25
C ARG A 79 -7.58 -0.64 16.39
N ASN A 80 -6.85 0.46 16.57
CA ASN A 80 -5.84 0.54 17.61
C ASN A 80 -4.72 -0.47 17.37
N GLN A 81 -4.37 -0.66 16.10
CA GLN A 81 -3.32 -1.60 15.74
C GLN A 81 -2.53 -1.10 14.53
N PRO A 82 -1.31 -0.60 14.79
CA PRO A 82 -0.43 -0.08 13.74
C PRO A 82 -0.40 -0.98 12.51
N ILE A 83 -0.20 -0.37 11.34
CA ILE A 83 -0.15 -1.12 10.09
C ILE A 83 1.10 -0.77 9.30
N TYR A 84 1.47 -1.65 8.37
CA TYR A 84 2.65 -1.43 7.55
C TYR A 84 2.26 -1.01 6.13
N ILE A 85 2.95 0.00 5.60
CA ILE A 85 2.67 0.49 4.27
C ILE A 85 3.96 0.87 3.55
N GLN A 86 4.12 0.37 2.32
CA GLN A 86 5.30 0.66 1.53
C GLN A 86 5.03 0.44 0.05
N TYR A 87 6.05 0.65 -0.78
CA TYR A 87 5.93 0.47 -2.23
C TYR A 87 5.87 -1.02 -2.58
N SER A 88 5.38 -1.31 -3.79
CA SER A 88 5.27 -2.68 -4.25
C SER A 88 6.49 -3.08 -5.08
N ASN A 89 6.64 -4.38 -5.33
CA ASN A 89 7.76 -4.88 -6.11
C ASN A 89 7.33 -5.23 -7.53
N HIS A 90 8.28 -5.60 -8.37
CA HIS A 90 8.00 -5.96 -9.75
C HIS A 90 6.72 -6.79 -9.84
N LYS A 91 6.43 -7.53 -8.79
CA LYS A 91 5.23 -8.37 -8.75
C LYS A 91 4.00 -7.54 -8.42
N GLU A 92 3.73 -6.54 -9.25
CA GLU A 92 2.57 -5.67 -9.05
C GLU A 92 1.30 -6.49 -8.88
N LEU A 93 0.19 -5.80 -8.63
CA LEU A 93 -1.10 -6.47 -8.45
C LEU A 93 -1.25 -7.63 -9.43
N LYS A 94 -1.14 -7.33 -10.72
CA LYS A 94 -1.25 -8.35 -11.75
C LYS A 94 -0.15 -9.39 -11.63
N THR A 95 -0.46 -10.64 -11.97
CA THR A 95 0.51 -11.72 -11.90
C THR A 95 0.35 -12.69 -13.06
N SER A 96 1.41 -12.87 -13.84
CA SER A 96 1.38 -13.77 -14.99
C SER A 96 2.29 -14.96 -14.76
N GLY A 97 1.69 -16.16 -14.80
CA GLY A 97 2.47 -17.38 -14.59
C GLY A 97 3.57 -17.54 -15.62
N PRO A 98 4.72 -18.07 -15.18
CA PRO A 98 5.88 -18.29 -16.05
C PRO A 98 5.74 -19.56 -16.89
N SER A 99 4.50 -19.87 -17.28
CA SER A 99 4.24 -21.06 -18.08
C SER A 99 3.48 -20.69 -19.36
N SER A 100 3.66 -21.50 -20.40
CA SER A 100 3.01 -21.26 -21.68
C SER A 100 3.16 -22.46 -22.60
N GLY A 101 2.21 -22.64 -23.50
CA GLY A 101 2.26 -23.74 -24.44
C GLY A 101 2.06 -23.31 -25.88
N GLY A 1 15.60 2.06 27.20
CA GLY A 1 15.76 0.63 27.02
C GLY A 1 16.15 0.27 25.61
N SER A 2 15.27 0.53 24.65
CA SER A 2 15.53 0.22 23.26
C SER A 2 15.19 1.41 22.37
N SER A 3 13.96 1.90 22.47
CA SER A 3 13.52 3.04 21.68
C SER A 3 14.15 3.01 20.28
N GLY A 4 14.20 1.82 19.70
CA GLY A 4 14.78 1.67 18.37
C GLY A 4 13.93 0.80 17.47
N SER A 5 13.27 1.42 16.49
CA SER A 5 12.42 0.69 15.55
C SER A 5 12.96 0.82 14.12
N SER A 6 12.61 -0.15 13.29
CA SER A 6 13.06 -0.16 11.90
C SER A 6 12.11 0.66 11.03
N GLY A 7 12.48 0.83 9.76
CA GLY A 7 11.66 1.59 8.84
C GLY A 7 11.68 1.03 7.43
N ASP A 8 12.32 1.76 6.52
CA ASP A 8 12.42 1.33 5.13
C ASP A 8 13.73 1.81 4.51
N LYS A 9 14.31 0.98 3.65
CA LYS A 9 15.56 1.31 2.98
C LYS A 9 15.51 2.73 2.41
N MET A 10 16.67 3.27 2.10
CA MET A 10 16.76 4.61 1.53
C MET A 10 15.96 4.71 0.24
N ASP A 11 15.89 5.91 -0.32
CA ASP A 11 15.16 6.15 -1.56
C ASP A 11 15.51 5.09 -2.61
N GLY A 12 14.49 4.58 -3.30
CA GLY A 12 14.72 3.58 -4.31
C GLY A 12 13.98 3.87 -5.60
N ALA A 13 12.69 3.54 -5.63
CA ALA A 13 11.87 3.77 -6.81
C ALA A 13 10.41 3.45 -6.53
N PRO A 14 9.59 4.51 -6.37
CA PRO A 14 8.15 4.36 -6.10
C PRO A 14 7.49 3.33 -7.00
N SER A 15 6.24 3.00 -6.71
CA SER A 15 5.50 2.02 -7.49
C SER A 15 4.00 2.29 -7.41
N ARG A 16 3.30 1.99 -8.50
CA ARG A 16 1.85 2.21 -8.56
C ARG A 16 1.14 1.40 -7.47
N VAL A 17 1.54 0.14 -7.33
CA VAL A 17 0.94 -0.73 -6.32
C VAL A 17 1.57 -0.52 -4.96
N LEU A 18 0.74 -0.36 -3.94
CA LEU A 18 1.21 -0.15 -2.57
C LEU A 18 1.19 -1.45 -1.78
N HIS A 19 2.32 -1.79 -1.17
CA HIS A 19 2.42 -3.01 -0.37
C HIS A 19 2.13 -2.73 1.10
N ILE A 20 0.99 -3.20 1.58
CA ILE A 20 0.59 -2.99 2.96
C ILE A 20 0.66 -4.30 3.75
N ARG A 21 1.08 -4.21 5.00
CA ARG A 21 1.18 -5.38 5.86
C ARG A 21 0.71 -5.07 7.28
N LYS A 22 0.70 -6.08 8.14
CA LYS A 22 0.26 -5.91 9.52
C LYS A 22 -1.16 -5.36 9.59
N LEU A 23 -2.03 -5.87 8.72
CA LEU A 23 -3.42 -5.43 8.68
C LEU A 23 -4.16 -5.82 9.95
N PRO A 24 -5.03 -4.93 10.43
CA PRO A 24 -5.83 -5.17 11.64
C PRO A 24 -6.49 -6.55 11.64
N GLY A 25 -6.60 -7.14 12.82
CA GLY A 25 -7.22 -8.45 12.94
C GLY A 25 -8.61 -8.49 12.36
N GLU A 26 -8.83 -9.39 11.41
CA GLU A 26 -10.14 -9.52 10.77
C GLU A 26 -10.61 -8.19 10.19
N VAL A 27 -9.71 -7.52 9.46
CA VAL A 27 -10.03 -6.24 8.86
C VAL A 27 -10.80 -6.41 7.57
N THR A 28 -11.51 -5.36 7.14
CA THR A 28 -12.29 -5.40 5.92
C THR A 28 -11.70 -4.48 4.86
N GLU A 29 -11.61 -4.98 3.63
CA GLU A 29 -11.06 -4.19 2.53
C GLU A 29 -11.54 -2.74 2.59
N THR A 30 -12.84 -2.58 2.85
CA THR A 30 -13.42 -1.24 2.94
C THR A 30 -12.51 -0.29 3.70
N GLU A 31 -11.94 -0.78 4.80
CA GLU A 31 -11.05 0.03 5.62
C GLU A 31 -9.89 0.58 4.80
N VAL A 32 -9.12 -0.32 4.18
CA VAL A 32 -7.99 0.07 3.35
C VAL A 32 -8.45 0.89 2.15
N ILE A 33 -9.62 0.56 1.62
CA ILE A 33 -10.17 1.26 0.47
C ILE A 33 -10.53 2.70 0.83
N ALA A 34 -11.55 2.87 1.67
CA ALA A 34 -11.99 4.19 2.09
C ALA A 34 -10.81 5.04 2.55
N LEU A 35 -9.71 4.38 2.90
CA LEU A 35 -8.51 5.09 3.35
C LEU A 35 -7.63 5.48 2.17
N GLY A 36 -7.68 4.68 1.10
CA GLY A 36 -6.89 4.96 -0.08
C GLY A 36 -7.64 5.81 -1.09
N LEU A 37 -8.96 5.78 -1.02
CA LEU A 37 -9.79 6.56 -1.94
C LEU A 37 -9.44 8.04 -1.87
N PRO A 38 -9.24 8.54 -0.64
CA PRO A 38 -8.90 9.95 -0.41
C PRO A 38 -7.77 10.42 -1.31
N PHE A 39 -6.65 9.71 -1.29
CA PHE A 39 -5.49 10.05 -2.10
C PHE A 39 -5.82 9.95 -3.59
N GLY A 40 -6.37 8.80 -3.98
CA GLY A 40 -6.73 8.59 -5.37
C GLY A 40 -7.85 7.59 -5.54
N LYS A 41 -8.13 7.20 -6.78
CA LYS A 41 -9.18 6.24 -7.07
C LYS A 41 -8.66 4.81 -6.99
N VAL A 42 -9.48 3.91 -6.47
CA VAL A 42 -9.10 2.50 -6.35
C VAL A 42 -9.53 1.71 -7.58
N THR A 43 -8.56 1.30 -8.37
CA THR A 43 -8.82 0.53 -9.58
C THR A 43 -8.69 -0.97 -9.32
N ASN A 44 -7.60 -1.36 -8.67
CA ASN A 44 -7.35 -2.77 -8.36
C ASN A 44 -6.98 -2.94 -6.90
N ILE A 45 -7.43 -4.03 -6.29
CA ILE A 45 -7.14 -4.31 -4.89
C ILE A 45 -6.94 -5.81 -4.66
N LEU A 46 -5.97 -6.14 -3.81
CA LEU A 46 -5.68 -7.53 -3.50
C LEU A 46 -5.47 -7.73 -2.00
N MET A 47 -6.43 -8.39 -1.35
CA MET A 47 -6.35 -8.65 0.07
C MET A 47 -6.22 -10.14 0.36
N LEU A 48 -5.06 -10.54 0.86
CA LEU A 48 -4.80 -11.95 1.17
C LEU A 48 -5.46 -12.34 2.48
N LYS A 49 -6.39 -13.29 2.42
CA LYS A 49 -7.10 -13.76 3.60
C LYS A 49 -6.12 -14.24 4.66
N GLY A 50 -5.18 -15.09 4.25
CA GLY A 50 -4.20 -15.61 5.18
C GLY A 50 -3.29 -14.54 5.74
N LYS A 51 -2.00 -14.66 5.49
CA LYS A 51 -1.03 -13.69 5.96
C LYS A 51 -1.56 -12.27 5.84
N ASN A 52 -1.29 -11.45 6.83
CA ASN A 52 -1.75 -10.05 6.83
C ASN A 52 -0.99 -9.24 5.80
N GLN A 53 -1.47 -9.27 4.55
CA GLN A 53 -0.84 -8.53 3.47
C GLN A 53 -1.83 -8.24 2.35
N ALA A 54 -1.78 -7.03 1.82
CA ALA A 54 -2.68 -6.62 0.74
C ALA A 54 -2.02 -5.57 -0.15
N PHE A 55 -2.30 -5.66 -1.45
CA PHE A 55 -1.73 -4.72 -2.41
C PHE A 55 -2.83 -3.86 -3.04
N LEU A 56 -2.70 -2.54 -2.86
CA LEU A 56 -3.68 -1.61 -3.41
C LEU A 56 -3.09 -0.81 -4.57
N GLU A 57 -3.80 -0.78 -5.69
CA GLU A 57 -3.34 -0.06 -6.87
C GLU A 57 -4.30 1.09 -7.21
N LEU A 58 -3.78 2.31 -7.15
CA LEU A 58 -4.59 3.50 -7.44
C LEU A 58 -4.48 3.87 -8.92
N ALA A 59 -5.42 4.68 -9.39
CA ALA A 59 -5.42 5.12 -10.78
C ALA A 59 -4.00 5.37 -11.27
N THR A 60 -3.30 6.29 -10.62
CA THR A 60 -1.93 6.62 -11.00
C THR A 60 -0.98 6.46 -9.82
N GLU A 61 0.30 6.30 -10.12
CA GLU A 61 1.31 6.12 -9.09
C GLU A 61 1.39 7.35 -8.18
N GLU A 62 1.40 8.53 -8.80
CA GLU A 62 1.46 9.78 -8.04
C GLU A 62 0.66 9.68 -6.76
N ALA A 63 -0.59 9.22 -6.88
CA ALA A 63 -1.46 9.08 -5.71
C ALA A 63 -0.83 8.21 -4.65
N ALA A 64 -0.30 7.06 -5.07
CA ALA A 64 0.34 6.12 -4.15
C ALA A 64 1.40 6.83 -3.31
N ILE A 65 2.37 7.44 -3.97
CA ILE A 65 3.45 8.14 -3.29
C ILE A 65 2.89 9.06 -2.21
N THR A 66 2.12 10.06 -2.62
CA THR A 66 1.53 11.00 -1.68
C THR A 66 1.08 10.30 -0.40
N MET A 67 0.38 9.19 -0.56
CA MET A 67 -0.10 8.43 0.59
C MET A 67 1.07 7.90 1.42
N VAL A 68 2.05 7.30 0.75
CA VAL A 68 3.22 6.74 1.42
C VAL A 68 3.91 7.81 2.27
N ASN A 69 4.00 9.03 1.73
CA ASN A 69 4.64 10.13 2.43
C ASN A 69 3.83 10.53 3.67
N TYR A 70 2.60 10.96 3.44
CA TYR A 70 1.73 11.37 4.54
C TYR A 70 1.91 10.48 5.75
N TYR A 71 2.10 9.18 5.51
CA TYR A 71 2.30 8.22 6.59
C TYR A 71 3.77 8.11 6.96
N SER A 72 4.64 8.15 5.94
CA SER A 72 6.07 8.05 6.16
C SER A 72 6.47 8.73 7.47
N ALA A 73 5.85 9.88 7.74
CA ALA A 73 6.14 10.64 8.96
C ALA A 73 5.11 10.33 10.04
N VAL A 74 3.85 10.25 9.64
CA VAL A 74 2.77 9.98 10.58
C VAL A 74 2.43 8.49 10.62
N THR A 75 2.39 7.92 11.82
CA THR A 75 2.09 6.51 11.98
C THR A 75 0.62 6.31 12.39
N PRO A 76 -0.20 5.86 11.44
CA PRO A 76 -1.63 5.63 11.67
C PRO A 76 -1.88 4.34 12.47
N HIS A 77 -3.15 4.02 12.68
CA HIS A 77 -3.52 2.83 13.43
C HIS A 77 -4.97 2.45 13.16
N LEU A 78 -5.18 1.26 12.62
CA LEU A 78 -6.53 0.79 12.31
C LEU A 78 -7.00 -0.22 13.37
N ARG A 79 -8.19 0.03 13.92
CA ARG A 79 -8.75 -0.85 14.94
C ARG A 79 -7.72 -1.15 16.03
N ASN A 80 -6.95 -0.14 16.41
CA ASN A 80 -5.93 -0.30 17.45
C ASN A 80 -4.88 -1.31 17.01
N GLN A 81 -4.46 -1.22 15.75
CA GLN A 81 -3.46 -2.13 15.22
C GLN A 81 -2.67 -1.46 14.10
N PRO A 82 -1.42 -1.08 14.40
CA PRO A 82 -0.52 -0.43 13.45
C PRO A 82 -0.57 -1.10 12.07
N ILE A 83 -0.30 -0.31 11.04
CA ILE A 83 -0.31 -0.82 9.67
C ILE A 83 1.01 -0.51 8.96
N TYR A 84 1.41 -1.40 8.05
CA TYR A 84 2.64 -1.20 7.30
C TYR A 84 2.35 -0.73 5.88
N ILE A 85 3.23 0.12 5.36
CA ILE A 85 3.07 0.66 4.01
C ILE A 85 4.42 0.88 3.34
N GLN A 86 4.54 0.40 2.11
CA GLN A 86 5.78 0.55 1.36
C GLN A 86 5.60 0.11 -0.09
N TYR A 87 6.50 0.56 -0.96
CA TYR A 87 6.43 0.21 -2.37
C TYR A 87 6.71 -1.28 -2.58
N SER A 88 5.92 -1.90 -3.46
CA SER A 88 6.09 -3.32 -3.74
C SER A 88 7.27 -3.55 -4.68
N ASN A 89 7.50 -4.81 -5.03
CA ASN A 89 8.61 -5.16 -5.91
C ASN A 89 8.12 -5.29 -7.36
N HIS A 90 7.87 -4.15 -7.99
CA HIS A 90 7.41 -4.13 -9.37
C HIS A 90 6.49 -5.31 -9.66
N LYS A 91 5.63 -5.63 -8.70
CA LYS A 91 4.69 -6.74 -8.84
C LYS A 91 3.33 -6.25 -9.32
N GLU A 92 3.21 -6.01 -10.62
CA GLU A 92 1.97 -5.54 -11.20
C GLU A 92 0.89 -6.61 -11.11
N LEU A 93 -0.34 -6.19 -10.85
CA LEU A 93 -1.46 -7.11 -10.74
C LEU A 93 -1.96 -7.54 -12.12
N LYS A 94 -1.52 -8.70 -12.57
CA LYS A 94 -1.92 -9.23 -13.87
C LYS A 94 -3.43 -9.26 -14.01
N THR A 95 -3.92 -9.38 -15.24
CA THR A 95 -5.34 -9.42 -15.51
C THR A 95 -5.94 -10.76 -15.12
N SER A 96 -5.09 -11.77 -15.01
CA SER A 96 -5.53 -13.12 -14.66
C SER A 96 -5.81 -13.20 -13.15
N GLY A 97 -4.82 -12.84 -12.35
CA GLY A 97 -4.97 -12.89 -10.91
C GLY A 97 -3.93 -13.76 -10.24
N PRO A 98 -4.07 -13.96 -8.93
CA PRO A 98 -3.13 -14.76 -8.14
C PRO A 98 -2.80 -16.09 -8.82
N SER A 99 -1.50 -16.37 -8.94
CA SER A 99 -1.05 -17.60 -9.58
C SER A 99 -1.55 -18.82 -8.81
N SER A 100 -1.25 -20.01 -9.35
CA SER A 100 -1.67 -21.26 -8.71
C SER A 100 -0.46 -22.05 -8.22
N GLY A 101 -0.36 -22.20 -6.90
CA GLY A 101 0.75 -22.94 -6.32
C GLY A 101 1.03 -22.51 -4.89
N GLY A 1 16.19 18.25 16.14
CA GLY A 1 15.99 17.38 14.99
C GLY A 1 14.53 17.22 14.63
N SER A 2 14.27 16.93 13.37
CA SER A 2 12.90 16.75 12.89
C SER A 2 12.88 16.07 11.52
N SER A 3 11.76 15.44 11.21
CA SER A 3 11.61 14.73 9.94
C SER A 3 10.43 15.28 9.15
N GLY A 4 10.69 16.18 8.22
CA GLY A 4 9.64 16.77 7.42
C GLY A 4 10.00 16.82 5.94
N SER A 5 9.83 18.00 5.34
CA SER A 5 10.15 18.17 3.92
C SER A 5 11.42 18.98 3.74
N SER A 6 12.57 18.30 3.81
CA SER A 6 13.86 18.95 3.66
C SER A 6 14.46 18.63 2.29
N GLY A 7 14.26 19.53 1.34
CA GLY A 7 14.79 19.33 0.00
C GLY A 7 13.71 19.30 -1.07
N ASP A 8 13.80 18.33 -1.97
CA ASP A 8 12.83 18.20 -3.04
C ASP A 8 12.37 16.76 -3.18
N LYS A 9 11.40 16.52 -4.05
CA LYS A 9 10.87 15.18 -4.28
C LYS A 9 11.98 14.22 -4.68
N MET A 10 11.81 12.95 -4.34
CA MET A 10 12.80 11.93 -4.66
C MET A 10 12.39 11.15 -5.91
N ASP A 11 11.93 11.87 -6.92
CA ASP A 11 11.51 11.25 -8.18
C ASP A 11 12.45 10.12 -8.57
N GLY A 12 12.00 8.88 -8.43
CA GLY A 12 12.83 7.74 -8.77
C GLY A 12 12.06 6.68 -9.54
N ALA A 13 11.75 5.58 -8.88
CA ALA A 13 11.02 4.49 -9.52
C ALA A 13 9.88 4.00 -8.63
N PRO A 14 8.78 4.77 -8.59
CA PRO A 14 7.60 4.45 -7.79
C PRO A 14 6.75 3.35 -8.43
N SER A 15 5.67 2.99 -7.75
CA SER A 15 4.77 1.95 -8.25
C SER A 15 3.32 2.30 -7.94
N ARG A 16 2.44 2.10 -8.92
CA ARG A 16 1.02 2.39 -8.75
C ARG A 16 0.41 1.51 -7.66
N VAL A 17 0.98 0.32 -7.48
CA VAL A 17 0.50 -0.61 -6.47
C VAL A 17 1.38 -0.58 -5.23
N LEU A 18 0.75 -0.38 -4.08
CA LEU A 18 1.48 -0.33 -2.81
C LEU A 18 1.18 -1.56 -1.97
N HIS A 19 2.20 -2.07 -1.30
CA HIS A 19 2.05 -3.25 -0.45
C HIS A 19 1.84 -2.85 1.01
N ILE A 20 0.97 -3.57 1.69
CA ILE A 20 0.68 -3.29 3.09
C ILE A 20 0.68 -4.56 3.93
N ARG A 21 1.23 -4.47 5.13
CA ARG A 21 1.30 -5.62 6.04
C ARG A 21 0.77 -5.27 7.41
N LYS A 22 0.64 -6.28 8.27
CA LYS A 22 0.14 -6.07 9.63
C LYS A 22 -1.27 -5.49 9.61
N LEU A 23 -2.10 -6.00 8.70
CA LEU A 23 -3.48 -5.53 8.58
C LEU A 23 -4.36 -6.16 9.65
N PRO A 24 -5.33 -5.38 10.15
CA PRO A 24 -6.26 -5.83 11.19
C PRO A 24 -6.85 -7.20 10.88
N GLY A 25 -6.74 -8.12 11.83
CA GLY A 25 -7.28 -9.46 11.64
C GLY A 25 -8.63 -9.45 10.97
N GLU A 26 -8.72 -10.06 9.79
CA GLU A 26 -9.97 -10.12 9.05
C GLU A 26 -10.49 -8.71 8.74
N VAL A 27 -9.61 -7.85 8.22
CA VAL A 27 -9.98 -6.49 7.89
C VAL A 27 -10.80 -6.44 6.61
N THR A 28 -11.65 -5.42 6.50
CA THR A 28 -12.50 -5.25 5.33
C THR A 28 -11.86 -4.29 4.32
N GLU A 29 -11.88 -4.69 3.04
CA GLU A 29 -11.32 -3.86 1.99
C GLU A 29 -11.70 -2.40 2.17
N THR A 30 -12.99 -2.15 2.38
CA THR A 30 -13.49 -0.80 2.57
C THR A 30 -12.54 0.02 3.45
N GLU A 31 -11.95 -0.64 4.44
CA GLU A 31 -11.02 0.03 5.35
C GLU A 31 -9.82 0.58 4.59
N VAL A 32 -8.99 -0.32 4.06
CA VAL A 32 -7.81 0.08 3.31
C VAL A 32 -8.17 0.99 2.15
N ILE A 33 -9.34 0.76 1.56
CA ILE A 33 -9.81 1.57 0.44
C ILE A 33 -10.11 3.00 0.88
N ALA A 34 -10.79 3.13 2.02
CA ALA A 34 -11.14 4.45 2.55
C ALA A 34 -9.88 5.25 2.90
N LEU A 35 -8.76 4.56 3.01
CA LEU A 35 -7.49 5.20 3.34
C LEU A 35 -6.75 5.63 2.08
N GLY A 36 -7.13 5.04 0.94
CA GLY A 36 -6.49 5.38 -0.31
C GLY A 36 -7.31 6.35 -1.13
N LEU A 37 -8.62 6.39 -0.88
CA LEU A 37 -9.51 7.29 -1.60
C LEU A 37 -9.09 8.74 -1.41
N PRO A 38 -8.71 9.09 -0.18
CA PRO A 38 -8.28 10.45 0.15
C PRO A 38 -7.26 11.00 -0.84
N PHE A 39 -6.31 10.14 -1.24
CA PHE A 39 -5.28 10.54 -2.19
C PHE A 39 -5.72 10.26 -3.62
N GLY A 40 -6.18 9.04 -3.87
CA GLY A 40 -6.63 8.67 -5.19
C GLY A 40 -7.62 7.53 -5.17
N LYS A 41 -8.30 7.33 -6.30
CA LYS A 41 -9.30 6.27 -6.40
C LYS A 41 -8.63 4.90 -6.52
N VAL A 42 -9.36 3.85 -6.13
CA VAL A 42 -8.84 2.49 -6.19
C VAL A 42 -9.39 1.74 -7.39
N THR A 43 -8.53 0.99 -8.06
CA THR A 43 -8.93 0.21 -9.23
C THR A 43 -8.76 -1.28 -8.99
N ASN A 44 -7.67 -1.63 -8.31
CA ASN A 44 -7.39 -3.04 -8.01
C ASN A 44 -6.90 -3.20 -6.57
N ILE A 45 -7.43 -4.21 -5.89
CA ILE A 45 -7.04 -4.47 -4.51
C ILE A 45 -6.99 -5.97 -4.22
N LEU A 46 -5.98 -6.39 -3.48
CA LEU A 46 -5.80 -7.80 -3.14
C LEU A 46 -5.55 -7.97 -1.65
N MET A 47 -6.52 -8.57 -0.95
CA MET A 47 -6.40 -8.80 0.48
C MET A 47 -6.17 -10.27 0.78
N LEU A 48 -5.09 -10.56 1.51
CA LEU A 48 -4.75 -11.93 1.86
C LEU A 48 -5.37 -12.32 3.20
N LYS A 49 -5.94 -13.51 3.26
CA LYS A 49 -6.56 -14.00 4.49
C LYS A 49 -5.50 -14.39 5.52
N GLY A 50 -4.70 -15.40 5.19
CA GLY A 50 -3.66 -15.84 6.09
C GLY A 50 -2.81 -14.70 6.61
N LYS A 51 -1.68 -14.46 5.93
CA LYS A 51 -0.78 -13.38 6.32
C LYS A 51 -1.49 -12.04 6.32
N ASN A 52 -1.27 -11.26 7.39
CA ASN A 52 -1.90 -9.95 7.52
C ASN A 52 -1.25 -8.95 6.56
N GLN A 53 -1.61 -9.04 5.29
CA GLN A 53 -1.07 -8.14 4.27
C GLN A 53 -2.01 -8.05 3.07
N ALA A 54 -1.82 -7.01 2.26
CA ALA A 54 -2.66 -6.81 1.08
C ALA A 54 -2.01 -5.81 0.12
N PHE A 55 -2.37 -5.90 -1.15
CA PHE A 55 -1.83 -5.01 -2.16
C PHE A 55 -2.92 -4.09 -2.73
N LEU A 56 -2.68 -2.79 -2.67
CA LEU A 56 -3.64 -1.81 -3.17
C LEU A 56 -3.13 -1.15 -4.44
N GLU A 57 -4.05 -0.79 -5.33
CA GLU A 57 -3.68 -0.14 -6.59
C GLU A 57 -4.63 1.01 -6.90
N LEU A 58 -4.06 2.20 -7.08
CA LEU A 58 -4.86 3.38 -7.39
C LEU A 58 -4.82 3.70 -8.87
N ALA A 59 -5.80 4.46 -9.34
CA ALA A 59 -5.88 4.84 -10.75
C ALA A 59 -4.55 5.44 -11.23
N THR A 60 -4.11 6.50 -10.56
CA THR A 60 -2.86 7.16 -10.92
C THR A 60 -1.72 6.72 -10.01
N GLU A 61 -0.49 6.91 -10.46
CA GLU A 61 0.69 6.53 -9.68
C GLU A 61 1.07 7.65 -8.71
N GLU A 62 0.69 8.87 -9.05
CA GLU A 62 1.00 10.02 -8.21
C GLU A 62 0.26 9.94 -6.87
N ALA A 63 -0.90 9.29 -6.88
CA ALA A 63 -1.69 9.13 -5.67
C ALA A 63 -0.94 8.33 -4.62
N ALA A 64 -0.21 7.32 -5.07
CA ALA A 64 0.56 6.47 -4.17
C ALA A 64 1.75 7.22 -3.60
N ILE A 65 2.53 7.85 -4.47
CA ILE A 65 3.71 8.60 -4.06
C ILE A 65 3.39 9.49 -2.85
N THR A 66 2.42 10.38 -3.02
CA THR A 66 2.03 11.30 -1.95
C THR A 66 1.43 10.52 -0.78
N MET A 67 0.73 9.44 -1.08
CA MET A 67 0.10 8.62 -0.05
C MET A 67 1.14 8.14 0.96
N VAL A 68 2.07 7.32 0.49
CA VAL A 68 3.12 6.79 1.36
C VAL A 68 3.71 7.89 2.24
N ASN A 69 4.20 8.95 1.61
CA ASN A 69 4.79 10.06 2.34
C ASN A 69 3.93 10.44 3.55
N TYR A 70 2.69 10.82 3.28
CA TYR A 70 1.77 11.21 4.34
C TYR A 70 1.96 10.34 5.58
N TYR A 71 2.14 9.05 5.36
CA TYR A 71 2.34 8.11 6.46
C TYR A 71 3.80 8.06 6.88
N SER A 72 4.69 8.27 5.92
CA SER A 72 6.12 8.25 6.19
C SER A 72 6.43 8.86 7.55
N ALA A 73 5.77 9.98 7.85
CA ALA A 73 5.98 10.66 9.12
C ALA A 73 4.85 10.34 10.10
N VAL A 74 3.62 10.28 9.58
CA VAL A 74 2.46 9.97 10.41
C VAL A 74 2.25 8.47 10.53
N THR A 75 2.09 8.00 11.76
CA THR A 75 1.87 6.58 12.02
C THR A 75 0.41 6.27 12.26
N PRO A 76 -0.25 5.64 11.26
CA PRO A 76 -1.67 5.29 11.34
C PRO A 76 -1.90 4.04 12.19
N HIS A 77 -3.17 3.74 12.44
CA HIS A 77 -3.53 2.58 13.25
C HIS A 77 -4.97 2.16 12.97
N LEU A 78 -5.13 1.01 12.30
CA LEU A 78 -6.46 0.51 11.98
C LEU A 78 -6.98 -0.41 13.09
N ARG A 79 -8.26 -0.26 13.42
CA ARG A 79 -8.87 -1.06 14.46
C ARG A 79 -7.97 -1.14 15.70
N ASN A 80 -7.29 -0.04 15.99
CA ASN A 80 -6.40 0.01 17.14
C ASN A 80 -5.22 -0.94 16.97
N GLN A 81 -4.62 -0.92 15.78
CA GLN A 81 -3.49 -1.79 15.48
C GLN A 81 -2.66 -1.23 14.33
N PRO A 82 -1.42 -0.81 14.63
CA PRO A 82 -0.51 -0.25 13.63
C PRO A 82 -0.52 -1.05 12.32
N ILE A 83 -0.19 -0.38 11.23
CA ILE A 83 -0.17 -1.03 9.91
C ILE A 83 1.15 -0.76 9.20
N TYR A 84 1.45 -1.59 8.21
CA TYR A 84 2.69 -1.45 7.45
C TYR A 84 2.41 -0.94 6.04
N ILE A 85 3.19 0.05 5.60
CA ILE A 85 3.02 0.62 4.27
C ILE A 85 4.36 0.75 3.56
N GLN A 86 4.44 0.17 2.36
CA GLN A 86 5.67 0.21 1.57
C GLN A 86 5.37 0.04 0.09
N TYR A 87 6.28 0.50 -0.76
CA TYR A 87 6.11 0.38 -2.20
C TYR A 87 6.19 -1.08 -2.65
N SER A 88 5.59 -1.37 -3.80
CA SER A 88 5.59 -2.72 -4.33
C SER A 88 6.44 -2.81 -5.60
N ASN A 89 6.89 -4.02 -5.92
CA ASN A 89 7.72 -4.24 -7.09
C ASN A 89 6.88 -4.16 -8.36
N HIS A 90 5.83 -4.96 -8.42
CA HIS A 90 4.95 -4.98 -9.59
C HIS A 90 3.98 -3.80 -9.56
N LYS A 91 3.56 -3.35 -10.74
CA LYS A 91 2.64 -2.23 -10.84
C LYS A 91 1.30 -2.68 -11.43
N GLU A 92 0.81 -3.82 -10.95
CA GLU A 92 -0.46 -4.36 -11.43
C GLU A 92 -0.85 -5.60 -10.65
N LEU A 93 -2.10 -5.66 -10.23
CA LEU A 93 -2.61 -6.80 -9.45
C LEU A 93 -3.12 -7.89 -10.38
N LYS A 94 -3.85 -7.49 -11.42
CA LYS A 94 -4.39 -8.45 -12.39
C LYS A 94 -3.44 -8.65 -13.56
N THR A 95 -3.06 -9.90 -13.79
CA THR A 95 -2.15 -10.22 -14.88
C THR A 95 -2.82 -11.10 -15.93
N SER A 96 -2.78 -10.65 -17.18
CA SER A 96 -3.40 -11.39 -18.29
C SER A 96 -2.65 -12.68 -18.56
N GLY A 97 -1.39 -12.55 -18.99
CA GLY A 97 -0.58 -13.72 -19.28
C GLY A 97 -0.12 -13.76 -20.72
N PRO A 98 1.12 -13.30 -20.96
CA PRO A 98 1.70 -13.28 -22.32
C PRO A 98 1.41 -14.55 -23.10
N SER A 99 1.48 -14.46 -24.42
CA SER A 99 1.23 -15.61 -25.28
C SER A 99 2.38 -15.81 -26.26
N SER A 100 2.70 -17.09 -26.51
CA SER A 100 3.79 -17.43 -27.43
C SER A 100 3.30 -17.42 -28.87
N GLY A 101 3.95 -16.59 -29.69
CA GLY A 101 3.57 -16.50 -31.09
C GLY A 101 4.66 -15.89 -31.94
N GLY A 1 10.28 -3.92 23.56
CA GLY A 1 9.59 -2.74 23.09
C GLY A 1 10.51 -1.54 22.94
N SER A 2 10.51 -0.95 21.75
CA SER A 2 11.35 0.21 21.49
C SER A 2 10.84 0.99 20.28
N SER A 3 11.05 2.30 20.28
CA SER A 3 10.61 3.15 19.19
C SER A 3 11.46 2.91 17.94
N GLY A 4 10.86 2.28 16.94
CA GLY A 4 11.57 1.99 15.71
C GLY A 4 12.72 1.02 15.91
N SER A 5 12.71 -0.07 15.16
CA SER A 5 13.75 -1.09 15.26
C SER A 5 14.50 -1.22 13.94
N SER A 6 13.76 -1.42 12.86
CA SER A 6 14.36 -1.57 11.54
C SER A 6 14.10 -0.33 10.67
N GLY A 7 14.95 -0.12 9.67
CA GLY A 7 14.79 1.01 8.79
C GLY A 7 15.05 0.66 7.33
N ASP A 8 16.08 1.28 6.76
CA ASP A 8 16.43 1.03 5.37
C ASP A 8 15.33 1.53 4.43
N LYS A 9 14.85 2.73 4.69
CA LYS A 9 13.80 3.33 3.88
C LYS A 9 14.36 4.38 2.93
N MET A 10 14.51 4.01 1.66
CA MET A 10 15.04 4.93 0.66
C MET A 10 14.22 4.86 -0.63
N ASP A 11 13.65 5.98 -1.03
CA ASP A 11 12.85 6.04 -2.25
C ASP A 11 13.74 6.23 -3.47
N GLY A 12 13.15 6.05 -4.65
CA GLY A 12 13.90 6.20 -5.89
C GLY A 12 13.12 5.75 -7.10
N ALA A 13 12.52 4.57 -7.00
CA ALA A 13 11.74 4.02 -8.10
C ALA A 13 10.27 3.89 -7.72
N PRO A 14 9.55 5.02 -7.75
CA PRO A 14 8.12 5.07 -7.41
C PRO A 14 7.34 3.95 -8.08
N SER A 15 6.24 3.54 -7.44
CA SER A 15 5.41 2.47 -7.98
C SER A 15 3.93 2.74 -7.68
N ARG A 16 3.05 2.18 -8.50
CA ARG A 16 1.62 2.36 -8.33
C ARG A 16 1.07 1.41 -7.26
N VAL A 17 1.61 0.19 -7.24
CA VAL A 17 1.18 -0.82 -6.27
C VAL A 17 1.93 -0.66 -4.96
N LEU A 18 1.20 -0.70 -3.85
CA LEU A 18 1.80 -0.57 -2.53
C LEU A 18 1.63 -1.85 -1.72
N HIS A 19 2.67 -2.23 -0.99
CA HIS A 19 2.64 -3.44 -0.17
C HIS A 19 2.08 -3.14 1.22
N ILE A 20 0.94 -3.76 1.53
CA ILE A 20 0.30 -3.56 2.83
C ILE A 20 0.36 -4.84 3.67
N ARG A 21 0.67 -4.67 4.95
CA ARG A 21 0.75 -5.81 5.87
C ARG A 21 0.31 -5.41 7.27
N LYS A 22 0.19 -6.40 8.15
CA LYS A 22 -0.22 -6.15 9.52
C LYS A 22 -1.62 -5.57 9.57
N LEU A 23 -2.46 -5.96 8.63
CA LEU A 23 -3.83 -5.48 8.56
C LEU A 23 -4.69 -6.12 9.64
N PRO A 24 -5.63 -5.35 10.20
CA PRO A 24 -6.54 -5.82 11.25
C PRO A 24 -7.13 -7.19 10.94
N GLY A 25 -7.20 -8.05 11.94
CA GLY A 25 -7.74 -9.37 11.76
C GLY A 25 -9.12 -9.34 11.11
N GLU A 26 -9.24 -9.98 9.95
CA GLU A 26 -10.51 -10.02 9.22
C GLU A 26 -10.97 -8.61 8.85
N VAL A 27 -10.03 -7.79 8.38
CA VAL A 27 -10.34 -6.43 7.98
C VAL A 27 -11.09 -6.39 6.66
N THR A 28 -12.08 -5.51 6.57
CA THR A 28 -12.88 -5.37 5.36
C THR A 28 -12.26 -4.37 4.39
N GLU A 29 -12.24 -4.72 3.11
CA GLU A 29 -11.68 -3.84 2.09
C GLU A 29 -12.05 -2.39 2.36
N THR A 30 -13.33 -2.15 2.61
CA THR A 30 -13.82 -0.80 2.89
C THR A 30 -12.81 0.00 3.69
N GLU A 31 -12.19 -0.65 4.67
CA GLU A 31 -11.20 -0.01 5.53
C GLU A 31 -10.02 0.50 4.71
N VAL A 32 -9.25 -0.42 4.14
CA VAL A 32 -8.10 -0.06 3.33
C VAL A 32 -8.49 0.92 2.23
N ILE A 33 -9.65 0.70 1.62
CA ILE A 33 -10.14 1.57 0.56
C ILE A 33 -10.35 2.99 1.06
N ALA A 34 -11.15 3.12 2.10
CA ALA A 34 -11.44 4.43 2.68
C ALA A 34 -10.16 5.18 3.00
N LEU A 35 -9.05 4.44 3.11
CA LEU A 35 -7.75 5.04 3.41
C LEU A 35 -7.03 5.46 2.14
N GLY A 36 -7.39 4.82 1.02
CA GLY A 36 -6.77 5.14 -0.25
C GLY A 36 -7.57 6.14 -1.05
N LEU A 37 -8.87 6.24 -0.73
CA LEU A 37 -9.74 7.17 -1.44
C LEU A 37 -9.29 8.61 -1.23
N PRO A 38 -8.89 8.94 0.00
CA PRO A 38 -8.41 10.28 0.35
C PRO A 38 -7.39 10.81 -0.65
N PHE A 39 -6.37 10.02 -0.92
CA PHE A 39 -5.32 10.40 -1.85
C PHE A 39 -5.86 10.45 -3.29
N GLY A 40 -6.59 9.41 -3.67
CA GLY A 40 -7.15 9.35 -5.01
C GLY A 40 -8.33 8.41 -5.10
N LYS A 41 -8.07 7.19 -5.58
CA LYS A 41 -9.12 6.19 -5.72
C LYS A 41 -8.52 4.81 -5.97
N VAL A 42 -9.05 3.80 -5.27
CA VAL A 42 -8.57 2.44 -5.42
C VAL A 42 -9.15 1.78 -6.67
N THR A 43 -8.28 1.40 -7.59
CA THR A 43 -8.70 0.75 -8.83
C THR A 43 -8.55 -0.76 -8.74
N ASN A 44 -7.45 -1.21 -8.17
CA ASN A 44 -7.18 -2.63 -8.03
C ASN A 44 -6.63 -2.96 -6.64
N ILE A 45 -7.30 -3.86 -5.94
CA ILE A 45 -6.88 -4.26 -4.60
C ILE A 45 -6.67 -5.76 -4.51
N LEU A 46 -5.78 -6.18 -3.62
CA LEU A 46 -5.48 -7.60 -3.43
C LEU A 46 -5.38 -7.94 -1.95
N MET A 47 -6.30 -8.78 -1.48
CA MET A 47 -6.31 -9.19 -0.07
C MET A 47 -5.97 -10.67 0.06
N LEU A 48 -5.03 -10.98 0.93
CA LEU A 48 -4.62 -12.36 1.16
C LEU A 48 -5.25 -12.92 2.44
N LYS A 49 -5.58 -14.20 2.42
CA LYS A 49 -6.18 -14.86 3.57
C LYS A 49 -5.14 -15.09 4.66
N GLY A 50 -3.87 -15.06 4.29
CA GLY A 50 -2.80 -15.26 5.25
C GLY A 50 -2.98 -14.42 6.50
N LYS A 51 -2.08 -14.61 7.47
CA LYS A 51 -2.15 -13.86 8.71
C LYS A 51 -2.59 -12.42 8.46
N ASN A 52 -1.81 -11.68 7.66
CA ASN A 52 -2.13 -10.31 7.35
C ASN A 52 -1.26 -9.79 6.21
N GLN A 53 -1.83 -9.68 5.02
CA GLN A 53 -1.11 -9.20 3.85
C GLN A 53 -2.07 -8.77 2.75
N ALA A 54 -1.75 -7.66 2.10
CA ALA A 54 -2.59 -7.13 1.02
C ALA A 54 -1.84 -6.07 0.21
N PHE A 55 -2.28 -5.87 -1.03
CA PHE A 55 -1.64 -4.89 -1.90
C PHE A 55 -2.69 -3.98 -2.54
N LEU A 56 -2.44 -2.67 -2.50
CA LEU A 56 -3.35 -1.69 -3.07
C LEU A 56 -2.74 -1.01 -4.28
N GLU A 57 -3.57 -0.66 -5.26
CA GLU A 57 -3.10 0.00 -6.47
C GLU A 57 -3.99 1.19 -6.80
N LEU A 58 -3.47 2.40 -6.61
CA LEU A 58 -4.21 3.62 -6.89
C LEU A 58 -4.33 3.84 -8.40
N ALA A 59 -5.37 4.56 -8.80
CA ALA A 59 -5.60 4.85 -10.21
C ALA A 59 -4.29 5.15 -10.93
N THR A 60 -3.51 6.08 -10.38
CA THR A 60 -2.23 6.45 -10.98
C THR A 60 -1.14 6.51 -9.92
N GLU A 61 0.12 6.59 -10.37
CA GLU A 61 1.26 6.66 -9.47
C GLU A 61 1.24 7.97 -8.68
N GLU A 62 0.98 9.07 -9.37
CA GLU A 62 0.95 10.38 -8.74
C GLU A 62 0.31 10.30 -7.36
N ALA A 63 -0.78 9.55 -7.25
CA ALA A 63 -1.48 9.39 -5.98
C ALA A 63 -0.66 8.55 -5.01
N ALA A 64 -0.12 7.44 -5.49
CA ALA A 64 0.69 6.56 -4.67
C ALA A 64 1.83 7.33 -4.00
N ILE A 65 2.60 8.05 -4.81
CA ILE A 65 3.72 8.83 -4.31
C ILE A 65 3.29 9.71 -3.13
N THR A 66 2.26 10.51 -3.34
CA THR A 66 1.75 11.40 -2.30
C THR A 66 1.22 10.61 -1.12
N MET A 67 0.57 9.48 -1.41
CA MET A 67 0.01 8.63 -0.36
C MET A 67 1.07 8.26 0.67
N VAL A 68 2.06 7.51 0.24
CA VAL A 68 3.15 7.08 1.13
C VAL A 68 3.61 8.23 2.01
N ASN A 69 4.10 9.29 1.39
CA ASN A 69 4.57 10.47 2.12
C ASN A 69 3.67 10.76 3.32
N TYR A 70 2.40 11.01 3.04
CA TYR A 70 1.44 11.32 4.10
C TYR A 70 1.70 10.46 5.34
N TYR A 71 2.08 9.21 5.11
CA TYR A 71 2.36 8.30 6.22
C TYR A 71 3.83 8.38 6.63
N SER A 72 4.70 8.58 5.66
CA SER A 72 6.14 8.69 5.92
C SER A 72 6.40 9.41 7.24
N ALA A 73 5.60 10.43 7.51
CA ALA A 73 5.75 11.20 8.75
C ALA A 73 4.70 10.78 9.78
N VAL A 74 3.47 10.60 9.32
CA VAL A 74 2.37 10.20 10.20
C VAL A 74 2.22 8.69 10.23
N THR A 75 2.10 8.13 11.43
CA THR A 75 1.94 6.70 11.60
C THR A 75 0.49 6.32 11.87
N PRO A 76 -0.15 5.67 10.88
CA PRO A 76 -1.55 5.25 10.98
C PRO A 76 -1.72 4.03 11.88
N HIS A 77 -2.96 3.72 12.21
CA HIS A 77 -3.27 2.57 13.06
C HIS A 77 -4.72 2.16 12.92
N LEU A 78 -4.95 0.93 12.49
CA LEU A 78 -6.31 0.42 12.30
C LEU A 78 -6.71 -0.48 13.48
N ARG A 79 -7.94 -0.32 13.93
CA ARG A 79 -8.45 -1.11 15.04
C ARG A 79 -7.47 -1.09 16.23
N ASN A 80 -6.93 0.10 16.51
CA ASN A 80 -5.98 0.25 17.60
C ASN A 80 -4.73 -0.60 17.38
N GLN A 81 -4.28 -0.64 16.13
CA GLN A 81 -3.10 -1.42 15.78
C GLN A 81 -2.38 -0.79 14.59
N PRO A 82 -1.04 -0.91 14.59
CA PRO A 82 -0.20 -0.37 13.51
C PRO A 82 -0.29 -1.19 12.23
N ILE A 83 -0.08 -0.53 11.09
CA ILE A 83 -0.13 -1.20 9.80
C ILE A 83 1.12 -0.93 8.99
N TYR A 84 1.44 -1.85 8.09
CA TYR A 84 2.63 -1.71 7.24
C TYR A 84 2.25 -1.19 5.86
N ILE A 85 3.03 -0.24 5.35
CA ILE A 85 2.79 0.34 4.04
C ILE A 85 4.09 0.72 3.35
N GLN A 86 4.30 0.19 2.14
CA GLN A 86 5.51 0.47 1.38
C GLN A 86 5.25 0.32 -0.11
N TYR A 87 6.30 0.52 -0.90
CA TYR A 87 6.20 0.40 -2.35
C TYR A 87 6.30 -1.06 -2.79
N SER A 88 5.67 -1.38 -3.91
CA SER A 88 5.70 -2.74 -4.44
C SER A 88 6.34 -2.78 -5.82
N ASN A 89 7.50 -3.43 -5.91
CA ASN A 89 8.22 -3.53 -7.17
C ASN A 89 7.62 -4.62 -8.05
N HIS A 90 6.74 -4.22 -8.97
CA HIS A 90 6.09 -5.16 -9.87
C HIS A 90 5.45 -4.43 -11.04
N LYS A 91 5.65 -4.96 -12.25
CA LYS A 91 5.09 -4.35 -13.45
C LYS A 91 3.62 -4.01 -13.25
N GLU A 92 2.85 -4.99 -12.78
CA GLU A 92 1.42 -4.79 -12.54
C GLU A 92 0.93 -5.66 -11.38
N LEU A 93 -0.36 -5.57 -11.09
CA LEU A 93 -0.95 -6.34 -10.01
C LEU A 93 -1.24 -7.78 -10.44
N LYS A 94 -1.88 -7.91 -11.60
CA LYS A 94 -2.21 -9.23 -12.14
C LYS A 94 -1.01 -9.84 -12.86
N THR A 95 -0.72 -11.11 -12.54
CA THR A 95 0.40 -11.81 -13.16
C THR A 95 0.13 -12.07 -14.64
N SER A 96 0.98 -11.51 -15.49
CA SER A 96 0.83 -11.68 -16.94
C SER A 96 0.87 -13.16 -17.31
N GLY A 97 0.28 -13.49 -18.45
CA GLY A 97 0.25 -14.87 -18.91
C GLY A 97 -0.12 -14.99 -20.38
N PRO A 98 0.91 -15.07 -21.24
CA PRO A 98 0.71 -15.19 -22.68
C PRO A 98 -0.36 -16.22 -23.03
N SER A 99 -1.27 -15.83 -23.93
CA SER A 99 -2.35 -16.72 -24.35
C SER A 99 -2.06 -17.30 -25.74
N SER A 100 -2.23 -18.61 -25.87
CA SER A 100 -2.00 -19.29 -27.14
C SER A 100 -3.29 -19.40 -27.95
N GLY A 101 -4.34 -19.87 -27.30
CA GLY A 101 -5.62 -20.01 -27.98
C GLY A 101 -6.39 -21.23 -27.50
N GLY A 1 7.99 9.07 18.07
CA GLY A 1 8.90 8.20 17.35
C GLY A 1 9.86 8.97 16.47
N SER A 2 9.42 9.30 15.26
CA SER A 2 10.25 10.03 14.31
C SER A 2 11.59 9.33 14.10
N SER A 3 11.55 8.01 13.99
CA SER A 3 12.74 7.22 13.79
C SER A 3 13.40 7.53 12.45
N GLY A 4 14.70 7.30 12.35
CA GLY A 4 15.41 7.57 11.11
C GLY A 4 15.00 8.89 10.48
N SER A 5 15.21 9.98 11.20
CA SER A 5 14.85 11.30 10.71
C SER A 5 16.04 11.97 10.02
N SER A 6 16.76 11.18 9.23
CA SER A 6 17.93 11.69 8.51
C SER A 6 17.56 12.09 7.09
N GLY A 7 18.50 12.73 6.40
CA GLY A 7 18.25 13.16 5.03
C GLY A 7 18.60 12.08 4.02
N ASP A 8 18.07 10.88 4.24
CA ASP A 8 18.32 9.77 3.33
C ASP A 8 17.68 10.01 1.96
N LYS A 9 18.13 9.26 0.96
CA LYS A 9 17.60 9.40 -0.38
C LYS A 9 17.03 8.07 -0.88
N MET A 10 15.71 8.04 -1.08
CA MET A 10 15.05 6.83 -1.57
C MET A 10 14.23 7.12 -2.82
N ASP A 11 14.87 7.03 -3.98
CA ASP A 11 14.20 7.28 -5.25
C ASP A 11 14.70 6.32 -6.33
N GLY A 12 13.92 6.19 -7.40
CA GLY A 12 14.29 5.30 -8.48
C GLY A 12 13.17 5.10 -9.48
N ALA A 13 12.41 4.02 -9.30
CA ALA A 13 11.31 3.71 -10.19
C ALA A 13 10.02 3.44 -9.40
N PRO A 14 9.36 4.52 -8.98
CA PRO A 14 8.11 4.44 -8.21
C PRO A 14 7.13 3.42 -8.80
N SER A 15 6.29 2.85 -7.94
CA SER A 15 5.31 1.86 -8.39
C SER A 15 3.90 2.33 -8.09
N ARG A 16 2.94 1.83 -8.85
CA ARG A 16 1.53 2.20 -8.67
C ARG A 16 0.91 1.41 -7.54
N VAL A 17 1.32 0.15 -7.41
CA VAL A 17 0.79 -0.73 -6.36
C VAL A 17 1.57 -0.56 -5.06
N LEU A 18 0.86 -0.54 -3.95
CA LEU A 18 1.48 -0.38 -2.63
C LEU A 18 1.28 -1.63 -1.79
N HIS A 19 2.33 -2.03 -1.07
CA HIS A 19 2.26 -3.21 -0.22
C HIS A 19 1.92 -2.82 1.22
N ILE A 20 1.12 -3.67 1.88
CA ILE A 20 0.72 -3.41 3.25
C ILE A 20 0.74 -4.69 4.08
N ARG A 21 1.26 -4.60 5.30
CA ARG A 21 1.35 -5.75 6.18
C ARG A 21 0.66 -5.46 7.51
N LYS A 22 0.64 -6.45 8.39
CA LYS A 22 0.01 -6.30 9.71
C LYS A 22 -1.41 -5.79 9.57
N LEU A 23 -2.18 -6.39 8.67
CA LEU A 23 -3.56 -5.99 8.44
C LEU A 23 -4.44 -6.37 9.63
N PRO A 24 -5.33 -5.46 10.03
CA PRO A 24 -6.24 -5.67 11.16
C PRO A 24 -6.95 -7.02 11.09
N GLY A 25 -6.97 -7.73 12.21
CA GLY A 25 -7.61 -9.03 12.25
C GLY A 25 -9.02 -9.00 11.69
N GLU A 26 -9.22 -9.65 10.55
CA GLU A 26 -10.53 -9.70 9.91
C GLU A 26 -10.91 -8.32 9.36
N VAL A 27 -9.96 -7.67 8.71
CA VAL A 27 -10.19 -6.35 8.13
C VAL A 27 -11.04 -6.44 6.87
N THR A 28 -11.85 -5.40 6.64
CA THR A 28 -12.71 -5.37 5.47
C THR A 28 -12.18 -4.41 4.41
N GLU A 29 -12.28 -4.81 3.15
CA GLU A 29 -11.80 -3.98 2.04
C GLU A 29 -12.14 -2.51 2.28
N THR A 30 -13.40 -2.24 2.60
CA THR A 30 -13.85 -0.88 2.85
C THR A 30 -12.80 -0.08 3.65
N GLU A 31 -12.20 -0.74 4.64
CA GLU A 31 -11.20 -0.10 5.47
C GLU A 31 -10.05 0.45 4.61
N VAL A 32 -9.30 -0.46 3.99
CA VAL A 32 -8.18 -0.07 3.14
C VAL A 32 -8.62 0.92 2.07
N ILE A 33 -9.78 0.65 1.47
CA ILE A 33 -10.31 1.52 0.42
C ILE A 33 -10.52 2.94 0.94
N ALA A 34 -11.12 3.05 2.12
CA ALA A 34 -11.38 4.34 2.74
C ALA A 34 -10.07 5.09 3.03
N LEU A 35 -8.99 4.33 3.15
CA LEU A 35 -7.67 4.91 3.42
C LEU A 35 -6.94 5.25 2.13
N GLY A 36 -7.45 4.72 1.02
CA GLY A 36 -6.83 4.97 -0.27
C GLY A 36 -7.60 5.98 -1.09
N LEU A 37 -8.78 6.35 -0.62
CA LEU A 37 -9.64 7.31 -1.32
C LEU A 37 -9.15 8.74 -1.08
N PRO A 38 -8.78 9.04 0.17
CA PRO A 38 -8.28 10.36 0.56
C PRO A 38 -7.23 10.89 -0.41
N PHE A 39 -6.59 9.98 -1.14
CA PHE A 39 -5.55 10.35 -2.09
C PHE A 39 -6.09 10.32 -3.51
N GLY A 40 -6.73 9.22 -3.87
CA GLY A 40 -7.28 9.08 -5.21
C GLY A 40 -8.40 8.06 -5.27
N LYS A 41 -8.30 7.14 -6.22
CA LYS A 41 -9.31 6.10 -6.39
C LYS A 41 -8.65 4.73 -6.58
N VAL A 42 -9.12 3.75 -5.81
CA VAL A 42 -8.58 2.40 -5.88
C VAL A 42 -9.23 1.62 -7.01
N THR A 43 -8.44 1.22 -8.00
CA THR A 43 -8.93 0.48 -9.15
C THR A 43 -8.70 -1.02 -8.95
N ASN A 44 -7.58 -1.37 -8.33
CA ASN A 44 -7.24 -2.77 -8.09
C ASN A 44 -6.77 -2.97 -6.66
N ILE A 45 -7.26 -4.03 -6.02
CA ILE A 45 -6.88 -4.34 -4.64
C ILE A 45 -6.75 -5.84 -4.43
N LEU A 46 -5.78 -6.24 -3.62
CA LEU A 46 -5.56 -7.65 -3.33
C LEU A 46 -5.31 -7.87 -1.84
N MET A 47 -6.17 -8.65 -1.21
CA MET A 47 -6.03 -8.93 0.22
C MET A 47 -5.92 -10.44 0.46
N LEU A 48 -4.83 -10.87 1.06
CA LEU A 48 -4.61 -12.28 1.35
C LEU A 48 -5.27 -12.68 2.66
N LYS A 49 -6.00 -13.79 2.63
CA LYS A 49 -6.69 -14.28 3.83
C LYS A 49 -5.70 -14.84 4.84
N GLY A 50 -4.83 -15.73 4.37
CA GLY A 50 -3.84 -16.33 5.25
C GLY A 50 -2.96 -15.29 5.92
N LYS A 51 -1.80 -15.02 5.31
CA LYS A 51 -0.87 -14.04 5.85
C LYS A 51 -1.51 -12.67 5.96
N ASN A 52 -0.94 -11.81 6.80
CA ASN A 52 -1.45 -10.46 6.99
C ASN A 52 -0.83 -9.49 6.00
N GLN A 53 -1.18 -9.63 4.73
CA GLN A 53 -0.64 -8.76 3.69
C GLN A 53 -1.73 -8.36 2.70
N ALA A 54 -1.51 -7.25 2.00
CA ALA A 54 -2.48 -6.77 1.01
C ALA A 54 -1.85 -5.70 0.12
N PHE A 55 -2.17 -5.77 -1.17
CA PHE A 55 -1.64 -4.81 -2.14
C PHE A 55 -2.75 -3.94 -2.70
N LEU A 56 -2.55 -2.62 -2.63
CA LEU A 56 -3.54 -1.67 -3.13
C LEU A 56 -3.04 -0.97 -4.39
N GLU A 57 -3.97 -0.51 -5.21
CA GLU A 57 -3.62 0.17 -6.45
C GLU A 57 -4.57 1.33 -6.72
N LEU A 58 -4.00 2.52 -6.92
CA LEU A 58 -4.81 3.71 -7.18
C LEU A 58 -4.86 4.01 -8.68
N ALA A 59 -5.78 4.88 -9.07
CA ALA A 59 -5.94 5.25 -10.47
C ALA A 59 -4.59 5.60 -11.10
N THR A 60 -3.87 6.53 -10.47
CA THR A 60 -2.57 6.95 -10.97
C THR A 60 -1.47 6.63 -9.97
N GLU A 61 -0.22 6.76 -10.41
CA GLU A 61 0.93 6.46 -9.56
C GLU A 61 1.16 7.60 -8.57
N GLU A 62 1.12 8.84 -9.07
CA GLU A 62 1.34 10.01 -8.24
C GLU A 62 0.69 9.83 -6.87
N ALA A 63 -0.60 9.49 -6.88
CA ALA A 63 -1.34 9.30 -5.63
C ALA A 63 -0.62 8.31 -4.72
N ALA A 64 -0.06 7.26 -5.31
CA ALA A 64 0.66 6.24 -4.55
C ALA A 64 1.87 6.84 -3.85
N ILE A 65 2.71 7.55 -4.60
CA ILE A 65 3.91 8.17 -4.05
C ILE A 65 3.55 9.10 -2.89
N THR A 66 2.71 10.08 -3.16
CA THR A 66 2.29 11.04 -2.14
C THR A 66 1.67 10.32 -0.95
N MET A 67 0.93 9.25 -1.22
CA MET A 67 0.28 8.48 -0.15
C MET A 67 1.31 8.00 0.87
N VAL A 68 2.32 7.28 0.40
CA VAL A 68 3.36 6.76 1.28
C VAL A 68 4.06 7.90 2.03
N ASN A 69 4.33 8.99 1.32
CA ASN A 69 5.01 10.13 1.90
C ASN A 69 4.21 10.66 3.10
N TYR A 70 2.96 11.03 2.86
CA TYR A 70 2.09 11.55 3.91
C TYR A 70 2.21 10.71 5.18
N TYR A 71 2.36 9.40 5.00
CA TYR A 71 2.47 8.49 6.12
C TYR A 71 3.90 8.51 6.70
N SER A 72 4.87 8.74 5.84
CA SER A 72 6.27 8.79 6.25
C SER A 72 6.42 9.58 7.56
N ALA A 73 5.58 10.59 7.72
CA ALA A 73 5.61 11.42 8.92
C ALA A 73 4.50 11.03 9.89
N VAL A 74 3.32 10.75 9.35
CA VAL A 74 2.18 10.37 10.18
C VAL A 74 2.03 8.85 10.22
N THR A 75 1.84 8.31 11.42
CA THR A 75 1.68 6.87 11.60
C THR A 75 0.22 6.51 11.87
N PRO A 76 -0.45 5.96 10.86
CA PRO A 76 -1.86 5.56 10.97
C PRO A 76 -2.04 4.29 11.79
N HIS A 77 -3.28 4.00 12.16
CA HIS A 77 -3.59 2.81 12.95
C HIS A 77 -5.04 2.38 12.74
N LEU A 78 -5.24 1.08 12.57
CA LEU A 78 -6.58 0.54 12.36
C LEU A 78 -7.00 -0.33 13.53
N ARG A 79 -8.24 -0.14 13.99
CA ARG A 79 -8.76 -0.91 15.11
C ARG A 79 -7.74 -1.00 16.24
N ASN A 80 -7.09 0.13 16.53
CA ASN A 80 -6.09 0.17 17.59
C ASN A 80 -4.95 -0.81 17.32
N GLN A 81 -4.47 -0.82 16.07
CA GLN A 81 -3.39 -1.71 15.69
C GLN A 81 -2.61 -1.15 14.50
N PRO A 82 -1.41 -0.64 14.77
CA PRO A 82 -0.55 -0.06 13.74
C PRO A 82 -0.53 -0.89 12.46
N ILE A 83 -0.29 -0.24 11.33
CA ILE A 83 -0.24 -0.92 10.04
C ILE A 83 1.08 -0.66 9.33
N TYR A 84 1.42 -1.55 8.40
CA TYR A 84 2.67 -1.40 7.64
C TYR A 84 2.38 -0.99 6.20
N ILE A 85 3.14 0.00 5.72
CA ILE A 85 2.97 0.49 4.35
C ILE A 85 4.32 0.65 3.67
N GLN A 86 4.49 -0.07 2.55
CA GLN A 86 5.74 -0.01 1.79
C GLN A 86 5.47 -0.18 0.31
N TYR A 87 6.40 0.31 -0.51
CA TYR A 87 6.26 0.20 -1.97
C TYR A 87 6.24 -1.25 -2.42
N SER A 88 5.27 -1.58 -3.26
CA SER A 88 5.13 -2.95 -3.77
C SER A 88 6.42 -3.41 -4.42
N ASN A 89 6.43 -4.66 -4.88
CA ASN A 89 7.60 -5.24 -5.54
C ASN A 89 7.42 -5.28 -7.05
N HIS A 90 8.46 -5.70 -7.76
CA HIS A 90 8.42 -5.79 -9.21
C HIS A 90 7.15 -6.51 -9.67
N LYS A 91 6.67 -7.44 -8.85
CA LYS A 91 5.47 -8.20 -9.18
C LYS A 91 4.21 -7.39 -8.87
N GLU A 92 4.21 -6.13 -9.30
CA GLU A 92 3.06 -5.25 -9.07
C GLU A 92 1.84 -5.74 -9.83
N LEU A 93 0.66 -5.55 -9.23
CA LEU A 93 -0.59 -5.98 -9.84
C LEU A 93 -0.53 -5.81 -11.37
N LYS A 94 -0.70 -6.92 -12.08
CA LYS A 94 -0.67 -6.90 -13.53
C LYS A 94 -1.82 -6.08 -14.09
N THR A 95 -1.60 -5.45 -15.24
CA THR A 95 -2.62 -4.62 -15.88
C THR A 95 -3.18 -5.31 -17.11
N SER A 96 -4.46 -5.65 -17.07
CA SER A 96 -5.12 -6.31 -18.18
C SER A 96 -4.85 -5.57 -19.49
N GLY A 97 -4.87 -6.31 -20.60
CA GLY A 97 -4.62 -5.71 -21.89
C GLY A 97 -4.43 -6.75 -22.98
N PRO A 98 -5.55 -7.30 -23.48
CA PRO A 98 -5.52 -8.31 -24.54
C PRO A 98 -5.26 -7.71 -25.92
N SER A 99 -4.04 -7.90 -26.43
CA SER A 99 -3.66 -7.38 -27.72
C SER A 99 -4.61 -7.89 -28.81
N SER A 100 -4.90 -9.18 -28.78
CA SER A 100 -5.79 -9.79 -29.76
C SER A 100 -5.33 -9.47 -31.18
N GLY A 101 -4.03 -9.53 -31.40
CA GLY A 101 -3.48 -9.25 -32.72
C GLY A 101 -3.07 -10.50 -33.46
N GLY A 1 8.63 -11.00 16.73
CA GLY A 1 9.54 -10.76 15.62
C GLY A 1 9.61 -9.29 15.24
N SER A 2 10.80 -8.72 15.28
CA SER A 2 11.00 -7.32 14.94
C SER A 2 12.48 -7.00 14.76
N SER A 3 12.84 -6.52 13.57
CA SER A 3 14.22 -6.19 13.26
C SER A 3 14.47 -4.70 13.45
N GLY A 4 15.73 -4.34 13.72
CA GLY A 4 16.08 -2.96 13.92
C GLY A 4 17.44 -2.61 13.33
N SER A 5 17.66 -3.01 12.08
CA SER A 5 18.92 -2.75 11.42
C SER A 5 18.85 -1.45 10.60
N SER A 6 20.00 -1.01 10.11
CA SER A 6 20.06 0.22 9.32
C SER A 6 21.26 0.20 8.38
N GLY A 7 21.01 0.56 7.12
CA GLY A 7 22.08 0.58 6.13
C GLY A 7 21.58 0.98 4.76
N ASP A 8 21.36 -0.01 3.89
CA ASP A 8 20.88 0.25 2.54
C ASP A 8 19.42 0.65 2.55
N LYS A 9 19.05 1.53 1.62
CA LYS A 9 17.67 2.00 1.52
C LYS A 9 17.11 1.73 0.13
N MET A 10 15.83 2.01 -0.05
CA MET A 10 15.16 1.80 -1.33
C MET A 10 14.31 3.01 -1.71
N ASP A 11 14.78 3.77 -2.70
CA ASP A 11 14.06 4.95 -3.16
C ASP A 11 14.66 5.48 -4.46
N GLY A 12 13.80 6.00 -5.33
CA GLY A 12 14.25 6.53 -6.60
C GLY A 12 13.30 6.21 -7.74
N ALA A 13 12.75 5.01 -7.72
CA ALA A 13 11.83 4.58 -8.76
C ALA A 13 10.47 4.21 -8.17
N PRO A 14 9.65 5.24 -7.90
CA PRO A 14 8.31 5.04 -7.32
C PRO A 14 7.53 3.93 -8.02
N SER A 15 6.45 3.49 -7.39
CA SER A 15 5.62 2.43 -7.94
C SER A 15 4.14 2.76 -7.79
N ARG A 16 3.30 1.99 -8.49
CA ARG A 16 1.86 2.20 -8.44
C ARG A 16 1.22 1.37 -7.34
N VAL A 17 1.65 0.11 -7.23
CA VAL A 17 1.12 -0.80 -6.22
C VAL A 17 1.84 -0.60 -4.88
N LEU A 18 1.10 -0.70 -3.80
CA LEU A 18 1.66 -0.54 -2.45
C LEU A 18 1.54 -1.84 -1.66
N HIS A 19 2.61 -2.19 -0.95
CA HIS A 19 2.63 -3.40 -0.13
C HIS A 19 2.09 -3.13 1.25
N ILE A 20 1.02 -3.83 1.62
CA ILE A 20 0.40 -3.66 2.93
C ILE A 20 0.39 -4.98 3.70
N ARG A 21 0.74 -4.90 4.99
CA ARG A 21 0.77 -6.09 5.83
C ARG A 21 0.35 -5.75 7.26
N LYS A 22 0.40 -6.75 8.14
CA LYS A 22 0.03 -6.55 9.53
C LYS A 22 -1.36 -5.92 9.63
N LEU A 23 -2.20 -6.17 8.63
CA LEU A 23 -3.55 -5.63 8.62
C LEU A 23 -4.36 -6.12 9.82
N PRO A 24 -5.21 -5.23 10.36
CA PRO A 24 -6.05 -5.55 11.51
C PRO A 24 -6.74 -6.91 11.38
N GLY A 25 -7.08 -7.51 12.52
CA GLY A 25 -7.74 -8.80 12.50
C GLY A 25 -9.14 -8.74 11.91
N GLU A 26 -9.46 -9.69 11.04
CA GLU A 26 -10.77 -9.74 10.41
C GLU A 26 -11.12 -8.38 9.81
N VAL A 27 -10.17 -7.79 9.09
CA VAL A 27 -10.38 -6.49 8.45
C VAL A 27 -10.97 -6.65 7.06
N THR A 28 -11.80 -5.69 6.65
CA THR A 28 -12.42 -5.72 5.34
C THR A 28 -11.84 -4.66 4.42
N GLU A 29 -11.86 -4.93 3.12
CA GLU A 29 -11.34 -3.99 2.14
C GLU A 29 -11.79 -2.57 2.44
N THR A 30 -13.07 -2.43 2.79
CA THR A 30 -13.64 -1.12 3.10
C THR A 30 -12.62 -0.23 3.79
N GLU A 31 -11.93 -0.78 4.79
CA GLU A 31 -10.92 -0.03 5.53
C GLU A 31 -9.83 0.49 4.59
N VAL A 32 -9.08 -0.44 4.01
CA VAL A 32 -8.00 -0.08 3.09
C VAL A 32 -8.50 0.87 2.01
N ILE A 33 -9.76 0.73 1.63
CA ILE A 33 -10.36 1.57 0.61
C ILE A 33 -10.54 3.00 1.11
N ALA A 34 -11.38 3.15 2.14
CA ALA A 34 -11.65 4.46 2.72
C ALA A 34 -10.34 5.18 3.07
N LEU A 35 -9.26 4.42 3.14
CA LEU A 35 -7.95 4.99 3.47
C LEU A 35 -7.19 5.35 2.20
N GLY A 36 -7.52 4.69 1.10
CA GLY A 36 -6.86 4.96 -0.16
C GLY A 36 -7.59 5.99 -0.99
N LEU A 37 -8.89 6.11 -0.77
CA LEU A 37 -9.71 7.06 -1.51
C LEU A 37 -9.20 8.49 -1.31
N PRO A 38 -8.84 8.81 -0.05
CA PRO A 38 -8.33 10.14 0.31
C PRO A 38 -7.24 10.62 -0.66
N PHE A 39 -6.25 9.77 -0.90
CA PHE A 39 -5.15 10.10 -1.80
C PHE A 39 -5.58 9.97 -3.26
N GLY A 40 -6.16 8.81 -3.59
CA GLY A 40 -6.60 8.57 -4.95
C GLY A 40 -7.69 7.51 -5.02
N LYS A 41 -8.26 7.35 -6.21
CA LYS A 41 -9.32 6.36 -6.42
C LYS A 41 -8.75 4.96 -6.52
N VAL A 42 -9.45 4.00 -5.95
CA VAL A 42 -9.01 2.60 -5.98
C VAL A 42 -9.37 1.94 -7.31
N THR A 43 -8.35 1.59 -8.08
CA THR A 43 -8.55 0.95 -9.38
C THR A 43 -8.30 -0.54 -9.30
N ASN A 44 -7.21 -0.92 -8.63
CA ASN A 44 -6.84 -2.32 -8.48
C ASN A 44 -6.45 -2.64 -7.05
N ILE A 45 -7.09 -3.64 -6.46
CA ILE A 45 -6.80 -4.04 -5.09
C ILE A 45 -6.56 -5.54 -4.99
N LEU A 46 -5.74 -5.94 -4.03
CA LEU A 46 -5.43 -7.35 -3.83
C LEU A 46 -5.38 -7.70 -2.34
N MET A 47 -6.19 -8.67 -1.93
CA MET A 47 -6.23 -9.09 -0.55
C MET A 47 -5.97 -10.58 -0.42
N LEU A 48 -5.21 -10.96 0.61
CA LEU A 48 -4.89 -12.36 0.84
C LEU A 48 -5.55 -12.88 2.12
N LYS A 49 -5.97 -14.13 2.09
CA LYS A 49 -6.62 -14.75 3.25
C LYS A 49 -5.59 -15.12 4.31
N GLY A 50 -4.32 -15.16 3.91
CA GLY A 50 -3.26 -15.51 4.84
C GLY A 50 -3.28 -14.65 6.08
N LYS A 51 -2.29 -14.85 6.95
CA LYS A 51 -2.19 -14.08 8.19
C LYS A 51 -2.67 -12.65 7.97
N ASN A 52 -1.91 -11.89 7.19
CA ASN A 52 -2.26 -10.50 6.90
C ASN A 52 -1.37 -9.94 5.81
N GLN A 53 -1.93 -9.76 4.62
CA GLN A 53 -1.20 -9.23 3.49
C GLN A 53 -2.14 -8.78 2.37
N ALA A 54 -1.89 -7.60 1.83
CA ALA A 54 -2.71 -7.06 0.75
C ALA A 54 -1.99 -5.96 0.00
N PHE A 55 -2.28 -5.84 -1.29
CA PHE A 55 -1.65 -4.81 -2.13
C PHE A 55 -2.70 -3.89 -2.73
N LEU A 56 -2.43 -2.60 -2.69
CA LEU A 56 -3.34 -1.60 -3.25
C LEU A 56 -2.74 -0.92 -4.47
N GLU A 57 -3.60 -0.54 -5.42
CA GLU A 57 -3.15 0.12 -6.63
C GLU A 57 -4.10 1.25 -7.02
N LEU A 58 -3.62 2.48 -6.90
CA LEU A 58 -4.43 3.65 -7.24
C LEU A 58 -4.40 3.92 -8.74
N ALA A 59 -5.48 4.50 -9.26
CA ALA A 59 -5.56 4.82 -10.68
C ALA A 59 -4.22 5.28 -11.22
N THR A 60 -3.66 6.33 -10.61
CA THR A 60 -2.38 6.87 -11.03
C THR A 60 -1.31 6.65 -9.97
N GLU A 61 -0.06 6.58 -10.41
CA GLU A 61 1.06 6.37 -9.49
C GLU A 61 1.23 7.57 -8.56
N GLU A 62 1.21 8.77 -9.13
CA GLU A 62 1.35 9.99 -8.35
C GLU A 62 0.63 9.88 -7.02
N ALA A 63 -0.65 9.51 -7.07
CA ALA A 63 -1.46 9.37 -5.87
C ALA A 63 -0.80 8.41 -4.88
N ALA A 64 -0.44 7.23 -5.36
CA ALA A 64 0.21 6.22 -4.50
C ALA A 64 1.42 6.81 -3.79
N ILE A 65 2.18 7.63 -4.51
CA ILE A 65 3.38 8.25 -3.94
C ILE A 65 3.02 9.13 -2.75
N THR A 66 2.11 10.07 -2.97
CA THR A 66 1.67 10.98 -1.91
C THR A 66 1.14 10.21 -0.70
N MET A 67 0.39 9.14 -0.97
CA MET A 67 -0.17 8.32 0.08
C MET A 67 0.89 7.99 1.14
N VAL A 68 1.91 7.25 0.73
CA VAL A 68 2.99 6.87 1.64
C VAL A 68 3.70 8.11 2.19
N ASN A 69 3.92 9.09 1.33
CA ASN A 69 4.59 10.32 1.74
C ASN A 69 3.92 10.93 2.97
N TYR A 70 2.63 11.20 2.86
CA TYR A 70 1.87 11.78 3.96
C TYR A 70 2.10 11.01 5.25
N TYR A 71 2.10 9.68 5.14
CA TYR A 71 2.31 8.82 6.30
C TYR A 71 3.73 8.97 6.84
N SER A 72 4.68 9.14 5.94
CA SER A 72 6.08 9.29 6.32
C SER A 72 6.20 10.06 7.64
N ALA A 73 5.38 11.09 7.78
CA ALA A 73 5.39 11.91 8.99
C ALA A 73 4.35 11.43 9.99
N VAL A 74 3.17 11.09 9.49
CA VAL A 74 2.08 10.62 10.34
C VAL A 74 1.94 9.10 10.26
N THR A 75 1.91 8.46 11.42
CA THR A 75 1.78 7.01 11.48
C THR A 75 0.34 6.60 11.80
N PRO A 76 -0.30 5.88 10.87
CA PRO A 76 -1.67 5.41 11.03
C PRO A 76 -1.77 4.21 11.99
N HIS A 77 -2.99 3.92 12.42
CA HIS A 77 -3.22 2.80 13.34
C HIS A 77 -4.67 2.35 13.29
N LEU A 78 -4.92 1.20 12.68
CA LEU A 78 -6.27 0.66 12.57
C LEU A 78 -6.63 -0.18 13.79
N ARG A 79 -7.81 0.06 14.33
CA ARG A 79 -8.27 -0.68 15.50
C ARG A 79 -7.17 -0.75 16.56
N ASN A 80 -6.50 0.37 16.80
CA ASN A 80 -5.43 0.43 17.79
C ASN A 80 -4.35 -0.60 17.47
N GLN A 81 -3.95 -0.67 16.21
CA GLN A 81 -2.92 -1.61 15.78
C GLN A 81 -2.24 -1.13 14.51
N PRO A 82 -0.99 -0.69 14.63
CA PRO A 82 -0.20 -0.19 13.49
C PRO A 82 -0.34 -1.09 12.27
N ILE A 83 -0.06 -0.52 11.10
CA ILE A 83 -0.15 -1.27 9.85
C ILE A 83 1.11 -1.08 9.00
N TYR A 84 1.46 -2.10 8.22
CA TYR A 84 2.63 -2.04 7.36
C TYR A 84 2.28 -1.47 5.99
N ILE A 85 3.09 -0.54 5.52
CA ILE A 85 2.87 0.09 4.22
C ILE A 85 4.19 0.47 3.56
N GLN A 86 4.38 0.01 2.32
CA GLN A 86 5.60 0.30 1.58
C GLN A 86 5.35 0.20 0.07
N TYR A 87 6.41 0.41 -0.70
CA TYR A 87 6.31 0.34 -2.16
C TYR A 87 6.47 -1.09 -2.66
N SER A 88 6.03 -1.34 -3.89
CA SER A 88 6.12 -2.67 -4.48
C SER A 88 7.22 -2.72 -5.54
N ASN A 89 8.32 -3.40 -5.21
CA ASN A 89 9.44 -3.53 -6.12
C ASN A 89 9.31 -4.79 -6.98
N HIS A 90 8.99 -5.90 -6.33
CA HIS A 90 8.83 -7.17 -7.03
C HIS A 90 7.42 -7.73 -6.83
N LYS A 91 6.87 -7.54 -5.64
CA LYS A 91 5.53 -8.02 -5.33
C LYS A 91 4.48 -7.05 -5.84
N GLU A 92 4.62 -6.63 -7.10
CA GLU A 92 3.67 -5.71 -7.71
C GLU A 92 2.52 -6.46 -8.35
N LEU A 93 1.31 -5.94 -8.19
CA LEU A 93 0.12 -6.56 -8.75
C LEU A 93 0.28 -6.76 -10.26
N LYS A 94 0.76 -5.73 -10.95
CA LYS A 94 0.96 -5.81 -12.39
C LYS A 94 1.67 -7.09 -12.77
N THR A 95 1.31 -7.65 -13.93
CA THR A 95 1.91 -8.88 -14.41
C THR A 95 1.94 -8.92 -15.93
N SER A 96 2.65 -9.90 -16.48
CA SER A 96 2.76 -10.05 -17.93
C SER A 96 2.63 -11.51 -18.34
N GLY A 97 2.17 -11.74 -19.57
CA GLY A 97 1.99 -13.09 -20.06
C GLY A 97 1.57 -13.13 -21.52
N PRO A 98 2.55 -13.35 -22.42
CA PRO A 98 2.29 -13.41 -23.85
C PRO A 98 1.61 -14.71 -24.27
N SER A 99 1.23 -14.80 -25.54
CA SER A 99 0.57 -15.99 -26.06
C SER A 99 1.24 -16.48 -27.34
N SER A 100 1.16 -17.77 -27.60
CA SER A 100 1.77 -18.36 -28.79
C SER A 100 0.89 -18.13 -30.01
N GLY A 101 1.50 -18.25 -31.19
CA GLY A 101 0.76 -18.04 -32.42
C GLY A 101 0.10 -19.32 -32.92
N GLY A 1 15.38 -8.25 10.46
CA GLY A 1 14.82 -7.80 9.19
C GLY A 1 14.80 -6.29 9.07
N SER A 2 14.45 -5.61 10.16
CA SER A 2 14.40 -4.15 10.16
C SER A 2 15.56 -3.56 10.96
N SER A 3 15.62 -3.91 12.25
CA SER A 3 16.68 -3.41 13.12
C SER A 3 18.03 -3.43 12.41
N GLY A 4 18.61 -2.25 12.23
CA GLY A 4 19.90 -2.15 11.56
C GLY A 4 19.90 -1.12 10.45
N SER A 5 19.97 0.15 10.84
CA SER A 5 19.98 1.25 9.87
C SER A 5 21.17 1.13 8.93
N SER A 6 20.91 0.76 7.68
CA SER A 6 21.94 0.61 6.68
C SER A 6 22.68 1.93 6.45
N GLY A 7 23.79 1.86 5.71
CA GLY A 7 24.55 3.06 5.43
C GLY A 7 23.77 4.08 4.62
N ASP A 8 24.11 4.21 3.35
CA ASP A 8 23.44 5.15 2.46
C ASP A 8 23.07 4.48 1.14
N LYS A 9 21.88 4.81 0.64
CA LYS A 9 21.41 4.24 -0.61
C LYS A 9 20.18 5.00 -1.12
N MET A 10 20.24 5.44 -2.37
CA MET A 10 19.14 6.18 -2.97
C MET A 10 18.50 5.38 -4.11
N ASP A 11 17.45 4.64 -3.79
CA ASP A 11 16.76 3.83 -4.79
C ASP A 11 15.35 4.35 -5.02
N GLY A 12 15.06 4.74 -6.26
CA GLY A 12 13.74 5.26 -6.59
C GLY A 12 12.93 4.27 -7.40
N ALA A 13 12.37 4.74 -8.52
CA ALA A 13 11.57 3.89 -9.38
C ALA A 13 10.21 3.60 -8.76
N PRO A 14 9.48 4.67 -8.39
CA PRO A 14 8.16 4.56 -7.78
C PRO A 14 7.27 3.54 -8.48
N SER A 15 6.36 2.92 -7.73
CA SER A 15 5.46 1.92 -8.29
C SER A 15 4.01 2.32 -8.09
N ARG A 16 3.11 1.70 -8.85
CA ARG A 16 1.69 1.99 -8.76
C ARG A 16 1.05 1.25 -7.60
N VAL A 17 1.36 -0.03 -7.47
CA VAL A 17 0.81 -0.85 -6.41
C VAL A 17 1.68 -0.76 -5.14
N LEU A 18 1.02 -0.79 -3.98
CA LEU A 18 1.71 -0.71 -2.71
C LEU A 18 1.42 -1.93 -1.85
N HIS A 19 2.41 -2.34 -1.05
CA HIS A 19 2.26 -3.49 -0.18
C HIS A 19 2.06 -3.05 1.26
N ILE A 20 1.10 -3.67 1.94
CA ILE A 20 0.81 -3.35 3.33
C ILE A 20 0.74 -4.61 4.19
N ARG A 21 1.32 -4.54 5.38
CA ARG A 21 1.33 -5.67 6.29
C ARG A 21 0.73 -5.29 7.64
N LYS A 22 0.73 -6.22 8.58
CA LYS A 22 0.19 -5.99 9.91
C LYS A 22 -1.24 -5.45 9.82
N LEU A 23 -2.03 -6.01 8.92
CA LEU A 23 -3.41 -5.58 8.72
C LEU A 23 -4.28 -6.05 9.88
N PRO A 24 -5.22 -5.19 10.30
CA PRO A 24 -6.14 -5.51 11.41
C PRO A 24 -6.77 -6.89 11.27
N GLY A 25 -6.92 -7.59 12.39
CA GLY A 25 -7.50 -8.91 12.37
C GLY A 25 -8.76 -8.98 11.53
N GLU A 26 -8.78 -9.89 10.56
CA GLU A 26 -9.94 -10.04 9.68
C GLU A 26 -10.44 -8.69 9.19
N VAL A 27 -9.52 -7.89 8.62
CA VAL A 27 -9.88 -6.58 8.12
C VAL A 27 -10.56 -6.68 6.76
N THR A 28 -11.48 -5.76 6.50
CA THR A 28 -12.22 -5.74 5.24
C THR A 28 -11.60 -4.74 4.25
N GLU A 29 -11.63 -5.08 2.97
CA GLU A 29 -11.08 -4.21 1.94
C GLU A 29 -11.54 -2.77 2.14
N THR A 30 -12.84 -2.59 2.37
CA THR A 30 -13.41 -1.26 2.57
C THR A 30 -12.54 -0.44 3.50
N GLU A 31 -12.02 -1.07 4.55
CA GLU A 31 -11.17 -0.39 5.52
C GLU A 31 -9.96 0.25 4.83
N VAL A 32 -9.14 -0.59 4.21
CA VAL A 32 -7.94 -0.12 3.51
C VAL A 32 -8.30 0.87 2.42
N ILE A 33 -9.37 0.57 1.69
CA ILE A 33 -9.83 1.45 0.61
C ILE A 33 -10.16 2.85 1.14
N ALA A 34 -10.93 2.89 2.21
CA ALA A 34 -11.33 4.15 2.82
C ALA A 34 -10.11 5.04 3.06
N LEU A 35 -8.94 4.43 3.19
CA LEU A 35 -7.71 5.17 3.43
C LEU A 35 -7.06 5.58 2.11
N GLY A 36 -7.41 4.87 1.04
CA GLY A 36 -6.85 5.18 -0.27
C GLY A 36 -7.72 6.14 -1.05
N LEU A 37 -9.02 6.13 -0.77
CA LEU A 37 -9.96 7.00 -1.46
C LEU A 37 -9.56 8.47 -1.29
N PRO A 38 -9.15 8.84 -0.07
CA PRO A 38 -8.74 10.20 0.25
C PRO A 38 -7.75 10.76 -0.78
N PHE A 39 -6.66 10.04 -1.00
CA PHE A 39 -5.64 10.47 -1.96
C PHE A 39 -6.19 10.43 -3.38
N GLY A 40 -6.79 9.31 -3.75
CA GLY A 40 -7.35 9.17 -5.08
C GLY A 40 -8.49 8.17 -5.14
N LYS A 41 -8.27 7.08 -5.86
CA LYS A 41 -9.30 6.04 -5.99
C LYS A 41 -8.65 4.67 -6.17
N VAL A 42 -9.20 3.67 -5.49
CA VAL A 42 -8.69 2.31 -5.58
C VAL A 42 -9.26 1.58 -6.79
N THR A 43 -8.40 1.25 -7.75
CA THR A 43 -8.82 0.56 -8.95
C THR A 43 -8.57 -0.94 -8.84
N ASN A 44 -7.44 -1.30 -8.25
CA ASN A 44 -7.08 -2.70 -8.07
C ASN A 44 -6.65 -2.98 -6.64
N ILE A 45 -7.27 -3.98 -6.02
CA ILE A 45 -6.95 -4.35 -4.64
C ILE A 45 -6.69 -5.84 -4.52
N LEU A 46 -5.76 -6.20 -3.65
CA LEU A 46 -5.41 -7.60 -3.44
C LEU A 46 -5.32 -7.92 -1.94
N MET A 47 -6.27 -8.72 -1.45
CA MET A 47 -6.29 -9.10 -0.05
C MET A 47 -5.98 -10.58 0.12
N LEU A 48 -4.78 -10.89 0.61
CA LEU A 48 -4.35 -12.27 0.81
C LEU A 48 -5.11 -12.90 1.98
N LYS A 49 -6.03 -13.79 1.67
CA LYS A 49 -6.82 -14.47 2.69
C LYS A 49 -5.94 -15.41 3.53
N GLY A 50 -6.01 -15.24 4.84
CA GLY A 50 -5.21 -16.07 5.73
C GLY A 50 -4.03 -15.33 6.32
N LYS A 51 -3.41 -14.48 5.51
CA LYS A 51 -2.25 -13.71 5.95
C LYS A 51 -2.64 -12.25 6.21
N ASN A 52 -1.67 -11.46 6.66
CA ASN A 52 -1.92 -10.05 6.95
C ASN A 52 -1.22 -9.16 5.92
N GLN A 53 -1.35 -9.53 4.65
CA GLN A 53 -0.74 -8.76 3.56
C GLN A 53 -1.76 -8.47 2.46
N ALA A 54 -1.72 -7.24 1.95
CA ALA A 54 -2.64 -6.83 0.89
C ALA A 54 -2.02 -5.76 0.02
N PHE A 55 -2.31 -5.82 -1.28
CA PHE A 55 -1.77 -4.85 -2.23
C PHE A 55 -2.87 -3.91 -2.73
N LEU A 56 -2.64 -2.61 -2.60
CA LEU A 56 -3.60 -1.62 -3.05
C LEU A 56 -3.07 -0.83 -4.23
N GLU A 57 -3.97 -0.47 -5.15
CA GLU A 57 -3.59 0.29 -6.33
C GLU A 57 -4.49 1.52 -6.51
N LEU A 58 -3.88 2.65 -6.84
CA LEU A 58 -4.62 3.88 -7.05
C LEU A 58 -4.73 4.23 -8.53
N ALA A 59 -5.70 5.06 -8.87
CA ALA A 59 -5.91 5.46 -10.26
C ALA A 59 -4.57 5.74 -10.94
N THR A 60 -3.83 6.70 -10.41
CA THR A 60 -2.53 7.06 -10.98
C THR A 60 -1.39 6.64 -10.06
N GLU A 61 -0.17 6.62 -10.60
CA GLU A 61 1.00 6.24 -9.83
C GLU A 61 1.31 7.28 -8.75
N GLU A 62 1.05 8.54 -9.07
CA GLU A 62 1.30 9.63 -8.13
C GLU A 62 0.51 9.44 -6.85
N ALA A 63 -0.80 9.25 -7.00
CA ALA A 63 -1.68 9.06 -5.85
C ALA A 63 -1.01 8.19 -4.79
N ALA A 64 -0.30 7.16 -5.24
CA ALA A 64 0.39 6.25 -4.33
C ALA A 64 1.57 6.93 -3.67
N ILE A 65 2.43 7.53 -4.47
CA ILE A 65 3.60 8.22 -3.95
C ILE A 65 3.24 9.12 -2.77
N THR A 66 2.25 9.98 -2.97
CA THR A 66 1.80 10.88 -1.91
C THR A 66 1.39 10.12 -0.67
N MET A 67 0.66 9.02 -0.86
CA MET A 67 0.20 8.20 0.25
C MET A 67 1.36 7.84 1.17
N VAL A 68 2.34 7.12 0.65
CA VAL A 68 3.51 6.72 1.42
C VAL A 68 4.09 7.91 2.18
N ASN A 69 4.56 8.90 1.45
CA ASN A 69 5.15 10.09 2.05
C ASN A 69 4.24 10.65 3.15
N TYR A 70 3.04 11.04 2.78
CA TYR A 70 2.08 11.59 3.73
C TYR A 70 2.15 10.85 5.06
N TYR A 71 2.33 9.53 4.99
CA TYR A 71 2.42 8.71 6.20
C TYR A 71 3.83 8.74 6.77
N SER A 72 4.82 8.77 5.89
CA SER A 72 6.22 8.79 6.30
C SER A 72 6.39 9.58 7.60
N ALA A 73 5.69 10.70 7.69
CA ALA A 73 5.75 11.55 8.87
C ALA A 73 4.71 11.13 9.91
N VAL A 74 3.49 10.85 9.44
CA VAL A 74 2.41 10.44 10.33
C VAL A 74 2.08 8.96 10.14
N THR A 75 2.08 8.23 11.25
CA THR A 75 1.78 6.81 11.22
C THR A 75 0.35 6.53 11.65
N PRO A 76 -0.43 5.91 10.74
CA PRO A 76 -1.83 5.58 11.00
C PRO A 76 -1.98 4.36 11.89
N HIS A 77 -3.22 4.00 12.20
CA HIS A 77 -3.50 2.84 13.05
C HIS A 77 -4.95 2.39 12.88
N LEU A 78 -5.13 1.25 12.24
CA LEU A 78 -6.47 0.70 12.02
C LEU A 78 -6.90 -0.18 13.20
N ARG A 79 -8.15 0.01 13.64
CA ARG A 79 -8.68 -0.76 14.74
C ARG A 79 -7.72 -0.75 15.93
N ASN A 80 -7.11 0.40 16.18
CA ASN A 80 -6.17 0.54 17.28
C ASN A 80 -4.99 -0.43 17.12
N GLN A 81 -4.53 -0.59 15.89
CA GLN A 81 -3.42 -1.48 15.60
C GLN A 81 -2.58 -0.95 14.45
N PRO A 82 -1.33 -0.54 14.77
CA PRO A 82 -0.40 -0.01 13.77
C PRO A 82 -0.37 -0.85 12.50
N ILE A 83 -0.26 -0.17 11.35
CA ILE A 83 -0.19 -0.86 10.07
C ILE A 83 1.14 -0.62 9.37
N TYR A 84 1.48 -1.51 8.45
CA TYR A 84 2.74 -1.40 7.71
C TYR A 84 2.48 -0.96 6.28
N ILE A 85 3.26 0.02 5.81
CA ILE A 85 3.12 0.54 4.46
C ILE A 85 4.47 0.65 3.77
N GLN A 86 4.56 0.17 2.55
CA GLN A 86 5.80 0.22 1.78
C GLN A 86 5.56 -0.09 0.32
N TYR A 87 6.49 0.32 -0.54
CA TYR A 87 6.37 0.09 -1.98
C TYR A 87 6.44 -1.40 -2.29
N SER A 88 6.06 -1.75 -3.53
CA SER A 88 6.08 -3.15 -3.96
C SER A 88 7.11 -3.35 -5.05
N ASN A 89 7.75 -4.52 -5.04
CA ASN A 89 8.76 -4.84 -6.05
C ASN A 89 8.10 -5.14 -7.40
N HIS A 90 7.18 -6.10 -7.40
CA HIS A 90 6.48 -6.48 -8.63
C HIS A 90 6.19 -5.25 -9.49
N LYS A 91 6.22 -5.43 -10.80
CA LYS A 91 5.96 -4.34 -11.73
C LYS A 91 4.52 -3.84 -11.59
N GLU A 92 3.57 -4.77 -11.58
CA GLU A 92 2.17 -4.42 -11.46
C GLU A 92 1.36 -5.60 -10.90
N LEU A 93 0.09 -5.35 -10.61
CA LEU A 93 -0.79 -6.39 -10.07
C LEU A 93 -1.38 -7.23 -11.20
N LYS A 94 -1.01 -8.51 -11.23
CA LYS A 94 -1.51 -9.42 -12.25
C LYS A 94 -1.71 -8.70 -13.59
N THR A 95 -0.75 -7.84 -13.94
CA THR A 95 -0.82 -7.09 -15.18
C THR A 95 -0.89 -8.03 -16.38
N SER A 96 -1.61 -7.60 -17.42
CA SER A 96 -1.75 -8.39 -18.63
C SER A 96 -1.78 -7.50 -19.86
N GLY A 97 -0.96 -7.86 -20.86
CA GLY A 97 -0.91 -7.07 -22.09
C GLY A 97 0.04 -7.66 -23.11
N PRO A 98 1.24 -7.05 -23.23
CA PRO A 98 2.26 -7.51 -24.17
C PRO A 98 3.01 -8.74 -23.67
N SER A 99 2.27 -9.67 -23.07
CA SER A 99 2.87 -10.89 -22.54
C SER A 99 3.67 -11.61 -23.61
N SER A 100 4.61 -12.44 -23.18
CA SER A 100 5.46 -13.19 -24.10
C SER A 100 4.69 -14.35 -24.73
N GLY A 101 3.94 -15.07 -23.89
CA GLY A 101 3.17 -16.20 -24.39
C GLY A 101 3.99 -17.47 -24.49
N GLY A 1 15.27 -5.13 13.33
CA GLY A 1 15.99 -3.88 13.37
C GLY A 1 16.04 -3.19 12.02
N SER A 2 17.24 -3.08 11.46
CA SER A 2 17.42 -2.44 10.17
C SER A 2 16.34 -2.88 9.18
N SER A 3 15.66 -1.91 8.58
CA SER A 3 14.60 -2.19 7.63
C SER A 3 15.10 -2.07 6.19
N GLY A 4 16.32 -2.55 5.97
CA GLY A 4 16.92 -2.48 4.64
C GLY A 4 17.50 -1.12 4.32
N SER A 5 16.63 -0.10 4.27
CA SER A 5 17.07 1.25 3.98
C SER A 5 16.97 2.14 5.21
N SER A 6 18.12 2.59 5.70
CA SER A 6 18.17 3.44 6.88
C SER A 6 18.99 4.71 6.61
N GLY A 7 18.88 5.67 7.51
CA GLY A 7 19.62 6.91 7.35
C GLY A 7 18.86 7.95 6.55
N ASP A 8 18.62 7.65 5.28
CA ASP A 8 17.89 8.56 4.40
C ASP A 8 17.15 7.79 3.31
N LYS A 9 16.27 8.48 2.59
CA LYS A 9 15.49 7.87 1.52
C LYS A 9 15.91 8.42 0.16
N MET A 10 15.74 7.62 -0.88
CA MET A 10 16.08 8.03 -2.23
C MET A 10 15.07 7.50 -3.24
N ASP A 11 14.82 8.28 -4.29
CA ASP A 11 13.87 7.89 -5.33
C ASP A 11 14.37 6.66 -6.09
N GLY A 12 13.56 6.16 -7.00
CA GLY A 12 13.94 5.00 -7.78
C GLY A 12 12.90 4.65 -8.84
N ALA A 13 12.20 3.53 -8.64
CA ALA A 13 11.18 3.09 -9.58
C ALA A 13 9.80 3.07 -8.93
N PRO A 14 9.22 4.26 -8.73
CA PRO A 14 7.90 4.41 -8.12
C PRO A 14 6.88 3.44 -8.70
N SER A 15 6.25 2.66 -7.81
CA SER A 15 5.25 1.69 -8.23
C SER A 15 3.85 2.13 -7.83
N ARG A 16 2.90 1.98 -8.75
CA ARG A 16 1.52 2.37 -8.49
C ARG A 16 0.91 1.51 -7.39
N VAL A 17 1.40 0.28 -7.26
CA VAL A 17 0.91 -0.64 -6.25
C VAL A 17 1.72 -0.53 -4.96
N LEU A 18 1.04 -0.50 -3.82
CA LEU A 18 1.70 -0.39 -2.53
C LEU A 18 1.51 -1.67 -1.72
N HIS A 19 2.59 -2.11 -1.07
CA HIS A 19 2.54 -3.32 -0.25
C HIS A 19 2.15 -3.00 1.18
N ILE A 20 1.06 -3.61 1.64
CA ILE A 20 0.58 -3.39 3.00
C ILE A 20 0.61 -4.69 3.81
N ARG A 21 1.18 -4.61 5.01
CA ARG A 21 1.28 -5.76 5.89
C ARG A 21 0.81 -5.42 7.30
N LYS A 22 0.75 -6.44 8.15
CA LYS A 22 0.32 -6.24 9.54
C LYS A 22 -1.06 -5.59 9.59
N LEU A 23 -2.03 -6.21 8.92
CA LEU A 23 -3.39 -5.70 8.89
C LEU A 23 -4.23 -6.32 10.00
N PRO A 24 -5.24 -5.59 10.47
CA PRO A 24 -6.13 -6.05 11.53
C PRO A 24 -6.96 -7.26 11.11
N GLY A 25 -7.18 -8.19 12.03
CA GLY A 25 -7.96 -9.38 11.74
C GLY A 25 -9.42 -9.07 11.54
N GLU A 26 -10.09 -9.85 10.70
CA GLU A 26 -11.51 -9.67 10.43
C GLU A 26 -11.77 -8.27 9.85
N VAL A 27 -10.76 -7.71 9.20
CA VAL A 27 -10.88 -6.39 8.59
C VAL A 27 -11.35 -6.49 7.15
N THR A 28 -12.23 -5.57 6.76
CA THR A 28 -12.76 -5.55 5.40
C THR A 28 -12.00 -4.56 4.53
N GLU A 29 -11.97 -4.82 3.23
CA GLU A 29 -11.28 -3.96 2.29
C GLU A 29 -11.72 -2.50 2.46
N THR A 30 -13.01 -2.31 2.73
CA THR A 30 -13.55 -0.97 2.91
C THR A 30 -12.60 -0.09 3.72
N GLU A 31 -12.02 -0.66 4.77
CA GLU A 31 -11.08 0.08 5.61
C GLU A 31 -9.89 0.58 4.78
N VAL A 32 -9.23 -0.33 4.09
CA VAL A 32 -8.08 0.02 3.27
C VAL A 32 -8.48 0.96 2.14
N ILE A 33 -9.67 0.77 1.61
CA ILE A 33 -10.18 1.61 0.53
C ILE A 33 -10.39 3.05 1.00
N ALA A 34 -11.14 3.20 2.08
CA ALA A 34 -11.42 4.52 2.63
C ALA A 34 -10.12 5.25 2.97
N LEU A 35 -9.03 4.51 3.08
CA LEU A 35 -7.73 5.09 3.40
C LEU A 35 -6.97 5.44 2.13
N GLY A 36 -7.28 4.75 1.03
CA GLY A 36 -6.62 5.02 -0.23
C GLY A 36 -7.41 5.96 -1.11
N LEU A 37 -8.66 6.23 -0.73
CA LEU A 37 -9.52 7.11 -1.50
C LEU A 37 -9.11 8.57 -1.31
N PRO A 38 -8.79 8.94 -0.06
CA PRO A 38 -8.38 10.31 0.28
C PRO A 38 -7.31 10.84 -0.68
N PHE A 39 -6.49 9.94 -1.20
CA PHE A 39 -5.43 10.33 -2.12
C PHE A 39 -5.90 10.23 -3.57
N GLY A 40 -6.54 9.12 -3.90
CA GLY A 40 -7.04 8.92 -5.26
C GLY A 40 -8.20 7.96 -5.32
N LYS A 41 -8.10 6.96 -6.18
CA LYS A 41 -9.16 5.96 -6.33
C LYS A 41 -8.57 4.55 -6.34
N VAL A 42 -9.29 3.62 -5.73
CA VAL A 42 -8.84 2.23 -5.68
C VAL A 42 -9.49 1.40 -6.78
N THR A 43 -8.78 1.24 -7.90
CA THR A 43 -9.29 0.47 -9.02
C THR A 43 -8.92 -1.00 -8.89
N ASN A 44 -7.71 -1.26 -8.43
CA ASN A 44 -7.23 -2.63 -8.26
C ASN A 44 -6.68 -2.84 -6.85
N ILE A 45 -7.16 -3.88 -6.18
CA ILE A 45 -6.71 -4.20 -4.83
C ILE A 45 -6.63 -5.70 -4.62
N LEU A 46 -5.74 -6.12 -3.72
CA LEU A 46 -5.58 -7.55 -3.42
C LEU A 46 -5.36 -7.76 -1.93
N MET A 47 -6.12 -8.69 -1.35
CA MET A 47 -6.01 -8.99 0.07
C MET A 47 -5.88 -10.49 0.30
N LEU A 48 -4.84 -10.90 1.00
CA LEU A 48 -4.60 -12.31 1.29
C LEU A 48 -5.25 -12.71 2.61
N LYS A 49 -6.16 -13.67 2.55
CA LYS A 49 -6.86 -14.14 3.73
C LYS A 49 -5.87 -14.67 4.77
N GLY A 50 -5.10 -15.69 4.38
CA GLY A 50 -4.11 -16.26 5.29
C GLY A 50 -3.21 -15.21 5.90
N LYS A 51 -2.22 -14.77 5.13
CA LYS A 51 -1.28 -13.76 5.59
C LYS A 51 -1.97 -12.42 5.79
N ASN A 52 -1.38 -11.56 6.61
CA ASN A 52 -1.94 -10.23 6.87
C ASN A 52 -1.35 -9.19 5.92
N GLN A 53 -1.27 -9.55 4.64
CA GLN A 53 -0.73 -8.64 3.64
C GLN A 53 -1.79 -8.30 2.59
N ALA A 54 -1.60 -7.18 1.91
CA ALA A 54 -2.53 -6.73 0.88
C ALA A 54 -1.90 -5.69 -0.03
N PHE A 55 -2.21 -5.78 -1.32
CA PHE A 55 -1.66 -4.84 -2.30
C PHE A 55 -2.75 -3.92 -2.84
N LEU A 56 -2.52 -2.62 -2.71
CA LEU A 56 -3.48 -1.63 -3.18
C LEU A 56 -2.92 -0.85 -4.37
N GLU A 57 -3.78 -0.59 -5.36
CA GLU A 57 -3.37 0.16 -6.54
C GLU A 57 -4.28 1.36 -6.78
N LEU A 58 -3.71 2.45 -7.26
CA LEU A 58 -4.47 3.66 -7.54
C LEU A 58 -4.47 3.98 -9.04
N ALA A 59 -5.59 4.47 -9.54
CA ALA A 59 -5.72 4.82 -10.95
C ALA A 59 -4.46 5.51 -11.45
N THR A 60 -3.97 6.48 -10.69
CA THR A 60 -2.76 7.21 -11.06
C THR A 60 -1.57 6.78 -10.22
N GLU A 61 -0.37 7.13 -10.68
CA GLU A 61 0.85 6.77 -9.97
C GLU A 61 1.23 7.86 -8.96
N GLU A 62 1.20 9.10 -9.41
CA GLU A 62 1.54 10.24 -8.55
C GLU A 62 0.85 10.12 -7.20
N ALA A 63 -0.31 9.46 -7.18
CA ALA A 63 -1.07 9.28 -5.95
C ALA A 63 -0.39 8.26 -5.04
N ALA A 64 0.07 7.17 -5.62
CA ALA A 64 0.73 6.12 -4.85
C ALA A 64 1.94 6.67 -4.11
N ILE A 65 2.70 7.53 -4.77
CA ILE A 65 3.89 8.13 -4.17
C ILE A 65 3.52 8.99 -2.97
N THR A 66 2.53 9.87 -3.16
CA THR A 66 2.08 10.75 -2.09
C THR A 66 1.53 9.95 -0.91
N MET A 67 0.60 9.04 -1.19
CA MET A 67 0.00 8.21 -0.16
C MET A 67 1.02 7.87 0.92
N VAL A 68 2.15 7.30 0.52
CA VAL A 68 3.20 6.94 1.46
C VAL A 68 3.80 8.17 2.13
N ASN A 69 4.25 9.12 1.31
CA ASN A 69 4.85 10.35 1.83
C ASN A 69 4.01 10.91 2.97
N TYR A 70 2.70 11.05 2.75
CA TYR A 70 1.81 11.57 3.76
C TYR A 70 2.02 10.89 5.10
N TYR A 71 2.03 9.56 5.08
CA TYR A 71 2.23 8.78 6.29
C TYR A 71 3.66 8.92 6.81
N SER A 72 4.58 9.17 5.90
CA SER A 72 5.99 9.33 6.25
C SER A 72 6.12 10.06 7.59
N ALA A 73 5.19 10.96 7.87
CA ALA A 73 5.21 11.73 9.10
C ALA A 73 4.10 11.27 10.05
N VAL A 74 2.96 10.89 9.47
CA VAL A 74 1.83 10.43 10.25
C VAL A 74 1.80 8.91 10.37
N THR A 75 1.54 8.41 11.57
CA THR A 75 1.50 6.98 11.81
C THR A 75 0.05 6.50 11.98
N PRO A 76 -0.45 5.78 10.97
CA PRO A 76 -1.82 5.25 10.98
C PRO A 76 -1.96 4.03 11.90
N HIS A 77 -3.15 3.85 12.44
CA HIS A 77 -3.42 2.73 13.34
C HIS A 77 -4.87 2.25 13.19
N LEU A 78 -5.02 0.98 12.84
CA LEU A 78 -6.34 0.39 12.66
C LEU A 78 -6.71 -0.50 13.84
N ARG A 79 -7.95 -0.41 14.30
CA ARG A 79 -8.42 -1.21 15.42
C ARG A 79 -7.40 -1.20 16.55
N ASN A 80 -6.74 -0.08 16.74
CA ASN A 80 -5.73 0.06 17.79
C ASN A 80 -4.55 -0.88 17.54
N GLN A 81 -4.06 -0.88 16.31
CA GLN A 81 -2.94 -1.74 15.95
C GLN A 81 -2.24 -1.21 14.69
N PRO A 82 -1.06 -0.60 14.88
CA PRO A 82 -0.28 -0.05 13.77
C PRO A 82 -0.22 -0.99 12.58
N ILE A 83 -0.12 -0.41 11.37
CA ILE A 83 -0.05 -1.19 10.15
C ILE A 83 1.27 -0.96 9.42
N TYR A 84 1.58 -1.84 8.48
CA TYR A 84 2.81 -1.73 7.71
C TYR A 84 2.52 -1.28 6.28
N ILE A 85 3.24 -0.25 5.84
CA ILE A 85 3.07 0.28 4.50
C ILE A 85 4.41 0.48 3.81
N GLN A 86 4.62 -0.25 2.72
CA GLN A 86 5.87 -0.14 1.97
C GLN A 86 5.62 -0.35 0.47
N TYR A 87 6.42 0.32 -0.35
CA TYR A 87 6.29 0.22 -1.80
C TYR A 87 6.35 -1.24 -2.24
N SER A 88 5.61 -1.55 -3.32
CA SER A 88 5.58 -2.91 -3.84
C SER A 88 6.55 -3.08 -5.00
N ASN A 89 7.47 -4.03 -4.86
CA ASN A 89 8.47 -4.29 -5.90
C ASN A 89 7.79 -4.69 -7.21
N HIS A 90 6.70 -5.44 -7.10
CA HIS A 90 5.96 -5.88 -8.28
C HIS A 90 5.41 -4.70 -9.06
N LYS A 91 5.31 -4.85 -10.38
CA LYS A 91 4.79 -3.80 -11.24
C LYS A 91 3.27 -3.88 -11.36
N GLU A 92 2.79 -5.07 -11.73
CA GLU A 92 1.35 -5.28 -11.87
C GLU A 92 0.77 -5.96 -10.64
N LEU A 93 -0.47 -5.59 -10.31
CA LEU A 93 -1.14 -6.18 -9.14
C LEU A 93 -1.51 -7.64 -9.40
N LYS A 94 -2.21 -7.87 -10.50
CA LYS A 94 -2.61 -9.23 -10.86
C LYS A 94 -1.43 -10.18 -10.87
N THR A 95 -1.63 -11.39 -10.34
CA THR A 95 -0.57 -12.38 -10.29
C THR A 95 -0.56 -13.23 -11.55
N SER A 96 0.53 -13.13 -12.32
CA SER A 96 0.66 -13.89 -13.56
C SER A 96 0.20 -15.33 -13.36
N GLY A 97 -0.29 -15.94 -14.43
CA GLY A 97 -0.75 -17.32 -14.36
C GLY A 97 -0.75 -18.00 -15.72
N PRO A 98 -1.13 -19.29 -15.73
CA PRO A 98 -1.18 -20.08 -16.96
C PRO A 98 -2.40 -19.77 -17.81
N SER A 99 -2.29 -19.98 -19.11
CA SER A 99 -3.39 -19.73 -20.03
C SER A 99 -3.73 -20.97 -20.84
N SER A 100 -5.02 -21.25 -20.98
CA SER A 100 -5.48 -22.42 -21.73
C SER A 100 -6.83 -22.15 -22.37
N GLY A 101 -6.90 -22.32 -23.69
CA GLY A 101 -8.14 -22.10 -24.41
C GLY A 101 -8.89 -23.40 -24.69
N GLY A 1 6.67 19.83 24.93
CA GLY A 1 7.58 19.33 23.93
C GLY A 1 6.99 19.36 22.53
N SER A 2 7.73 19.95 21.60
CA SER A 2 7.27 20.06 20.21
C SER A 2 8.46 20.20 19.26
N SER A 3 8.61 19.23 18.37
CA SER A 3 9.71 19.24 17.41
C SER A 3 9.34 18.46 16.16
N GLY A 4 10.18 18.55 15.14
CA GLY A 4 9.93 17.85 13.89
C GLY A 4 11.02 18.07 12.86
N SER A 5 10.80 19.02 11.96
CA SER A 5 11.77 19.32 10.91
C SER A 5 12.43 18.04 10.40
N SER A 6 11.62 17.00 10.21
CA SER A 6 12.13 15.72 9.73
C SER A 6 11.36 15.26 8.50
N GLY A 7 12.01 15.35 7.34
CA GLY A 7 11.38 14.94 6.10
C GLY A 7 12.15 15.41 4.87
N ASP A 8 12.91 14.49 4.28
CA ASP A 8 13.70 14.81 3.09
C ASP A 8 13.00 14.31 1.83
N LYS A 9 13.60 14.59 0.67
CA LYS A 9 13.05 14.18 -0.60
C LYS A 9 13.96 13.18 -1.30
N MET A 10 13.45 11.97 -1.53
CA MET A 10 14.23 10.94 -2.20
C MET A 10 13.31 9.87 -2.78
N ASP A 11 13.54 9.54 -4.05
CA ASP A 11 12.73 8.53 -4.74
C ASP A 11 13.52 7.87 -5.86
N GLY A 12 13.35 6.56 -6.01
CA GLY A 12 14.05 5.83 -7.05
C GLY A 12 13.13 5.39 -8.17
N ALA A 13 12.53 4.21 -8.01
CA ALA A 13 11.63 3.66 -9.02
C ALA A 13 10.25 3.41 -8.42
N PRO A 14 9.48 4.49 -8.22
CA PRO A 14 8.13 4.40 -7.66
C PRO A 14 7.30 3.28 -8.29
N SER A 15 6.25 2.88 -7.61
CA SER A 15 5.37 1.81 -8.12
C SER A 15 3.91 2.16 -7.88
N ARG A 16 3.09 1.97 -8.92
CA ARG A 16 1.67 2.26 -8.83
C ARG A 16 1.02 1.48 -7.69
N VAL A 17 1.46 0.24 -7.50
CA VAL A 17 0.93 -0.61 -6.44
C VAL A 17 1.67 -0.40 -5.14
N LEU A 18 0.95 -0.51 -4.03
CA LEU A 18 1.56 -0.32 -2.70
C LEU A 18 1.48 -1.62 -1.90
N HIS A 19 2.59 -1.97 -1.26
CA HIS A 19 2.65 -3.18 -0.44
C HIS A 19 2.19 -2.89 0.99
N ILE A 20 1.33 -3.75 1.51
CA ILE A 20 0.81 -3.60 2.86
C ILE A 20 0.81 -4.92 3.61
N ARG A 21 1.11 -4.87 4.90
CA ARG A 21 1.14 -6.07 5.74
C ARG A 21 0.76 -5.75 7.18
N LYS A 22 0.81 -6.76 8.03
CA LYS A 22 0.49 -6.58 9.44
C LYS A 22 -0.83 -5.83 9.61
N LEU A 23 -1.83 -6.21 8.82
CA LEU A 23 -3.14 -5.58 8.88
C LEU A 23 -4.00 -6.19 9.98
N PRO A 24 -4.95 -5.40 10.51
CA PRO A 24 -5.86 -5.85 11.57
C PRO A 24 -6.45 -7.23 11.28
N GLY A 25 -6.55 -8.05 12.31
CA GLY A 25 -7.10 -9.39 12.14
C GLY A 25 -8.46 -9.38 11.47
N GLU A 26 -8.60 -10.17 10.41
CA GLU A 26 -9.85 -10.25 9.68
C GLU A 26 -10.37 -8.85 9.35
N VAL A 27 -9.52 -8.04 8.73
CA VAL A 27 -9.89 -6.68 8.36
C VAL A 27 -10.67 -6.66 7.05
N THR A 28 -11.54 -5.67 6.90
CA THR A 28 -12.35 -5.53 5.69
C THR A 28 -11.73 -4.54 4.72
N GLU A 29 -11.63 -4.94 3.45
CA GLU A 29 -11.06 -4.08 2.42
C GLU A 29 -11.60 -2.66 2.53
N THR A 30 -12.92 -2.54 2.67
CA THR A 30 -13.56 -1.24 2.79
C THR A 30 -12.70 -0.26 3.57
N GLU A 31 -12.06 -0.75 4.63
CA GLU A 31 -11.20 0.09 5.45
C GLU A 31 -10.04 0.63 4.64
N VAL A 32 -9.17 -0.25 4.18
CA VAL A 32 -8.02 0.15 3.38
C VAL A 32 -8.43 1.05 2.22
N ILE A 33 -9.54 0.69 1.58
CA ILE A 33 -10.04 1.46 0.44
C ILE A 33 -10.38 2.88 0.86
N ALA A 34 -11.21 3.01 1.89
CA ALA A 34 -11.61 4.32 2.38
C ALA A 34 -10.40 5.16 2.78
N LEU A 35 -9.28 4.49 3.03
CA LEU A 35 -8.05 5.16 3.40
C LEU A 35 -7.23 5.54 2.17
N GLY A 36 -7.54 4.91 1.05
CA GLY A 36 -6.82 5.19 -0.18
C GLY A 36 -7.58 6.13 -1.09
N LEU A 37 -8.81 6.46 -0.70
CA LEU A 37 -9.65 7.37 -1.49
C LEU A 37 -9.24 8.82 -1.27
N PRO A 38 -8.95 9.17 -0.01
CA PRO A 38 -8.55 10.53 0.36
C PRO A 38 -7.45 11.07 -0.55
N PHE A 39 -6.62 10.17 -1.08
CA PHE A 39 -5.54 10.56 -1.96
C PHE A 39 -5.99 10.56 -3.43
N GLY A 40 -6.70 9.51 -3.82
CA GLY A 40 -7.18 9.40 -5.18
C GLY A 40 -8.33 8.42 -5.32
N LYS A 41 -8.00 7.17 -5.64
CA LYS A 41 -9.02 6.13 -5.80
C LYS A 41 -8.37 4.75 -5.84
N VAL A 42 -9.15 3.74 -5.48
CA VAL A 42 -8.66 2.36 -5.47
C VAL A 42 -9.24 1.57 -6.64
N THR A 43 -8.45 1.45 -7.71
CA THR A 43 -8.88 0.73 -8.89
C THR A 43 -8.70 -0.78 -8.71
N ASN A 44 -7.57 -1.17 -8.14
CA ASN A 44 -7.27 -2.58 -7.91
C ASN A 44 -6.87 -2.81 -6.45
N ILE A 45 -7.37 -3.90 -5.88
CA ILE A 45 -7.06 -4.24 -4.49
C ILE A 45 -6.92 -5.75 -4.32
N LEU A 46 -5.92 -6.16 -3.55
CA LEU A 46 -5.67 -7.58 -3.30
C LEU A 46 -5.48 -7.84 -1.81
N MET A 47 -6.47 -8.47 -1.19
CA MET A 47 -6.40 -8.79 0.24
C MET A 47 -6.27 -10.30 0.45
N LEU A 48 -5.20 -10.70 1.12
CA LEU A 48 -4.96 -12.11 1.40
C LEU A 48 -5.52 -12.51 2.76
N LYS A 49 -6.09 -13.71 2.83
CA LYS A 49 -6.66 -14.20 4.08
C LYS A 49 -5.64 -15.02 4.86
N GLY A 50 -4.93 -15.90 4.16
CA GLY A 50 -3.93 -16.73 4.80
C GLY A 50 -2.97 -15.92 5.66
N LYS A 51 -2.34 -14.92 5.06
CA LYS A 51 -1.39 -14.07 5.77
C LYS A 51 -1.92 -12.64 5.88
N ASN A 52 -1.27 -11.84 6.71
CA ASN A 52 -1.67 -10.45 6.90
C ASN A 52 -0.99 -9.55 5.88
N GLN A 53 -1.34 -9.73 4.61
CA GLN A 53 -0.76 -8.93 3.54
C GLN A 53 -1.83 -8.49 2.54
N ALA A 54 -1.59 -7.37 1.87
CA ALA A 54 -2.53 -6.85 0.90
C ALA A 54 -1.87 -5.82 -0.01
N PHE A 55 -2.31 -5.78 -1.27
CA PHE A 55 -1.75 -4.84 -2.24
C PHE A 55 -2.84 -3.92 -2.78
N LEU A 56 -2.55 -2.63 -2.81
CA LEU A 56 -3.50 -1.64 -3.31
C LEU A 56 -2.90 -0.84 -4.47
N GLU A 57 -3.70 -0.64 -5.51
CA GLU A 57 -3.25 0.11 -6.68
C GLU A 57 -4.13 1.32 -6.92
N LEU A 58 -3.56 2.51 -6.77
CA LEU A 58 -4.29 3.75 -6.98
C LEU A 58 -4.39 4.09 -8.46
N ALA A 59 -5.39 4.90 -8.81
CA ALA A 59 -5.59 5.30 -10.20
C ALA A 59 -4.26 5.46 -10.93
N THR A 60 -3.36 6.26 -10.35
CA THR A 60 -2.05 6.49 -10.94
C THR A 60 -0.95 6.43 -9.89
N GLU A 61 0.30 6.45 -10.34
CA GLU A 61 1.44 6.41 -9.43
C GLU A 61 1.49 7.65 -8.55
N GLU A 62 1.39 8.82 -9.18
CA GLU A 62 1.42 10.08 -8.43
C GLU A 62 0.71 9.94 -7.10
N ALA A 63 -0.48 9.37 -7.12
CA ALA A 63 -1.27 9.18 -5.90
C ALA A 63 -0.57 8.21 -4.96
N ALA A 64 -0.05 7.11 -5.50
CA ALA A 64 0.64 6.12 -4.69
C ALA A 64 1.83 6.73 -3.96
N ILE A 65 2.65 7.46 -4.69
CA ILE A 65 3.83 8.10 -4.12
C ILE A 65 3.45 8.97 -2.92
N THR A 66 2.63 9.98 -3.18
CA THR A 66 2.18 10.89 -2.12
C THR A 66 1.56 10.12 -0.96
N MET A 67 0.75 9.12 -1.29
CA MET A 67 0.09 8.31 -0.28
C MET A 67 1.09 7.83 0.78
N VAL A 68 2.19 7.26 0.32
CA VAL A 68 3.23 6.77 1.22
C VAL A 68 3.91 7.91 1.95
N ASN A 69 4.15 9.00 1.24
CA ASN A 69 4.80 10.18 1.81
C ASN A 69 4.05 10.67 3.04
N TYR A 70 2.74 10.85 2.89
CA TYR A 70 1.91 11.32 3.99
C TYR A 70 2.07 10.43 5.22
N TYR A 71 2.18 9.13 4.98
CA TYR A 71 2.34 8.17 6.07
C TYR A 71 3.76 8.20 6.62
N SER A 72 4.73 8.41 5.75
CA SER A 72 6.13 8.46 6.15
C SER A 72 6.28 9.19 7.48
N ALA A 73 5.56 10.30 7.62
CA ALA A 73 5.61 11.09 8.85
C ALA A 73 4.44 10.76 9.77
N VAL A 74 3.26 10.61 9.18
CA VAL A 74 2.06 10.29 9.95
C VAL A 74 1.90 8.78 10.11
N THR A 75 1.75 8.34 11.35
CA THR A 75 1.57 6.92 11.64
C THR A 75 0.11 6.57 11.87
N PRO A 76 -0.49 5.90 10.89
CA PRO A 76 -1.91 5.48 10.95
C PRO A 76 -2.11 4.27 11.85
N HIS A 77 -3.34 4.10 12.33
CA HIS A 77 -3.67 2.96 13.19
C HIS A 77 -5.14 2.59 13.05
N LEU A 78 -5.38 1.34 12.63
CA LEU A 78 -6.74 0.85 12.46
C LEU A 78 -7.18 0.01 13.65
N ARG A 79 -8.43 0.20 14.08
CA ARG A 79 -8.97 -0.55 15.21
C ARG A 79 -7.96 -0.60 16.35
N ASN A 80 -7.38 0.54 16.66
CA ASN A 80 -6.39 0.63 17.74
C ASN A 80 -5.21 -0.28 17.46
N GLN A 81 -4.72 -0.25 16.23
CA GLN A 81 -3.57 -1.08 15.84
C GLN A 81 -2.84 -0.46 14.66
N PRO A 82 -1.50 -0.51 14.70
CA PRO A 82 -0.65 0.04 13.64
C PRO A 82 -0.63 -0.84 12.40
N ILE A 83 -0.58 -0.21 11.24
CA ILE A 83 -0.57 -0.95 9.97
C ILE A 83 0.77 -0.76 9.25
N TYR A 84 1.12 -1.73 8.42
CA TYR A 84 2.37 -1.67 7.67
C TYR A 84 2.11 -1.38 6.19
N ILE A 85 2.50 -0.20 5.75
CA ILE A 85 2.31 0.20 4.35
C ILE A 85 3.62 0.64 3.72
N GLN A 86 3.78 0.38 2.43
CA GLN A 86 4.98 0.75 1.71
C GLN A 86 4.81 0.54 0.21
N TYR A 87 5.87 0.81 -0.54
CA TYR A 87 5.84 0.63 -1.99
C TYR A 87 5.79 -0.84 -2.37
N SER A 88 5.13 -1.14 -3.49
CA SER A 88 5.01 -2.52 -3.95
C SER A 88 6.07 -2.83 -5.01
N ASN A 89 6.86 -3.87 -4.77
CA ASN A 89 7.91 -4.27 -5.70
C ASN A 89 7.33 -4.53 -7.08
N HIS A 90 6.28 -5.35 -7.14
CA HIS A 90 5.64 -5.67 -8.41
C HIS A 90 5.01 -4.43 -9.04
N LYS A 91 5.01 -4.38 -10.37
CA LYS A 91 4.44 -3.27 -11.10
C LYS A 91 2.96 -3.49 -11.39
N GLU A 92 2.64 -4.67 -11.91
CA GLU A 92 1.27 -5.02 -12.24
C GLU A 92 0.66 -5.94 -11.18
N LEU A 93 -0.66 -6.07 -11.19
CA LEU A 93 -1.36 -6.92 -10.24
C LEU A 93 -1.90 -8.17 -10.91
N LYS A 94 -1.00 -8.95 -11.50
CA LYS A 94 -1.40 -10.18 -12.18
C LYS A 94 -2.59 -9.94 -13.11
N THR A 95 -2.52 -8.85 -13.86
CA THR A 95 -3.58 -8.50 -14.80
C THR A 95 -3.01 -7.84 -16.05
N SER A 96 -3.51 -8.27 -17.21
CA SER A 96 -3.05 -7.73 -18.48
C SER A 96 -3.57 -6.31 -18.69
N GLY A 97 -4.90 -6.18 -18.71
CA GLY A 97 -5.51 -4.87 -18.90
C GLY A 97 -6.35 -4.79 -20.16
N PRO A 98 -5.74 -4.30 -21.25
CA PRO A 98 -6.42 -4.18 -22.55
C PRO A 98 -6.53 -5.50 -23.28
N SER A 99 -7.64 -5.70 -23.98
CA SER A 99 -7.87 -6.93 -24.73
C SER A 99 -7.19 -6.88 -26.09
N SER A 100 -6.67 -8.01 -26.54
CA SER A 100 -6.00 -8.09 -27.83
C SER A 100 -6.79 -8.94 -28.82
N GLY A 101 -7.26 -10.09 -28.35
CA GLY A 101 -8.04 -10.98 -29.20
C GLY A 101 -7.53 -12.41 -29.17
#